data_2KEP
#
_entry.id   2KEP
#
_entity_poly.entity_id   1
_entity_poly.type   'polypeptide(L)'
_entity_poly.pdbx_seq_one_letter_code
;MSRPDQAKVTVAKGDIKAIAAALDMYKLDNFAYPSTQQGLEALVKKPTGNPQPKNWNKDGYLKKLPVDPWGNPYQYLAPG
TKGPFDLYSLGADGKEGGSDNDADIGNWDN
;
_entity_poly.pdbx_strand_id   A
#
# COMPACT_ATOMS: atom_id res chain seq x y z
N MET A 1 8.15 9.77 -15.87
CA MET A 1 7.39 11.01 -16.00
C MET A 1 8.22 12.15 -15.42
N SER A 2 8.89 12.89 -16.25
CA SER A 2 9.73 13.94 -15.78
C SER A 2 9.13 15.32 -16.05
N ARG A 3 8.23 15.72 -15.17
CA ARG A 3 7.58 17.03 -15.17
C ARG A 3 7.17 17.29 -13.74
N PRO A 4 6.93 18.57 -13.34
CA PRO A 4 6.43 18.90 -11.99
C PRO A 4 5.17 18.09 -11.64
N ASP A 5 5.10 17.61 -10.41
CA ASP A 5 4.01 16.75 -9.89
C ASP A 5 4.04 15.34 -10.41
N GLN A 6 4.43 15.17 -11.66
CA GLN A 6 4.59 13.83 -12.22
C GLN A 6 5.85 13.24 -11.64
N ALA A 7 6.76 14.12 -11.26
CA ALA A 7 7.99 13.74 -10.60
C ALA A 7 7.68 13.20 -9.21
N LYS A 8 6.49 13.50 -8.71
CA LYS A 8 6.07 12.97 -7.43
C LYS A 8 5.45 11.58 -7.68
N VAL A 9 4.95 11.38 -8.91
CA VAL A 9 4.30 10.14 -9.30
C VAL A 9 5.34 9.06 -9.49
N THR A 10 6.41 9.43 -10.17
CA THR A 10 7.48 8.51 -10.52
C THR A 10 8.22 7.99 -9.25
N VAL A 11 8.18 8.77 -8.16
CA VAL A 11 8.77 8.35 -6.90
C VAL A 11 7.87 7.29 -6.28
N ALA A 12 6.59 7.61 -6.22
CA ALA A 12 5.62 6.75 -5.60
C ALA A 12 5.49 5.44 -6.34
N LYS A 13 5.81 5.40 -7.63
CA LYS A 13 5.71 4.17 -8.39
C LYS A 13 6.72 3.12 -7.88
N GLY A 14 7.79 3.62 -7.30
CA GLY A 14 8.78 2.75 -6.75
C GLY A 14 8.43 2.40 -5.35
N ASP A 15 7.70 3.30 -4.71
CA ASP A 15 7.32 3.10 -3.34
C ASP A 15 6.16 2.14 -3.23
N ILE A 16 5.24 2.21 -4.17
CA ILE A 16 4.10 1.31 -4.19
C ILE A 16 4.55 -0.12 -4.47
N LYS A 17 5.54 -0.29 -5.36
CA LYS A 17 6.06 -1.58 -5.65
C LYS A 17 6.84 -2.12 -4.44
N ALA A 18 7.35 -1.21 -3.65
CA ALA A 18 8.02 -1.54 -2.40
C ALA A 18 7.01 -2.11 -1.40
N ILE A 19 5.85 -1.45 -1.29
CA ILE A 19 4.79 -1.87 -0.37
C ILE A 19 4.25 -3.23 -0.79
N ALA A 20 4.08 -3.41 -2.09
CA ALA A 20 3.58 -4.68 -2.64
C ALA A 20 4.51 -5.85 -2.26
N ALA A 21 5.78 -5.54 -2.08
CA ALA A 21 6.76 -6.54 -1.74
C ALA A 21 6.74 -6.82 -0.25
N ALA A 22 6.38 -5.81 0.51
CA ALA A 22 6.29 -5.94 1.95
C ALA A 22 4.97 -6.55 2.35
N LEU A 23 3.94 -6.36 1.54
CA LEU A 23 2.65 -6.99 1.77
C LEU A 23 2.82 -8.50 1.56
N ASP A 24 3.76 -8.87 0.70
CA ASP A 24 4.15 -10.27 0.49
C ASP A 24 4.94 -10.77 1.73
N MET A 25 5.50 -9.84 2.45
CA MET A 25 6.25 -10.15 3.66
C MET A 25 5.29 -10.28 4.85
N TYR A 26 4.16 -9.57 4.81
CA TYR A 26 3.09 -9.78 5.79
C TYR A 26 2.46 -11.12 5.49
N LYS A 27 2.36 -11.43 4.20
CA LYS A 27 1.91 -12.70 3.71
C LYS A 27 2.74 -13.81 4.36
N LEU A 28 4.00 -13.53 4.56
CA LEU A 28 4.88 -14.46 5.25
C LEU A 28 4.63 -14.42 6.78
N ASP A 29 4.35 -13.24 7.34
CA ASP A 29 4.19 -13.07 8.81
C ASP A 29 2.90 -13.69 9.33
N ASN A 30 1.93 -13.84 8.47
CA ASN A 30 0.65 -14.41 8.90
C ASN A 30 0.28 -15.50 7.99
N PHE A 31 1.29 -16.01 7.28
CA PHE A 31 1.17 -17.13 6.31
C PHE A 31 -0.07 -17.03 5.40
N ALA A 32 -0.45 -15.81 5.09
CA ALA A 32 -1.66 -15.53 4.39
C ALA A 32 -1.76 -14.05 4.18
N TYR A 33 -2.55 -13.67 3.23
CA TYR A 33 -2.84 -12.28 3.02
C TYR A 33 -3.86 -11.79 4.02
N PRO A 34 -3.79 -10.49 4.34
CA PRO A 34 -4.73 -9.83 5.24
C PRO A 34 -6.15 -9.79 4.64
N SER A 35 -7.17 -9.56 5.44
CA SER A 35 -8.50 -9.38 4.89
C SER A 35 -8.73 -7.89 4.82
N THR A 36 -9.60 -7.41 3.97
CA THR A 36 -9.75 -5.98 3.85
C THR A 36 -10.36 -5.34 5.13
N GLN A 37 -10.89 -6.17 6.02
CA GLN A 37 -11.36 -5.71 7.30
C GLN A 37 -10.35 -6.04 8.41
N GLN A 38 -10.12 -7.34 8.67
CA GLN A 38 -9.24 -7.76 9.76
C GLN A 38 -7.83 -7.53 9.41
N GLY A 39 -7.47 -7.82 8.18
CA GLY A 39 -6.13 -7.62 7.79
C GLY A 39 -5.77 -6.16 7.59
N LEU A 40 -6.74 -5.29 7.37
CA LEU A 40 -6.44 -3.86 7.25
C LEU A 40 -6.02 -3.39 8.63
N GLU A 41 -6.83 -3.77 9.61
CA GLU A 41 -6.50 -3.52 10.98
C GLU A 41 -5.21 -4.20 11.34
N ALA A 42 -4.96 -5.35 10.76
CA ALA A 42 -3.75 -6.11 11.02
C ALA A 42 -2.53 -5.53 10.30
N LEU A 43 -2.78 -4.56 9.47
CA LEU A 43 -1.72 -3.83 8.80
C LEU A 43 -1.41 -2.55 9.57
N VAL A 44 -2.34 -2.13 10.41
CA VAL A 44 -2.14 -0.93 11.23
C VAL A 44 -1.82 -1.28 12.72
N LYS A 45 -2.43 -2.35 13.18
CA LYS A 45 -2.33 -2.83 14.55
C LYS A 45 -1.87 -4.30 14.43
N LYS A 46 -1.19 -4.84 15.44
CA LYS A 46 -0.68 -6.23 15.34
C LYS A 46 -1.82 -7.23 15.03
N PRO A 47 -1.56 -8.15 14.08
CA PRO A 47 -2.54 -9.11 13.59
C PRO A 47 -3.06 -10.03 14.67
N THR A 48 -4.35 -10.07 14.82
CA THR A 48 -4.93 -10.95 15.75
C THR A 48 -5.07 -12.32 15.07
N GLY A 49 -4.80 -13.35 15.80
CA GLY A 49 -4.78 -14.66 15.24
C GLY A 49 -3.44 -15.28 15.49
N ASN A 50 -2.83 -15.85 14.49
CA ASN A 50 -1.51 -16.43 14.66
C ASN A 50 -0.52 -15.92 13.64
N PRO A 51 0.29 -14.92 13.98
CA PRO A 51 1.39 -14.53 13.14
C PRO A 51 2.67 -15.29 13.56
N GLN A 52 3.54 -15.53 12.62
CA GLN A 52 4.76 -16.28 12.83
C GLN A 52 5.78 -15.34 13.46
N PRO A 53 6.85 -15.83 14.13
CA PRO A 53 7.86 -14.94 14.67
C PRO A 53 8.57 -14.20 13.52
N LYS A 54 8.12 -13.01 13.28
CA LYS A 54 8.56 -12.17 12.21
C LYS A 54 8.32 -10.74 12.69
N ASN A 55 9.14 -9.79 12.31
CA ASN A 55 8.92 -8.43 12.79
C ASN A 55 7.86 -7.72 11.98
N TRP A 56 6.63 -7.81 12.46
CA TRP A 56 5.49 -7.12 11.90
C TRP A 56 5.73 -5.61 11.79
N ASN A 57 5.21 -5.04 10.72
CA ASN A 57 5.33 -3.63 10.43
C ASN A 57 3.95 -3.04 10.21
N LYS A 58 3.69 -1.87 10.76
CA LYS A 58 2.42 -1.22 10.54
C LYS A 58 2.48 -0.42 9.23
N ASP A 59 1.47 0.41 9.01
CA ASP A 59 1.39 1.36 7.89
C ASP A 59 1.14 0.63 6.59
N GLY A 60 0.81 -0.64 6.73
CA GLY A 60 0.44 -1.44 5.61
C GLY A 60 1.54 -2.32 5.13
N TYR A 61 2.57 -2.47 5.96
CA TYR A 61 3.77 -3.20 5.62
C TYR A 61 4.51 -2.46 4.52
N LEU A 62 5.40 -1.62 4.94
CA LEU A 62 6.11 -0.71 4.11
C LEU A 62 7.61 -0.92 4.29
N LYS A 63 8.40 -0.28 3.47
CA LYS A 63 9.84 -0.30 3.59
C LYS A 63 10.25 0.93 4.39
N LYS A 64 11.53 1.25 4.44
CA LYS A 64 11.95 2.49 5.12
C LYS A 64 11.65 3.73 4.24
N LEU A 65 10.40 4.03 4.13
CA LEU A 65 9.92 5.07 3.24
C LEU A 65 8.98 5.99 3.97
N PRO A 66 8.97 7.29 3.60
CA PRO A 66 7.99 8.24 4.13
C PRO A 66 6.60 8.01 3.50
N VAL A 67 5.70 8.92 3.70
CA VAL A 67 4.38 8.79 3.14
C VAL A 67 4.39 9.34 1.69
N ASP A 68 3.31 9.20 0.94
CA ASP A 68 3.30 9.64 -0.44
C ASP A 68 3.26 11.14 -0.56
N PRO A 69 3.71 11.68 -1.70
CA PRO A 69 3.72 13.11 -1.94
C PRO A 69 2.35 13.75 -1.85
N TRP A 70 2.36 15.08 -1.88
CA TRP A 70 1.15 15.94 -1.81
C TRP A 70 0.51 15.85 -0.43
N GLY A 71 1.27 15.31 0.50
CA GLY A 71 0.84 15.17 1.88
C GLY A 71 -0.26 14.13 2.08
N ASN A 72 -0.50 13.30 1.10
CA ASN A 72 -1.49 12.26 1.22
C ASN A 72 -0.90 11.01 1.92
N PRO A 73 -1.71 10.33 2.78
CA PRO A 73 -1.33 9.07 3.36
C PRO A 73 -1.67 7.89 2.45
N TYR A 74 -0.87 6.84 2.50
CA TYR A 74 -1.07 5.69 1.63
C TYR A 74 -2.34 4.97 1.99
N GLN A 75 -3.03 4.52 0.99
CA GLN A 75 -4.21 3.75 1.20
C GLN A 75 -3.88 2.30 0.94
N TYR A 76 -3.92 1.52 1.98
CA TYR A 76 -3.63 0.14 1.92
C TYR A 76 -4.86 -0.65 2.32
N LEU A 77 -5.32 -1.44 1.40
CA LEU A 77 -6.50 -2.26 1.53
C LEU A 77 -6.12 -3.68 1.18
N ALA A 78 -6.83 -4.63 1.70
CA ALA A 78 -6.51 -5.98 1.44
C ALA A 78 -7.51 -6.55 0.40
N PRO A 79 -7.46 -7.88 -0.02
CA PRO A 79 -8.17 -8.37 -1.20
C PRO A 79 -9.58 -7.97 -1.31
N GLY A 80 -9.81 -7.17 -2.29
CA GLY A 80 -11.10 -6.69 -2.53
C GLY A 80 -11.85 -7.59 -3.42
N THR A 81 -11.82 -7.29 -4.66
CA THR A 81 -12.52 -8.06 -5.60
C THR A 81 -11.51 -8.79 -6.47
N LYS A 82 -11.38 -10.08 -6.20
CA LYS A 82 -10.50 -11.00 -6.93
C LYS A 82 -9.04 -10.90 -6.53
N GLY A 83 -8.59 -9.71 -6.19
CA GLY A 83 -7.19 -9.53 -6.04
C GLY A 83 -6.74 -9.51 -4.64
N PRO A 84 -5.71 -10.39 -4.33
CA PRO A 84 -5.04 -10.53 -3.02
C PRO A 84 -4.74 -9.24 -2.25
N PHE A 85 -4.70 -8.10 -2.93
CA PHE A 85 -4.61 -6.82 -2.19
C PHE A 85 -4.94 -5.63 -3.07
N ASP A 86 -5.11 -4.47 -2.44
CA ASP A 86 -5.40 -3.19 -3.11
C ASP A 86 -4.62 -2.07 -2.44
N LEU A 87 -3.59 -1.55 -3.04
CA LEU A 87 -2.93 -0.44 -2.38
C LEU A 87 -2.60 0.67 -3.33
N TYR A 88 -2.77 1.89 -2.88
CA TYR A 88 -2.63 3.05 -3.72
C TYR A 88 -2.54 4.32 -2.91
N SER A 89 -2.23 5.37 -3.57
CA SER A 89 -2.19 6.69 -3.03
C SER A 89 -3.10 7.56 -3.90
N LEU A 90 -3.68 8.57 -3.32
CA LEU A 90 -4.49 9.51 -4.06
C LEU A 90 -3.64 10.44 -4.90
N GLY A 91 -4.24 11.02 -5.93
CA GLY A 91 -3.52 11.93 -6.79
C GLY A 91 -3.35 13.29 -6.15
N ALA A 92 -2.68 14.17 -6.86
CA ALA A 92 -2.36 15.53 -6.39
C ALA A 92 -3.61 16.33 -6.04
N ASP A 93 -4.72 16.00 -6.63
CA ASP A 93 -5.95 16.74 -6.42
C ASP A 93 -6.81 16.08 -5.30
N GLY A 94 -6.27 15.03 -4.69
CA GLY A 94 -6.96 14.34 -3.61
C GLY A 94 -8.12 13.51 -4.10
N LYS A 95 -7.96 12.94 -5.26
CA LYS A 95 -9.01 12.17 -5.88
C LYS A 95 -8.42 10.93 -6.56
N GLU A 96 -9.20 9.86 -6.57
CA GLU A 96 -8.83 8.68 -7.30
C GLU A 96 -9.44 8.70 -8.71
N GLY A 97 -8.60 8.96 -9.66
CA GLY A 97 -9.03 9.07 -11.03
C GLY A 97 -7.95 8.64 -11.99
N GLY A 98 -8.17 8.83 -13.27
CA GLY A 98 -7.15 8.52 -14.24
C GLY A 98 -6.65 9.82 -14.82
N SER A 99 -5.35 9.99 -14.79
CA SER A 99 -4.65 11.23 -15.13
C SER A 99 -3.17 10.95 -14.92
N ASP A 100 -2.32 11.92 -15.09
CA ASP A 100 -0.89 11.73 -14.79
C ASP A 100 -0.65 11.88 -13.31
N ASN A 101 -0.73 13.09 -12.81
CA ASN A 101 -0.48 13.34 -11.39
C ASN A 101 -1.78 13.47 -10.62
N ASP A 102 -2.89 13.45 -11.33
CA ASP A 102 -4.20 13.51 -10.69
C ASP A 102 -4.82 12.13 -10.61
N ALA A 103 -4.05 11.15 -10.95
CA ALA A 103 -4.47 9.77 -10.92
C ALA A 103 -4.21 9.16 -9.59
N ASP A 104 -4.94 8.11 -9.26
CA ASP A 104 -4.63 7.38 -8.08
C ASP A 104 -3.47 6.50 -8.47
N ILE A 105 -2.45 6.53 -7.70
CA ILE A 105 -1.28 5.81 -8.04
C ILE A 105 -1.02 4.71 -7.06
N GLY A 106 -1.12 3.52 -7.53
CA GLY A 106 -0.93 2.40 -6.70
C GLY A 106 -0.80 1.17 -7.49
N ASN A 107 -0.64 0.09 -6.82
CA ASN A 107 -0.49 -1.17 -7.45
C ASN A 107 -1.00 -2.23 -6.56
N TRP A 108 -1.36 -3.30 -7.14
CA TRP A 108 -1.81 -4.43 -6.44
C TRP A 108 -1.61 -5.63 -7.26
N ASP A 109 -1.93 -6.74 -6.72
CA ASP A 109 -1.80 -7.98 -7.42
C ASP A 109 -3.06 -8.76 -7.33
N ASN A 110 -3.43 -9.30 -8.47
CA ASN A 110 -4.60 -10.10 -8.70
C ASN A 110 -4.19 -11.25 -9.58
N MET A 1 8.75 10.05 -15.27
CA MET A 1 8.15 11.38 -15.46
C MET A 1 8.88 12.44 -14.70
N SER A 2 9.78 13.13 -15.36
CA SER A 2 10.50 14.19 -14.74
C SER A 2 9.87 15.50 -15.16
N ARG A 3 8.79 15.82 -14.50
CA ARG A 3 8.01 17.01 -14.74
C ARG A 3 7.49 17.49 -13.40
N PRO A 4 7.12 18.78 -13.28
CA PRO A 4 6.57 19.33 -12.05
C PRO A 4 5.41 18.50 -11.51
N ASP A 5 5.56 18.06 -10.26
CA ASP A 5 4.60 17.22 -9.49
C ASP A 5 4.62 15.76 -9.95
N GLN A 6 4.87 15.55 -11.22
CA GLN A 6 4.98 14.20 -11.78
C GLN A 6 6.23 13.53 -11.29
N ALA A 7 7.12 14.31 -10.72
CA ALA A 7 8.29 13.81 -10.05
C ALA A 7 7.85 12.99 -8.82
N LYS A 8 6.70 13.34 -8.27
CA LYS A 8 6.14 12.63 -7.13
C LYS A 8 5.44 11.38 -7.64
N VAL A 9 4.99 11.45 -8.89
CA VAL A 9 4.30 10.32 -9.54
C VAL A 9 5.31 9.25 -9.93
N THR A 10 6.42 9.71 -10.48
CA THR A 10 7.43 8.83 -11.00
C THR A 10 8.10 8.03 -9.88
N VAL A 11 8.32 8.65 -8.72
CA VAL A 11 8.93 7.93 -7.62
C VAL A 11 7.89 7.04 -6.94
N ALA A 12 6.64 7.50 -6.96
CA ALA A 12 5.53 6.80 -6.33
C ALA A 12 5.36 5.43 -6.89
N LYS A 13 5.54 5.29 -8.20
CA LYS A 13 5.40 4.00 -8.84
C LYS A 13 6.47 3.02 -8.37
N GLY A 14 7.58 3.55 -7.94
CA GLY A 14 8.64 2.72 -7.42
C GLY A 14 8.35 2.37 -5.98
N ASP A 15 7.75 3.31 -5.28
CA ASP A 15 7.45 3.14 -3.87
C ASP A 15 6.26 2.25 -3.62
N ILE A 16 5.29 2.29 -4.51
CA ILE A 16 4.13 1.40 -4.40
C ILE A 16 4.52 -0.06 -4.70
N LYS A 17 5.47 -0.27 -5.63
CA LYS A 17 5.97 -1.63 -5.90
C LYS A 17 6.79 -2.13 -4.71
N ALA A 18 7.42 -1.20 -4.01
CA ALA A 18 8.19 -1.47 -2.83
C ALA A 18 7.30 -1.99 -1.72
N ILE A 19 6.16 -1.34 -1.57
CA ILE A 19 5.19 -1.70 -0.56
C ILE A 19 4.70 -3.11 -0.78
N ALA A 20 4.51 -3.47 -2.05
CA ALA A 20 4.07 -4.82 -2.40
C ALA A 20 5.03 -5.88 -1.87
N ALA A 21 6.32 -5.57 -1.86
CA ALA A 21 7.32 -6.50 -1.39
C ALA A 21 7.22 -6.64 0.13
N ALA A 22 6.88 -5.55 0.79
CA ALA A 22 6.71 -5.60 2.24
C ALA A 22 5.36 -6.22 2.59
N LEU A 23 4.40 -6.04 1.71
CA LEU A 23 3.08 -6.60 1.86
C LEU A 23 3.20 -8.12 1.70
N ASP A 24 4.20 -8.54 0.91
CA ASP A 24 4.54 -9.95 0.78
C ASP A 24 5.16 -10.47 2.04
N MET A 25 5.74 -9.61 2.83
CA MET A 25 6.33 -10.06 4.07
C MET A 25 5.26 -10.25 5.10
N TYR A 26 4.24 -9.41 5.06
CA TYR A 26 3.07 -9.62 5.89
C TYR A 26 2.39 -10.90 5.42
N LYS A 27 2.42 -11.12 4.11
CA LYS A 27 1.91 -12.33 3.50
C LYS A 27 2.56 -13.54 4.15
N LEU A 28 3.83 -13.45 4.45
CA LEU A 28 4.48 -14.53 5.14
C LEU A 28 4.32 -14.43 6.65
N ASP A 29 4.17 -13.22 7.20
CA ASP A 29 4.05 -13.08 8.66
C ASP A 29 2.67 -13.50 9.14
N ASN A 30 1.68 -13.40 8.30
CA ASN A 30 0.34 -13.91 8.65
C ASN A 30 -0.08 -14.92 7.70
N PHE A 31 0.92 -15.54 7.03
CA PHE A 31 0.75 -16.68 6.10
C PHE A 31 -0.43 -16.53 5.15
N ALA A 32 -0.70 -15.29 4.79
CA ALA A 32 -1.84 -14.92 4.02
C ALA A 32 -1.82 -13.44 3.85
N TYR A 33 -2.48 -12.96 2.85
CA TYR A 33 -2.70 -11.57 2.70
C TYR A 33 -3.78 -11.13 3.66
N PRO A 34 -3.81 -9.84 4.03
CA PRO A 34 -4.77 -9.32 5.01
C PRO A 34 -6.22 -9.41 4.50
N SER A 35 -7.19 -9.44 5.39
CA SER A 35 -8.54 -9.34 4.97
C SER A 35 -8.87 -7.86 5.04
N THR A 36 -9.82 -7.38 4.29
CA THR A 36 -10.04 -5.95 4.29
C THR A 36 -10.68 -5.47 5.62
N GLN A 37 -11.08 -6.43 6.44
CA GLN A 37 -11.55 -6.15 7.75
C GLN A 37 -10.46 -6.47 8.80
N GLN A 38 -10.10 -7.75 8.97
CA GLN A 38 -9.13 -8.11 10.00
C GLN A 38 -7.74 -7.87 9.58
N GLY A 39 -7.44 -8.09 8.33
CA GLY A 39 -6.12 -7.82 7.91
C GLY A 39 -5.84 -6.34 7.83
N LEU A 40 -6.89 -5.52 7.72
CA LEU A 40 -6.71 -4.08 7.72
C LEU A 40 -6.37 -3.69 9.14
N GLU A 41 -7.11 -4.29 10.06
CA GLU A 41 -6.85 -4.14 11.47
C GLU A 41 -5.48 -4.66 11.81
N ALA A 42 -5.08 -5.72 11.16
CA ALA A 42 -3.81 -6.36 11.38
C ALA A 42 -2.67 -5.71 10.59
N LEU A 43 -2.99 -4.72 9.79
CA LEU A 43 -1.98 -3.94 9.10
C LEU A 43 -1.66 -2.71 9.92
N VAL A 44 -2.62 -2.27 10.69
CA VAL A 44 -2.46 -1.07 11.49
C VAL A 44 -2.21 -1.40 12.96
N LYS A 45 -2.85 -2.43 13.43
CA LYS A 45 -2.71 -2.89 14.80
C LYS A 45 -2.17 -4.31 14.73
N LYS A 46 -1.41 -4.72 15.71
CA LYS A 46 -0.80 -6.07 15.71
C LYS A 46 -1.87 -7.16 15.53
N PRO A 47 -1.61 -8.11 14.63
CA PRO A 47 -2.54 -9.17 14.23
C PRO A 47 -3.02 -10.05 15.39
N THR A 48 -4.19 -10.60 15.23
CA THR A 48 -4.76 -11.49 16.20
C THR A 48 -4.38 -12.94 15.90
N GLY A 49 -4.04 -13.69 16.92
CA GLY A 49 -3.61 -15.05 16.75
C GLY A 49 -2.11 -15.12 16.82
N ASN A 50 -1.53 -16.18 16.33
CA ASN A 50 -0.15 -16.33 16.31
C ASN A 50 0.35 -16.27 14.86
N PRO A 51 0.96 -15.15 14.47
CA PRO A 51 1.52 -14.99 13.15
C PRO A 51 2.97 -15.54 13.12
N GLN A 52 3.50 -15.79 11.94
CA GLN A 52 4.84 -16.30 11.78
C GLN A 52 5.82 -15.15 11.64
N PRO A 53 6.67 -14.97 12.65
CA PRO A 53 7.49 -13.76 12.82
C PRO A 53 8.33 -13.29 11.64
N LYS A 54 7.82 -12.26 10.98
CA LYS A 54 8.58 -11.48 10.02
C LYS A 54 8.28 -10.03 10.27
N ASN A 55 9.02 -9.50 11.24
CA ASN A 55 8.97 -8.12 11.76
C ASN A 55 7.71 -7.35 11.36
N TRP A 56 6.64 -7.55 12.14
CA TRP A 56 5.40 -6.86 11.90
C TRP A 56 5.60 -5.38 11.87
N ASN A 57 4.96 -4.75 10.94
CA ASN A 57 5.06 -3.35 10.77
C ASN A 57 3.68 -2.76 10.56
N LYS A 58 3.34 -1.72 11.32
CA LYS A 58 2.05 -1.08 11.17
C LYS A 58 2.03 -0.25 9.91
N ASP A 59 0.85 0.28 9.65
CA ASP A 59 0.57 1.22 8.58
C ASP A 59 0.75 0.56 7.23
N GLY A 60 0.54 -0.74 7.23
CA GLY A 60 0.37 -1.46 6.00
C GLY A 60 1.59 -2.19 5.52
N TYR A 61 2.58 -2.38 6.41
CA TYR A 61 3.84 -3.02 6.04
C TYR A 61 4.60 -2.20 5.00
N LEU A 62 5.42 -1.33 5.48
CA LEU A 62 6.17 -0.44 4.66
C LEU A 62 7.63 -0.65 4.80
N LYS A 63 8.32 0.03 3.93
CA LYS A 63 9.75 0.09 3.91
C LYS A 63 10.17 1.34 4.73
N LYS A 64 11.39 1.75 4.55
CA LYS A 64 12.00 2.91 5.25
C LYS A 64 11.53 4.28 4.70
N LEU A 65 10.35 4.32 4.17
CA LEU A 65 9.87 5.53 3.52
C LEU A 65 8.82 6.25 4.37
N PRO A 66 8.77 7.59 4.28
CA PRO A 66 7.70 8.38 4.89
C PRO A 66 6.39 8.18 4.11
N VAL A 67 5.41 9.01 4.37
CA VAL A 67 4.15 8.89 3.67
C VAL A 67 4.32 9.54 2.27
N ASP A 68 3.38 9.34 1.36
CA ASP A 68 3.61 9.77 -0.03
C ASP A 68 3.35 11.27 -0.14
N PRO A 69 4.02 11.97 -1.10
CA PRO A 69 3.76 13.37 -1.42
C PRO A 69 2.29 13.72 -1.54
N TRP A 70 2.04 15.01 -1.66
CA TRP A 70 0.71 15.63 -1.70
C TRP A 70 0.06 15.53 -0.33
N GLY A 71 0.88 15.20 0.66
CA GLY A 71 0.45 15.00 2.04
C GLY A 71 -0.58 13.87 2.18
N ASN A 72 -0.60 12.99 1.21
CA ASN A 72 -1.54 11.90 1.17
C ASN A 72 -1.01 10.63 1.81
N PRO A 73 -1.74 10.15 2.84
CA PRO A 73 -1.50 8.84 3.41
C PRO A 73 -1.68 7.75 2.38
N TYR A 74 -0.88 6.71 2.45
CA TYR A 74 -1.06 5.58 1.58
C TYR A 74 -2.34 4.89 1.99
N GLN A 75 -3.05 4.40 1.05
CA GLN A 75 -4.31 3.74 1.32
C GLN A 75 -4.06 2.25 1.21
N TYR A 76 -4.29 1.55 2.28
CA TYR A 76 -4.11 0.13 2.29
C TYR A 76 -5.43 -0.59 2.39
N LEU A 77 -5.74 -1.36 1.37
CA LEU A 77 -6.94 -2.15 1.32
C LEU A 77 -6.59 -3.58 0.98
N ALA A 78 -7.40 -4.50 1.38
CA ALA A 78 -7.10 -5.87 1.21
C ALA A 78 -8.12 -6.50 0.21
N PRO A 79 -8.04 -7.83 -0.11
CA PRO A 79 -8.85 -8.42 -1.17
C PRO A 79 -10.31 -8.31 -0.97
N GLY A 80 -10.93 -7.77 -1.96
CA GLY A 80 -12.33 -7.61 -1.91
C GLY A 80 -12.98 -8.06 -3.17
N THR A 81 -12.88 -7.25 -4.18
CA THR A 81 -13.51 -7.57 -5.41
C THR A 81 -12.50 -8.25 -6.30
N LYS A 82 -12.53 -9.57 -6.27
CA LYS A 82 -11.69 -10.49 -7.05
C LYS A 82 -10.18 -10.14 -7.11
N GLY A 83 -9.70 -9.41 -6.13
CA GLY A 83 -8.33 -9.02 -6.14
C GLY A 83 -7.67 -9.14 -4.83
N PRO A 84 -6.55 -9.96 -4.75
CA PRO A 84 -5.70 -10.23 -3.55
C PRO A 84 -5.38 -9.04 -2.64
N PHE A 85 -5.42 -7.81 -3.16
CA PHE A 85 -5.24 -6.59 -2.34
C PHE A 85 -5.35 -5.37 -3.22
N ASP A 86 -5.42 -4.20 -2.59
CA ASP A 86 -5.45 -2.92 -3.29
C ASP A 86 -4.54 -1.95 -2.56
N LEU A 87 -3.42 -1.61 -3.16
CA LEU A 87 -2.49 -0.71 -2.55
C LEU A 87 -2.32 0.51 -3.44
N TYR A 88 -2.53 1.70 -2.89
CA TYR A 88 -2.46 2.93 -3.67
C TYR A 88 -2.40 4.14 -2.75
N SER A 89 -2.00 5.25 -3.28
CA SER A 89 -2.07 6.51 -2.57
C SER A 89 -2.82 7.47 -3.48
N LEU A 90 -3.64 8.33 -2.90
CA LEU A 90 -4.38 9.34 -3.66
C LEU A 90 -3.39 10.26 -4.38
N GLY A 91 -3.67 10.55 -5.64
CA GLY A 91 -2.76 11.35 -6.45
C GLY A 91 -2.77 12.82 -6.13
N ALA A 92 -2.21 13.63 -7.04
CA ALA A 92 -2.04 15.07 -6.85
C ALA A 92 -3.34 15.80 -6.53
N ASP A 93 -4.43 15.34 -7.10
CA ASP A 93 -5.70 16.01 -6.92
C ASP A 93 -6.45 15.35 -5.76
N GLY A 94 -5.85 14.32 -5.20
CA GLY A 94 -6.49 13.58 -4.13
C GLY A 94 -7.55 12.67 -4.69
N LYS A 95 -7.48 12.44 -5.96
CA LYS A 95 -8.46 11.64 -6.64
C LYS A 95 -7.98 10.25 -6.88
N GLU A 96 -8.91 9.33 -6.80
CA GLU A 96 -8.67 8.00 -7.22
C GLU A 96 -9.37 7.94 -8.58
N GLY A 97 -8.55 8.04 -9.60
CA GLY A 97 -9.03 8.19 -10.96
C GLY A 97 -8.01 7.67 -11.94
N GLY A 98 -8.24 7.87 -13.21
CA GLY A 98 -7.26 7.51 -14.18
C GLY A 98 -6.66 8.77 -14.74
N SER A 99 -5.35 8.86 -14.69
CA SER A 99 -4.54 10.01 -15.07
C SER A 99 -3.09 9.62 -14.79
N ASP A 100 -2.14 10.49 -15.02
CA ASP A 100 -0.78 10.23 -14.58
C ASP A 100 -0.57 10.89 -13.24
N ASN A 101 -0.76 12.19 -13.23
CA ASN A 101 -0.50 13.01 -12.06
C ASN A 101 -1.74 13.11 -11.16
N ASP A 102 -2.89 13.21 -11.77
CA ASP A 102 -4.15 13.43 -11.01
C ASP A 102 -4.79 12.12 -10.62
N ALA A 103 -4.10 11.06 -10.84
CA ALA A 103 -4.57 9.75 -10.53
C ALA A 103 -3.89 9.25 -9.32
N ASP A 104 -4.51 8.32 -8.69
CA ASP A 104 -3.97 7.67 -7.54
C ASP A 104 -2.95 6.68 -8.02
N ILE A 105 -1.86 6.63 -7.36
CA ILE A 105 -0.82 5.77 -7.77
C ILE A 105 -0.92 4.48 -7.01
N GLY A 106 -1.11 3.42 -7.75
CA GLY A 106 -1.40 2.17 -7.11
C GLY A 106 -0.77 1.00 -7.74
N ASN A 107 -0.63 -0.01 -6.96
CA ASN A 107 -0.02 -1.25 -7.31
C ASN A 107 -0.69 -2.33 -6.51
N TRP A 108 -1.12 -3.36 -7.17
CA TRP A 108 -1.79 -4.43 -6.50
C TRP A 108 -1.77 -5.68 -7.31
N ASP A 109 -2.31 -6.71 -6.74
CA ASP A 109 -2.50 -7.95 -7.41
C ASP A 109 -3.95 -8.19 -7.51
N ASN A 110 -4.36 -8.59 -8.67
CA ASN A 110 -5.75 -8.80 -8.97
C ASN A 110 -5.85 -10.04 -9.81
N MET A 1 9.57 9.79 -14.54
CA MET A 1 8.85 10.97 -15.00
C MET A 1 9.53 12.22 -14.47
N SER A 2 10.41 12.80 -15.24
CA SER A 2 11.12 13.99 -14.81
C SER A 2 10.46 15.24 -15.36
N ARG A 3 9.31 15.57 -14.79
CA ARG A 3 8.50 16.70 -15.19
C ARG A 3 7.78 17.25 -13.95
N PRO A 4 7.34 18.54 -13.98
CA PRO A 4 6.66 19.19 -12.84
C PRO A 4 5.51 18.36 -12.28
N ASP A 5 5.62 18.02 -10.98
CA ASP A 5 4.62 17.25 -10.18
C ASP A 5 4.68 15.76 -10.50
N GLN A 6 5.13 15.48 -11.71
CA GLN A 6 5.33 14.12 -12.18
C GLN A 6 6.52 13.53 -11.45
N ALA A 7 7.31 14.40 -10.86
CA ALA A 7 8.41 14.01 -10.00
C ALA A 7 7.87 13.30 -8.77
N LYS A 8 6.64 13.63 -8.37
CA LYS A 8 6.05 12.95 -7.22
C LYS A 8 5.44 11.64 -7.70
N VAL A 9 5.08 11.59 -8.96
CA VAL A 9 4.48 10.38 -9.55
C VAL A 9 5.55 9.33 -9.77
N THR A 10 6.69 9.79 -10.26
CA THR A 10 7.79 8.93 -10.60
C THR A 10 8.36 8.22 -9.36
N VAL A 11 8.30 8.87 -8.20
CA VAL A 11 8.80 8.24 -7.00
C VAL A 11 7.76 7.27 -6.47
N ALA A 12 6.51 7.70 -6.55
CA ALA A 12 5.37 6.98 -6.03
C ALA A 12 5.23 5.60 -6.61
N LYS A 13 5.49 5.47 -7.91
CA LYS A 13 5.33 4.20 -8.60
C LYS A 13 6.35 3.15 -8.07
N GLY A 14 7.44 3.64 -7.54
CA GLY A 14 8.45 2.78 -6.98
C GLY A 14 8.18 2.52 -5.52
N ASP A 15 7.53 3.46 -4.86
CA ASP A 15 7.21 3.36 -3.44
C ASP A 15 6.08 2.40 -3.22
N ILE A 16 5.10 2.46 -4.11
CA ILE A 16 4.01 1.50 -4.06
C ILE A 16 4.53 0.10 -4.37
N LYS A 17 5.53 0.02 -5.27
CA LYS A 17 6.09 -1.27 -5.65
C LYS A 17 6.85 -1.87 -4.47
N ALA A 18 7.40 -0.99 -3.64
CA ALA A 18 8.10 -1.37 -2.44
C ALA A 18 7.14 -2.06 -1.48
N ILE A 19 5.94 -1.52 -1.41
CA ILE A 19 4.87 -2.05 -0.56
C ILE A 19 4.44 -3.42 -1.06
N ALA A 20 4.45 -3.62 -2.36
CA ALA A 20 4.06 -4.90 -2.95
C ALA A 20 5.03 -6.02 -2.49
N ALA A 21 6.25 -5.64 -2.20
CA ALA A 21 7.25 -6.58 -1.72
C ALA A 21 7.04 -6.80 -0.22
N ALA A 22 6.63 -5.77 0.45
CA ALA A 22 6.41 -5.82 1.88
C ALA A 22 5.11 -6.55 2.21
N LEU A 23 4.15 -6.47 1.32
CA LEU A 23 2.87 -7.15 1.50
C LEU A 23 3.11 -8.66 1.42
N ASP A 24 4.10 -9.04 0.64
CA ASP A 24 4.56 -10.43 0.57
C ASP A 24 5.17 -10.85 1.91
N MET A 25 5.76 -9.89 2.60
CA MET A 25 6.32 -10.15 3.91
C MET A 25 5.22 -10.30 4.94
N TYR A 26 4.14 -9.56 4.79
CA TYR A 26 2.98 -9.74 5.66
C TYR A 26 2.30 -11.06 5.32
N LYS A 27 2.27 -11.43 4.01
CA LYS A 27 1.66 -12.70 3.65
C LYS A 27 2.50 -13.85 4.20
N LEU A 28 3.72 -13.51 4.56
CA LEU A 28 4.62 -14.41 5.21
C LEU A 28 4.43 -14.35 6.73
N ASP A 29 4.14 -13.15 7.25
CA ASP A 29 3.97 -12.95 8.72
C ASP A 29 2.63 -13.49 9.21
N ASN A 30 1.66 -13.58 8.34
CA ASN A 30 0.39 -14.16 8.73
C ASN A 30 0.00 -15.20 7.77
N PHE A 31 1.02 -15.76 7.09
CA PHE A 31 0.89 -16.91 6.15
C PHE A 31 -0.31 -16.81 5.21
N ALA A 32 -0.66 -15.59 4.85
CA ALA A 32 -1.82 -15.30 4.06
C ALA A 32 -1.90 -13.81 3.91
N TYR A 33 -2.64 -13.36 2.94
CA TYR A 33 -2.90 -11.96 2.79
C TYR A 33 -3.94 -11.49 3.79
N PRO A 34 -3.92 -10.21 4.13
CA PRO A 34 -4.86 -9.63 5.12
C PRO A 34 -6.32 -9.71 4.65
N SER A 35 -7.27 -9.56 5.57
CA SER A 35 -8.64 -9.48 5.17
C SER A 35 -8.96 -8.01 5.16
N THR A 36 -9.94 -7.57 4.40
CA THR A 36 -10.16 -6.13 4.28
C THR A 36 -10.69 -5.53 5.60
N GLN A 37 -11.09 -6.40 6.49
CA GLN A 37 -11.46 -5.97 7.79
C GLN A 37 -10.32 -6.26 8.79
N GLN A 38 -10.01 -7.55 9.02
CA GLN A 38 -9.08 -7.92 10.08
C GLN A 38 -7.67 -7.67 9.67
N GLY A 39 -7.35 -7.95 8.42
CA GLY A 39 -6.01 -7.75 8.00
C GLY A 39 -5.69 -6.30 7.74
N LEU A 40 -6.71 -5.48 7.49
CA LEU A 40 -6.47 -4.07 7.21
C LEU A 40 -5.99 -3.42 8.48
N GLU A 41 -6.73 -3.65 9.54
CA GLU A 41 -6.37 -3.13 10.82
C GLU A 41 -5.10 -3.80 11.32
N ALA A 42 -4.85 -4.99 10.83
CA ALA A 42 -3.63 -5.73 11.15
C ALA A 42 -2.44 -5.26 10.32
N LEU A 43 -2.69 -4.38 9.36
CA LEU A 43 -1.61 -3.73 8.62
C LEU A 43 -1.27 -2.43 9.32
N VAL A 44 -2.23 -1.91 10.05
CA VAL A 44 -2.08 -0.67 10.79
C VAL A 44 -1.57 -0.94 12.22
N LYS A 45 -2.20 -1.88 12.85
CA LYS A 45 -1.98 -2.29 14.20
C LYS A 45 -1.51 -3.73 14.20
N LYS A 46 -0.71 -4.12 15.21
CA LYS A 46 -0.17 -5.47 15.30
C LYS A 46 -1.33 -6.48 15.22
N PRO A 47 -1.19 -7.49 14.35
CA PRO A 47 -2.23 -8.47 14.05
C PRO A 47 -2.69 -9.24 15.28
N THR A 48 -3.96 -9.25 15.50
CA THR A 48 -4.55 -9.95 16.60
C THR A 48 -4.96 -11.34 16.16
N GLY A 49 -4.23 -12.32 16.61
CA GLY A 49 -4.47 -13.68 16.23
C GLY A 49 -3.19 -14.44 16.32
N ASN A 50 -2.87 -15.21 15.32
CA ASN A 50 -1.62 -15.94 15.33
C ASN A 50 -0.75 -15.67 14.11
N PRO A 51 0.10 -14.63 14.18
CA PRO A 51 1.09 -14.36 13.17
C PRO A 51 2.38 -15.11 13.54
N GLN A 52 3.25 -15.28 12.61
CA GLN A 52 4.47 -16.02 12.86
C GLN A 52 5.64 -15.05 12.91
N PRO A 53 6.70 -15.33 13.72
CA PRO A 53 7.81 -14.39 13.98
C PRO A 53 8.48 -13.79 12.73
N LYS A 54 8.07 -12.59 12.42
CA LYS A 54 8.57 -11.71 11.38
C LYS A 54 8.41 -10.29 11.90
N ASN A 55 9.29 -9.42 11.49
CA ASN A 55 9.24 -8.03 11.95
C ASN A 55 8.10 -7.26 11.28
N TRP A 56 6.94 -7.31 11.93
CA TRP A 56 5.73 -6.65 11.51
C TRP A 56 5.95 -5.14 11.29
N ASN A 57 5.29 -4.62 10.31
CA ASN A 57 5.38 -3.23 9.94
C ASN A 57 3.99 -2.60 9.88
N LYS A 58 3.88 -1.39 10.41
CA LYS A 58 2.61 -0.66 10.45
C LYS A 58 2.38 0.12 9.17
N ASP A 59 1.20 0.70 9.09
CA ASP A 59 0.82 1.68 8.06
C ASP A 59 0.70 1.05 6.67
N GLY A 60 0.64 -0.27 6.64
CA GLY A 60 0.29 -0.94 5.40
C GLY A 60 1.34 -1.87 4.89
N TYR A 61 2.36 -2.10 5.69
CA TYR A 61 3.51 -2.87 5.28
C TYR A 61 4.29 -2.16 4.16
N LEU A 62 5.03 -1.20 4.61
CA LEU A 62 5.82 -0.31 3.83
C LEU A 62 7.28 -0.44 4.28
N LYS A 63 8.19 0.13 3.54
CA LYS A 63 9.60 0.12 3.88
C LYS A 63 9.87 1.25 4.87
N LYS A 64 11.13 1.62 5.07
CA LYS A 64 11.45 2.79 5.89
C LYS A 64 11.18 4.08 5.07
N LEU A 65 9.91 4.30 4.83
CA LEU A 65 9.45 5.38 4.00
C LEU A 65 8.33 6.16 4.68
N PRO A 66 8.24 7.46 4.40
CA PRO A 66 7.15 8.30 4.89
C PRO A 66 5.87 8.07 4.04
N VAL A 67 4.89 8.93 4.21
CA VAL A 67 3.64 8.83 3.47
C VAL A 67 3.85 9.42 2.05
N ASP A 68 2.93 9.17 1.11
CA ASP A 68 3.17 9.57 -0.29
C ASP A 68 2.90 11.06 -0.42
N PRO A 69 3.54 11.75 -1.41
CA PRO A 69 3.30 13.16 -1.69
C PRO A 69 1.81 13.53 -1.85
N TRP A 70 1.58 14.84 -1.94
CA TRP A 70 0.25 15.50 -2.06
C TRP A 70 -0.51 15.36 -0.73
N GLY A 71 0.24 15.02 0.30
CA GLY A 71 -0.31 14.79 1.64
C GLY A 71 -1.28 13.62 1.72
N ASN A 72 -1.31 12.81 0.70
CA ASN A 72 -2.18 11.69 0.65
C ASN A 72 -1.58 10.49 1.34
N PRO A 73 -2.39 9.86 2.18
CA PRO A 73 -1.99 8.68 2.88
C PRO A 73 -1.97 7.48 1.98
N TYR A 74 -1.19 6.50 2.31
CA TYR A 74 -1.28 5.28 1.59
C TYR A 74 -2.59 4.64 1.97
N GLN A 75 -3.28 4.14 1.00
CA GLN A 75 -4.55 3.54 1.23
C GLN A 75 -4.30 2.07 1.18
N TYR A 76 -4.48 1.45 2.29
CA TYR A 76 -4.28 0.05 2.38
C TYR A 76 -5.61 -0.65 2.44
N LEU A 77 -5.84 -1.47 1.46
CA LEU A 77 -7.03 -2.27 1.39
C LEU A 77 -6.64 -3.71 1.15
N ALA A 78 -7.44 -4.61 1.58
CA ALA A 78 -7.17 -5.98 1.39
C ALA A 78 -8.16 -6.52 0.33
N PRO A 79 -8.20 -7.86 -0.03
CA PRO A 79 -8.91 -8.33 -1.23
C PRO A 79 -10.31 -7.81 -1.39
N GLY A 80 -10.44 -7.00 -2.40
CA GLY A 80 -11.68 -6.36 -2.69
C GLY A 80 -12.35 -6.96 -3.86
N THR A 81 -12.00 -6.48 -5.02
CA THR A 81 -12.60 -6.98 -6.21
C THR A 81 -11.58 -7.84 -6.93
N LYS A 82 -11.69 -9.13 -6.70
CA LYS A 82 -10.93 -10.17 -7.40
C LYS A 82 -9.43 -10.15 -7.12
N GLY A 83 -8.97 -9.39 -6.14
CA GLY A 83 -7.56 -9.36 -5.91
C GLY A 83 -7.16 -9.34 -4.48
N PRO A 84 -6.19 -10.24 -4.08
CA PRO A 84 -5.59 -10.37 -2.72
C PRO A 84 -5.30 -9.09 -1.93
N PHE A 85 -5.19 -7.95 -2.59
CA PHE A 85 -5.06 -6.67 -1.89
C PHE A 85 -5.17 -5.54 -2.86
N ASP A 86 -5.36 -4.35 -2.34
CA ASP A 86 -5.43 -3.14 -3.14
C ASP A 86 -4.61 -2.08 -2.46
N LEU A 87 -3.49 -1.73 -3.04
CA LEU A 87 -2.64 -0.73 -2.47
C LEU A 87 -2.52 0.44 -3.42
N TYR A 88 -2.74 1.63 -2.91
CA TYR A 88 -2.65 2.84 -3.71
C TYR A 88 -2.64 4.05 -2.81
N SER A 89 -2.35 5.17 -3.36
CA SER A 89 -2.47 6.43 -2.69
C SER A 89 -3.37 7.26 -3.57
N LEU A 90 -4.24 8.06 -2.98
CA LEU A 90 -5.07 8.95 -3.79
C LEU A 90 -4.22 9.93 -4.62
N GLY A 91 -4.69 10.21 -5.83
CA GLY A 91 -4.00 11.14 -6.71
C GLY A 91 -3.96 12.56 -6.19
N ALA A 92 -3.24 13.41 -6.91
CA ALA A 92 -3.00 14.82 -6.54
C ALA A 92 -4.27 15.69 -6.50
N ASP A 93 -5.40 15.08 -6.69
CA ASP A 93 -6.66 15.81 -6.65
C ASP A 93 -7.22 15.70 -5.23
N GLY A 94 -6.59 14.84 -4.43
CA GLY A 94 -7.01 14.64 -3.05
C GLY A 94 -8.17 13.68 -2.96
N LYS A 95 -8.59 13.23 -4.10
CA LYS A 95 -9.71 12.35 -4.27
C LYS A 95 -9.31 11.37 -5.36
N GLU A 96 -9.86 10.15 -5.32
CA GLU A 96 -9.43 9.11 -6.25
C GLU A 96 -9.84 9.48 -7.68
N GLY A 97 -8.86 9.73 -8.52
CA GLY A 97 -9.10 10.21 -9.87
C GLY A 97 -8.16 9.59 -10.88
N GLY A 98 -8.22 10.07 -12.12
CA GLY A 98 -7.35 9.55 -13.14
C GLY A 98 -6.80 10.64 -14.04
N SER A 99 -5.49 10.66 -14.18
CA SER A 99 -4.67 11.61 -14.93
C SER A 99 -3.22 11.15 -14.71
N ASP A 100 -2.24 11.83 -15.23
CA ASP A 100 -0.83 11.47 -14.93
C ASP A 100 -0.52 11.60 -13.46
N ASN A 101 -0.78 12.76 -12.90
CA ASN A 101 -0.48 12.96 -11.48
C ASN A 101 -1.72 12.94 -10.62
N ASP A 102 -2.89 13.06 -11.22
CA ASP A 102 -4.12 13.05 -10.42
C ASP A 102 -4.73 11.68 -10.35
N ALA A 103 -3.98 10.69 -10.81
CA ALA A 103 -4.42 9.31 -10.74
C ALA A 103 -4.00 8.75 -9.45
N ASP A 104 -4.71 7.76 -9.03
CA ASP A 104 -4.35 7.08 -7.83
C ASP A 104 -3.26 6.16 -8.19
N ILE A 105 -2.18 6.30 -7.52
CA ILE A 105 -1.04 5.52 -7.83
C ILE A 105 -0.99 4.31 -6.95
N GLY A 106 -0.99 3.16 -7.54
CA GLY A 106 -1.01 1.98 -6.78
C GLY A 106 -0.67 0.78 -7.57
N ASN A 107 -0.63 -0.32 -6.89
CA ASN A 107 -0.26 -1.58 -7.46
C ASN A 107 -0.76 -2.62 -6.51
N TRP A 108 -0.93 -3.81 -6.97
CA TRP A 108 -1.48 -4.85 -6.16
C TRP A 108 -1.37 -6.20 -6.78
N ASP A 109 -1.81 -7.18 -6.05
CA ASP A 109 -1.83 -8.52 -6.50
C ASP A 109 -3.27 -8.88 -6.71
N ASN A 110 -3.59 -9.26 -7.92
CA ASN A 110 -4.92 -9.65 -8.28
C ASN A 110 -4.92 -11.05 -8.90
N MET A 1 7.33 9.43 -15.52
CA MET A 1 7.12 10.77 -16.05
C MET A 1 8.07 11.69 -15.28
N SER A 2 8.96 12.33 -15.97
CA SER A 2 9.98 13.14 -15.34
C SER A 2 9.83 14.63 -15.61
N ARG A 3 8.97 15.27 -14.85
CA ARG A 3 8.70 16.70 -14.94
C ARG A 3 8.25 17.16 -13.57
N PRO A 4 8.19 18.48 -13.28
CA PRO A 4 7.66 19.00 -11.99
C PRO A 4 6.30 18.37 -11.68
N ASP A 5 6.09 18.03 -10.40
CA ASP A 5 4.87 17.35 -9.87
C ASP A 5 4.90 15.87 -10.21
N GLN A 6 5.19 15.62 -11.47
CA GLN A 6 5.25 14.29 -12.04
C GLN A 6 6.45 13.54 -11.48
N ALA A 7 7.44 14.30 -11.02
CA ALA A 7 8.63 13.77 -10.41
C ALA A 7 8.29 13.06 -9.10
N LYS A 8 7.20 13.46 -8.48
CA LYS A 8 6.74 12.82 -7.26
C LYS A 8 5.89 11.63 -7.63
N VAL A 9 5.32 11.67 -8.82
CA VAL A 9 4.49 10.58 -9.30
C VAL A 9 5.39 9.41 -9.69
N THR A 10 6.49 9.72 -10.34
CA THR A 10 7.41 8.74 -10.83
C THR A 10 8.13 7.98 -9.69
N VAL A 11 8.28 8.61 -8.52
CA VAL A 11 8.89 7.92 -7.40
C VAL A 11 7.85 7.04 -6.74
N ALA A 12 6.62 7.55 -6.68
CA ALA A 12 5.49 6.89 -6.06
C ALA A 12 5.22 5.54 -6.69
N LYS A 13 5.46 5.45 -7.99
CA LYS A 13 5.24 4.20 -8.72
C LYS A 13 6.22 3.11 -8.22
N GLY A 14 7.34 3.54 -7.71
CA GLY A 14 8.32 2.62 -7.20
C GLY A 14 8.05 2.32 -5.76
N ASP A 15 7.55 3.30 -5.06
CA ASP A 15 7.26 3.16 -3.64
C ASP A 15 6.07 2.26 -3.40
N ILE A 16 5.10 2.30 -4.30
CA ILE A 16 3.99 1.38 -4.24
C ILE A 16 4.46 -0.05 -4.54
N LYS A 17 5.46 -0.18 -5.43
CA LYS A 17 6.06 -1.51 -5.71
C LYS A 17 6.78 -2.05 -4.48
N ALA A 18 7.29 -1.14 -3.66
CA ALA A 18 7.97 -1.48 -2.42
C ALA A 18 6.98 -2.10 -1.44
N ILE A 19 5.80 -1.54 -1.42
CA ILE A 19 4.74 -2.00 -0.54
C ILE A 19 4.27 -3.39 -0.95
N ALA A 20 4.28 -3.68 -2.24
CA ALA A 20 3.93 -5.01 -2.74
C ALA A 20 4.87 -6.07 -2.15
N ALA A 21 6.13 -5.69 -1.98
CA ALA A 21 7.13 -6.58 -1.43
C ALA A 21 6.90 -6.76 0.07
N ALA A 22 6.41 -5.71 0.71
CA ALA A 22 6.12 -5.73 2.12
C ALA A 22 4.80 -6.44 2.39
N LEU A 23 3.90 -6.40 1.43
CA LEU A 23 2.63 -7.08 1.53
C LEU A 23 2.92 -8.59 1.48
N ASP A 24 3.99 -8.95 0.74
CA ASP A 24 4.49 -10.33 0.74
C ASP A 24 5.17 -10.65 2.05
N MET A 25 5.54 -9.63 2.79
CA MET A 25 6.18 -9.83 4.07
C MET A 25 5.17 -10.04 5.16
N TYR A 26 4.00 -9.43 5.05
CA TYR A 26 2.91 -9.74 5.99
C TYR A 26 2.41 -11.13 5.65
N LYS A 27 2.40 -11.42 4.34
CA LYS A 27 2.12 -12.73 3.81
C LYS A 27 3.08 -13.75 4.44
N LEU A 28 4.26 -13.30 4.76
CA LEU A 28 5.26 -14.09 5.42
C LEU A 28 5.02 -14.10 6.95
N ASP A 29 4.55 -12.97 7.49
CA ASP A 29 4.39 -12.81 8.96
C ASP A 29 3.12 -13.50 9.47
N ASN A 30 2.12 -13.67 8.63
CA ASN A 30 0.90 -14.40 9.02
C ASN A 30 0.63 -15.48 8.06
N PHE A 31 1.66 -15.92 7.35
CA PHE A 31 1.62 -17.04 6.39
C PHE A 31 0.38 -17.04 5.48
N ALA A 32 -0.08 -15.84 5.15
CA ALA A 32 -1.30 -15.64 4.43
C ALA A 32 -1.48 -14.16 4.27
N TYR A 33 -2.32 -13.76 3.34
CA TYR A 33 -2.65 -12.38 3.15
C TYR A 33 -3.60 -11.88 4.22
N PRO A 34 -3.69 -10.55 4.39
CA PRO A 34 -4.62 -9.96 5.33
C PRO A 34 -6.03 -9.94 4.71
N SER A 35 -7.07 -9.75 5.49
CA SER A 35 -8.37 -9.60 4.91
C SER A 35 -8.62 -8.12 4.82
N THR A 36 -9.48 -7.66 3.96
CA THR A 36 -9.64 -6.23 3.86
C THR A 36 -10.43 -5.67 5.10
N GLN A 37 -10.88 -6.58 5.96
CA GLN A 37 -11.50 -6.20 7.20
C GLN A 37 -10.50 -6.39 8.37
N GLN A 38 -10.17 -7.66 8.65
CA GLN A 38 -9.31 -8.00 9.79
C GLN A 38 -7.87 -7.79 9.47
N GLY A 39 -7.49 -8.04 8.24
CA GLY A 39 -6.14 -7.83 7.90
C GLY A 39 -5.80 -6.36 7.73
N LEU A 40 -6.82 -5.52 7.50
CA LEU A 40 -6.57 -4.10 7.33
C LEU A 40 -6.16 -3.54 8.66
N GLU A 41 -6.96 -3.85 9.66
CA GLU A 41 -6.66 -3.44 10.98
C GLU A 41 -5.40 -4.13 11.45
N ALA A 42 -5.14 -5.30 10.94
CA ALA A 42 -3.93 -6.05 11.27
C ALA A 42 -2.68 -5.52 10.54
N LEU A 43 -2.88 -4.56 9.66
CA LEU A 43 -1.77 -3.87 9.03
C LEU A 43 -1.49 -2.57 9.77
N VAL A 44 -2.46 -2.11 10.53
CA VAL A 44 -2.30 -0.89 11.36
C VAL A 44 -1.97 -1.26 12.82
N LYS A 45 -2.63 -2.26 13.25
CA LYS A 45 -2.66 -2.78 14.59
C LYS A 45 -2.18 -4.23 14.53
N LYS A 46 -1.53 -4.69 15.58
CA LYS A 46 -0.95 -6.04 15.63
C LYS A 46 -2.00 -7.11 15.37
N PRO A 47 -1.67 -8.06 14.48
CA PRO A 47 -2.58 -9.12 14.07
C PRO A 47 -2.98 -10.03 15.23
N THR A 48 -4.25 -10.21 15.39
CA THR A 48 -4.77 -11.04 16.42
C THR A 48 -4.93 -12.46 15.93
N GLY A 49 -4.05 -13.31 16.37
CA GLY A 49 -4.04 -14.66 15.95
C GLY A 49 -2.68 -15.24 16.15
N ASN A 50 -2.24 -16.06 15.23
CA ASN A 50 -0.95 -16.68 15.34
C ASN A 50 -0.05 -16.28 14.18
N PRO A 51 0.68 -15.17 14.30
CA PRO A 51 1.64 -14.81 13.30
C PRO A 51 3.02 -15.38 13.69
N GLN A 52 3.89 -15.51 12.75
CA GLN A 52 5.20 -16.07 12.99
C GLN A 52 6.15 -14.95 13.40
N PRO A 53 7.28 -15.26 14.08
CA PRO A 53 8.25 -14.23 14.45
C PRO A 53 8.86 -13.54 13.21
N LYS A 54 8.33 -12.40 12.90
CA LYS A 54 8.71 -11.64 11.76
C LYS A 54 8.48 -10.18 12.13
N ASN A 55 9.28 -9.29 11.60
CA ASN A 55 9.10 -7.85 11.85
C ASN A 55 7.78 -7.34 11.24
N TRP A 56 6.72 -7.36 12.04
CA TRP A 56 5.47 -6.76 11.68
C TRP A 56 5.64 -5.24 11.61
N ASN A 57 5.02 -4.63 10.64
CA ASN A 57 5.09 -3.21 10.45
C ASN A 57 3.67 -2.68 10.34
N LYS A 58 3.40 -1.60 11.03
CA LYS A 58 2.13 -0.92 10.93
C LYS A 58 2.10 -0.15 9.62
N ASP A 59 1.10 0.70 9.48
CA ASP A 59 1.03 1.69 8.41
C ASP A 59 0.87 1.00 7.04
N GLY A 60 0.48 -0.26 7.11
CA GLY A 60 0.13 -0.99 5.91
C GLY A 60 1.19 -1.94 5.44
N TYR A 61 2.21 -2.14 6.27
CA TYR A 61 3.40 -2.91 5.90
C TYR A 61 4.10 -2.24 4.71
N LEU A 62 5.04 -1.40 5.03
CA LEU A 62 5.73 -0.61 4.05
C LEU A 62 7.22 -0.82 4.31
N LYS A 63 8.04 -0.62 3.32
CA LYS A 63 9.49 -0.68 3.48
C LYS A 63 9.98 0.52 4.33
N LYS A 64 11.28 0.70 4.45
CA LYS A 64 11.87 1.79 5.27
C LYS A 64 11.71 3.19 4.65
N LEU A 65 10.67 3.37 3.90
CA LEU A 65 10.39 4.62 3.22
C LEU A 65 9.27 5.33 3.93
N PRO A 66 9.25 6.68 3.94
CA PRO A 66 8.18 7.47 4.54
C PRO A 66 6.85 7.32 3.77
N VAL A 67 5.90 8.16 4.07
CA VAL A 67 4.63 8.11 3.40
C VAL A 67 4.77 8.80 2.02
N ASP A 68 3.75 8.78 1.17
CA ASP A 68 3.93 9.23 -0.21
C ASP A 68 3.93 10.78 -0.24
N PRO A 69 4.48 11.41 -1.32
CA PRO A 69 4.41 12.85 -1.52
C PRO A 69 3.00 13.41 -1.37
N TRP A 70 2.94 14.72 -1.35
CA TRP A 70 1.71 15.55 -1.26
C TRP A 70 1.04 15.36 0.10
N GLY A 71 1.77 14.79 1.03
CA GLY A 71 1.27 14.55 2.38
C GLY A 71 0.23 13.43 2.46
N ASN A 72 -0.11 12.83 1.34
CA ASN A 72 -1.08 11.76 1.29
C ASN A 72 -0.55 10.48 1.91
N PRO A 73 -1.40 9.84 2.72
CA PRO A 73 -1.08 8.57 3.29
C PRO A 73 -1.33 7.47 2.28
N TYR A 74 -0.64 6.38 2.41
CA TYR A 74 -0.96 5.28 1.56
C TYR A 74 -2.25 4.68 2.04
N GLN A 75 -3.05 4.25 1.15
CA GLN A 75 -4.31 3.69 1.49
C GLN A 75 -4.11 2.21 1.37
N TYR A 76 -4.19 1.56 2.48
CA TYR A 76 -3.93 0.17 2.54
C TYR A 76 -5.20 -0.64 2.59
N LEU A 77 -5.37 -1.45 1.59
CA LEU A 77 -6.46 -2.37 1.52
C LEU A 77 -5.92 -3.73 1.22
N ALA A 78 -6.52 -4.70 1.79
CA ALA A 78 -6.20 -6.04 1.53
C ALA A 78 -7.29 -6.53 0.57
N PRO A 79 -7.38 -7.84 0.12
CA PRO A 79 -8.27 -8.21 -0.98
C PRO A 79 -9.65 -7.66 -0.83
N GLY A 80 -9.95 -6.70 -1.66
CA GLY A 80 -11.18 -6.02 -1.56
C GLY A 80 -12.09 -6.40 -2.64
N THR A 81 -11.97 -5.74 -3.74
CA THR A 81 -12.87 -6.01 -4.79
C THR A 81 -12.25 -7.00 -5.76
N LYS A 82 -12.57 -8.25 -5.54
CA LYS A 82 -12.25 -9.38 -6.42
C LYS A 82 -10.74 -9.70 -6.54
N GLY A 83 -9.88 -9.01 -5.79
CA GLY A 83 -8.47 -9.24 -5.98
C GLY A 83 -7.68 -9.27 -4.71
N PRO A 84 -6.62 -10.14 -4.68
CA PRO A 84 -5.68 -10.38 -3.54
C PRO A 84 -5.25 -9.17 -2.70
N PHE A 85 -5.23 -7.96 -3.26
CA PHE A 85 -4.95 -6.74 -2.48
C PHE A 85 -5.16 -5.48 -3.31
N ASP A 86 -5.60 -4.43 -2.65
CA ASP A 86 -5.86 -3.14 -3.28
C ASP A 86 -4.93 -2.12 -2.62
N LEU A 87 -3.90 -1.67 -3.30
CA LEU A 87 -2.96 -0.77 -2.66
C LEU A 87 -2.74 0.47 -3.50
N TYR A 88 -2.87 1.65 -2.89
CA TYR A 88 -2.70 2.91 -3.62
C TYR A 88 -2.54 4.07 -2.67
N SER A 89 -2.12 5.18 -3.18
CA SER A 89 -2.04 6.44 -2.47
C SER A 89 -2.83 7.42 -3.31
N LEU A 90 -3.59 8.28 -2.67
CA LEU A 90 -4.37 9.29 -3.38
C LEU A 90 -3.52 10.26 -4.21
N GLY A 91 -4.16 10.84 -5.24
CA GLY A 91 -3.51 11.84 -6.07
C GLY A 91 -3.25 13.08 -5.27
N ALA A 92 -2.41 13.93 -5.80
CA ALA A 92 -1.91 15.11 -5.12
C ALA A 92 -2.97 16.04 -4.51
N ASP A 93 -4.19 15.99 -4.99
CA ASP A 93 -5.23 16.87 -4.46
C ASP A 93 -6.18 16.10 -3.55
N GLY A 94 -5.96 14.82 -3.40
CA GLY A 94 -6.79 14.02 -2.52
C GLY A 94 -7.95 13.35 -3.20
N LYS A 95 -7.74 12.85 -4.41
CA LYS A 95 -8.77 12.13 -5.12
C LYS A 95 -8.20 10.84 -5.63
N GLU A 96 -9.01 9.82 -5.71
CA GLU A 96 -8.61 8.66 -6.43
C GLU A 96 -9.32 8.71 -7.79
N GLY A 97 -8.57 9.02 -8.79
CA GLY A 97 -9.09 9.15 -10.11
C GLY A 97 -8.04 8.82 -11.12
N GLY A 98 -8.34 9.03 -12.38
CA GLY A 98 -7.38 8.85 -13.43
C GLY A 98 -6.85 10.20 -13.86
N SER A 99 -5.54 10.32 -13.91
CA SER A 99 -4.82 11.54 -14.16
C SER A 99 -3.33 11.20 -14.11
N ASP A 100 -2.47 12.16 -14.28
CA ASP A 100 -1.05 11.93 -14.10
C ASP A 100 -0.69 12.12 -12.64
N ASN A 101 -0.81 13.35 -12.20
CA ASN A 101 -0.42 13.75 -10.85
C ASN A 101 -1.61 13.71 -9.88
N ASP A 102 -2.78 13.95 -10.39
CA ASP A 102 -3.97 14.02 -9.54
C ASP A 102 -4.74 12.70 -9.55
N ALA A 103 -4.05 11.67 -9.96
CA ALA A 103 -4.56 10.32 -9.97
C ALA A 103 -4.03 9.57 -8.80
N ASP A 104 -4.73 8.55 -8.37
CA ASP A 104 -4.24 7.75 -7.30
C ASP A 104 -3.21 6.83 -7.87
N ILE A 105 -2.14 6.70 -7.19
CA ILE A 105 -1.07 5.89 -7.64
C ILE A 105 -1.05 4.61 -6.84
N GLY A 106 -1.11 3.51 -7.49
CA GLY A 106 -1.14 2.30 -6.78
C GLY A 106 -0.74 1.15 -7.61
N ASN A 107 -0.74 0.02 -7.01
CA ASN A 107 -0.38 -1.19 -7.63
C ASN A 107 -1.37 -2.19 -7.19
N TRP A 108 -1.63 -3.14 -7.99
CA TRP A 108 -2.77 -3.95 -7.76
C TRP A 108 -2.47 -5.34 -8.14
N ASP A 109 -3.03 -6.25 -7.40
CA ASP A 109 -2.95 -7.63 -7.74
C ASP A 109 -4.35 -8.16 -7.74
N ASN A 110 -4.90 -8.18 -8.92
CA ASN A 110 -6.26 -8.58 -9.18
C ASN A 110 -6.29 -9.22 -10.55
N MET A 1 9.87 9.64 -14.67
CA MET A 1 9.01 10.74 -15.17
C MET A 1 9.51 12.03 -14.53
N SER A 2 10.32 12.76 -15.23
CA SER A 2 10.96 13.92 -14.66
C SER A 2 10.35 15.24 -15.16
N ARG A 3 9.30 15.68 -14.48
CA ARG A 3 8.62 16.95 -14.73
C ARG A 3 7.98 17.37 -13.41
N PRO A 4 7.64 18.68 -13.25
CA PRO A 4 6.95 19.17 -12.04
C PRO A 4 5.72 18.34 -11.71
N ASP A 5 5.69 17.84 -10.48
CA ASP A 5 4.61 17.00 -9.89
C ASP A 5 4.68 15.56 -10.41
N GLN A 6 5.08 15.40 -11.65
CA GLN A 6 5.23 14.08 -12.25
C GLN A 6 6.44 13.38 -11.61
N ALA A 7 7.31 14.20 -11.03
CA ALA A 7 8.44 13.74 -10.28
C ALA A 7 7.99 13.08 -8.98
N LYS A 8 6.75 13.34 -8.60
CA LYS A 8 6.17 12.74 -7.41
C LYS A 8 5.52 11.43 -7.81
N VAL A 9 5.13 11.33 -9.07
CA VAL A 9 4.48 10.14 -9.59
C VAL A 9 5.52 9.07 -9.74
N THR A 10 6.64 9.47 -10.28
CA THR A 10 7.72 8.58 -10.60
C THR A 10 8.34 7.96 -9.33
N VAL A 11 8.32 8.68 -8.21
CA VAL A 11 8.88 8.14 -6.98
C VAL A 11 7.87 7.24 -6.28
N ALA A 12 6.61 7.60 -6.41
CA ALA A 12 5.54 6.91 -5.74
C ALA A 12 5.30 5.55 -6.36
N LYS A 13 5.46 5.45 -7.68
CA LYS A 13 5.24 4.18 -8.32
C LYS A 13 6.32 3.15 -7.97
N GLY A 14 7.49 3.62 -7.61
CA GLY A 14 8.53 2.71 -7.18
C GLY A 14 8.33 2.39 -5.72
N ASP A 15 7.69 3.32 -5.04
CA ASP A 15 7.46 3.24 -3.62
C ASP A 15 6.33 2.27 -3.34
N ILE A 16 5.30 2.29 -4.19
CA ILE A 16 4.20 1.32 -4.08
C ILE A 16 4.70 -0.10 -4.37
N LYS A 17 5.72 -0.22 -5.23
CA LYS A 17 6.31 -1.53 -5.51
C LYS A 17 7.09 -2.03 -4.30
N ALA A 18 7.58 -1.09 -3.53
CA ALA A 18 8.27 -1.37 -2.28
C ALA A 18 7.29 -1.90 -1.25
N ILE A 19 6.19 -1.18 -1.10
CA ILE A 19 5.13 -1.53 -0.14
C ILE A 19 4.58 -2.90 -0.51
N ALA A 20 4.38 -3.13 -1.80
CA ALA A 20 3.84 -4.40 -2.29
C ALA A 20 4.75 -5.57 -1.93
N ALA A 21 6.04 -5.31 -1.79
CA ALA A 21 7.00 -6.34 -1.46
C ALA A 21 7.00 -6.57 0.04
N ALA A 22 6.59 -5.56 0.77
CA ALA A 22 6.43 -5.67 2.20
C ALA A 22 5.08 -6.30 2.50
N LEU A 23 4.14 -6.10 1.61
CA LEU A 23 2.84 -6.71 1.68
C LEU A 23 3.03 -8.23 1.46
N ASP A 24 4.03 -8.58 0.64
CA ASP A 24 4.46 -9.98 0.48
C ASP A 24 5.11 -10.48 1.76
N MET A 25 5.62 -9.56 2.56
CA MET A 25 6.21 -9.93 3.83
C MET A 25 5.16 -10.18 4.86
N TYR A 26 4.05 -9.43 4.82
CA TYR A 26 2.95 -9.72 5.73
C TYR A 26 2.32 -11.04 5.29
N LYS A 27 2.29 -11.23 3.99
CA LYS A 27 1.87 -12.47 3.36
C LYS A 27 2.69 -13.65 3.90
N LEU A 28 3.92 -13.40 4.19
CA LEU A 28 4.79 -14.40 4.75
C LEU A 28 4.68 -14.42 6.29
N ASP A 29 4.38 -13.28 6.89
CA ASP A 29 4.29 -13.17 8.36
C ASP A 29 2.98 -13.75 8.87
N ASN A 30 1.96 -13.78 8.05
CA ASN A 30 0.68 -14.33 8.47
C ASN A 30 0.25 -15.31 7.46
N PHE A 31 1.22 -15.87 6.74
CA PHE A 31 1.06 -16.98 5.74
C PHE A 31 -0.15 -16.84 4.83
N ALA A 32 -0.51 -15.62 4.53
CA ALA A 32 -1.70 -15.31 3.80
C ALA A 32 -1.79 -13.82 3.71
N TYR A 33 -2.59 -13.33 2.81
CA TYR A 33 -2.85 -11.93 2.77
C TYR A 33 -3.81 -11.52 3.87
N PRO A 34 -3.74 -10.26 4.31
CA PRO A 34 -4.65 -9.72 5.34
C PRO A 34 -6.11 -9.75 4.85
N SER A 35 -7.08 -9.60 5.72
CA SER A 35 -8.42 -9.49 5.24
C SER A 35 -8.72 -8.00 5.13
N THR A 36 -9.63 -7.58 4.31
CA THR A 36 -9.86 -6.15 4.14
C THR A 36 -10.48 -5.54 5.42
N GLN A 37 -10.93 -6.41 6.28
CA GLN A 37 -11.49 -6.05 7.52
C GLN A 37 -10.49 -6.27 8.67
N GLN A 38 -10.11 -7.51 8.93
CA GLN A 38 -9.23 -7.81 10.05
C GLN A 38 -7.81 -7.63 9.69
N GLY A 39 -7.49 -7.85 8.44
CA GLY A 39 -6.17 -7.60 8.00
C GLY A 39 -5.88 -6.12 7.89
N LEU A 40 -6.92 -5.29 7.75
CA LEU A 40 -6.70 -3.84 7.72
C LEU A 40 -6.23 -3.46 9.12
N GLU A 41 -6.95 -3.98 10.11
CA GLU A 41 -6.55 -3.82 11.49
C GLU A 41 -5.26 -4.51 11.77
N ALA A 42 -4.92 -5.47 10.97
CA ALA A 42 -3.70 -6.23 11.14
C ALA A 42 -2.53 -5.58 10.41
N LEU A 43 -2.83 -4.54 9.68
CA LEU A 43 -1.83 -3.76 9.01
C LEU A 43 -1.52 -2.49 9.82
N VAL A 44 -2.44 -2.12 10.69
CA VAL A 44 -2.24 -0.96 11.56
C VAL A 44 -2.00 -1.43 13.02
N LYS A 45 -2.62 -2.54 13.38
CA LYS A 45 -2.52 -3.16 14.73
C LYS A 45 -1.99 -4.59 14.54
N LYS A 46 -1.28 -5.13 15.53
CA LYS A 46 -0.71 -6.48 15.42
C LYS A 46 -1.79 -7.52 15.08
N PRO A 47 -1.48 -8.44 14.14
CA PRO A 47 -2.44 -9.45 13.60
C PRO A 47 -3.12 -10.29 14.67
N THR A 48 -4.29 -10.76 14.36
CA THR A 48 -5.04 -11.58 15.26
C THR A 48 -4.85 -13.06 14.89
N GLY A 49 -4.58 -13.87 15.87
CA GLY A 49 -4.35 -15.26 15.63
C GLY A 49 -2.90 -15.59 15.87
N ASN A 50 -2.31 -16.38 15.00
CA ASN A 50 -0.92 -16.72 15.16
C ASN A 50 -0.17 -16.49 13.85
N PRO A 51 0.63 -15.44 13.79
CA PRO A 51 1.47 -15.19 12.65
C PRO A 51 2.81 -15.97 12.83
N GLN A 52 3.54 -16.14 11.77
CA GLN A 52 4.80 -16.88 11.80
C GLN A 52 5.93 -15.90 12.11
N PRO A 53 7.09 -16.34 12.65
CA PRO A 53 8.14 -15.43 13.17
C PRO A 53 8.72 -14.43 12.15
N LYS A 54 8.20 -13.21 12.22
CA LYS A 54 8.66 -12.04 11.50
C LYS A 54 8.33 -10.83 12.33
N ASN A 55 9.13 -9.80 12.24
CA ASN A 55 8.87 -8.59 13.00
C ASN A 55 7.85 -7.72 12.28
N TRP A 56 6.60 -7.85 12.72
CA TRP A 56 5.47 -7.13 12.15
C TRP A 56 5.68 -5.61 12.14
N ASN A 57 5.20 -4.99 11.10
CA ASN A 57 5.29 -3.58 10.90
C ASN A 57 3.90 -2.99 10.71
N LYS A 58 3.62 -1.85 11.32
CA LYS A 58 2.35 -1.19 11.07
C LYS A 58 2.48 -0.40 9.77
N ASP A 59 1.56 0.53 9.53
CA ASP A 59 1.55 1.34 8.35
C ASP A 59 1.37 0.49 7.12
N GLY A 60 0.80 -0.67 7.33
CA GLY A 60 0.39 -1.52 6.24
C GLY A 60 1.53 -2.27 5.65
N TYR A 61 2.58 -2.46 6.45
CA TYR A 61 3.80 -3.06 5.99
C TYR A 61 4.41 -2.17 4.93
N LEU A 62 5.03 -1.14 5.41
CA LEU A 62 5.56 -0.07 4.63
C LEU A 62 7.06 -0.04 4.83
N LYS A 63 7.76 0.69 4.03
CA LYS A 63 9.18 0.81 4.20
C LYS A 63 9.47 1.90 5.21
N LYS A 64 10.73 2.22 5.41
CA LYS A 64 11.10 3.26 6.36
C LYS A 64 11.21 4.60 5.66
N LEU A 65 10.35 4.77 4.71
CA LEU A 65 10.26 5.96 3.90
C LEU A 65 8.96 6.67 4.22
N PRO A 66 8.93 8.02 4.12
CA PRO A 66 7.73 8.83 4.39
C PRO A 66 6.51 8.43 3.56
N VAL A 67 5.40 9.10 3.81
CA VAL A 67 4.15 8.83 3.14
C VAL A 67 4.17 9.51 1.74
N ASP A 68 3.13 9.33 0.93
CA ASP A 68 3.21 9.76 -0.47
C ASP A 68 3.21 11.26 -0.64
N PRO A 69 3.72 11.74 -1.81
CA PRO A 69 3.65 13.13 -2.20
C PRO A 69 2.24 13.63 -2.22
N TRP A 70 2.10 14.92 -2.38
CA TRP A 70 0.82 15.65 -2.37
C TRP A 70 0.21 15.55 -0.97
N GLY A 71 1.04 15.14 -0.05
CA GLY A 71 0.69 14.94 1.33
C GLY A 71 -0.47 14.01 1.56
N ASN A 72 -0.64 12.98 0.74
CA ASN A 72 -1.70 12.05 1.01
C ASN A 72 -1.15 10.91 1.84
N PRO A 73 -2.01 10.30 2.64
CA PRO A 73 -1.70 9.04 3.22
C PRO A 73 -1.97 7.90 2.24
N TYR A 74 -1.10 6.89 2.23
CA TYR A 74 -1.27 5.72 1.37
C TYR A 74 -2.46 4.90 1.84
N GLN A 75 -3.16 4.32 0.91
CA GLN A 75 -4.37 3.59 1.21
C GLN A 75 -4.03 2.11 1.19
N TYR A 76 -4.21 1.45 2.32
CA TYR A 76 -3.91 0.03 2.39
C TYR A 76 -5.23 -0.71 2.45
N LEU A 77 -5.48 -1.52 1.48
CA LEU A 77 -6.68 -2.34 1.45
C LEU A 77 -6.29 -3.77 1.18
N ALA A 78 -7.08 -4.69 1.63
CA ALA A 78 -6.79 -6.07 1.49
C ALA A 78 -7.89 -6.72 0.63
N PRO A 79 -7.89 -8.05 0.34
CA PRO A 79 -8.80 -8.63 -0.62
C PRO A 79 -10.24 -8.41 -0.33
N GLY A 80 -10.88 -7.79 -1.25
CA GLY A 80 -12.26 -7.50 -1.11
C GLY A 80 -13.07 -8.16 -2.16
N THR A 81 -13.14 -7.53 -3.27
CA THR A 81 -13.85 -8.04 -4.38
C THR A 81 -12.85 -8.45 -5.44
N LYS A 82 -12.67 -9.75 -5.60
CA LYS A 82 -11.84 -10.35 -6.67
C LYS A 82 -10.33 -10.16 -6.50
N GLY A 83 -9.89 -9.38 -5.57
CA GLY A 83 -8.49 -9.10 -5.57
C GLY A 83 -7.81 -9.25 -4.28
N PRO A 84 -6.69 -10.06 -4.26
CA PRO A 84 -5.80 -10.31 -3.10
C PRO A 84 -5.42 -9.08 -2.27
N PHE A 85 -5.47 -7.88 -2.87
CA PHE A 85 -5.27 -6.62 -2.13
C PHE A 85 -5.48 -5.45 -3.05
N ASP A 86 -5.55 -4.27 -2.47
CA ASP A 86 -5.64 -3.01 -3.24
C ASP A 86 -4.70 -2.02 -2.57
N LEU A 87 -3.64 -1.66 -3.25
CA LEU A 87 -2.69 -0.74 -2.66
C LEU A 87 -2.50 0.45 -3.57
N TYR A 88 -2.67 1.65 -3.05
CA TYR A 88 -2.57 2.85 -3.87
C TYR A 88 -2.50 4.09 -3.01
N SER A 89 -2.18 5.18 -3.64
CA SER A 89 -2.25 6.47 -3.03
C SER A 89 -3.11 7.36 -3.91
N LEU A 90 -3.84 8.26 -3.30
CA LEU A 90 -4.61 9.24 -4.06
C LEU A 90 -3.68 10.18 -4.83
N GLY A 91 -4.10 10.60 -6.01
CA GLY A 91 -3.28 11.49 -6.80
C GLY A 91 -3.40 12.92 -6.37
N ALA A 92 -2.84 13.81 -7.15
CA ALA A 92 -2.80 15.25 -6.87
C ALA A 92 -4.18 15.91 -6.81
N ASP A 93 -5.21 15.18 -7.18
CA ASP A 93 -6.55 15.72 -7.16
C ASP A 93 -7.24 15.35 -5.83
N GLY A 94 -6.59 14.48 -5.05
CA GLY A 94 -7.15 14.02 -3.77
C GLY A 94 -8.27 13.01 -3.98
N LYS A 95 -8.39 12.54 -5.19
CA LYS A 95 -9.43 11.63 -5.59
C LYS A 95 -8.84 10.59 -6.52
N GLU A 96 -9.39 9.40 -6.47
CA GLU A 96 -8.99 8.34 -7.34
C GLU A 96 -9.68 8.47 -8.71
N GLY A 97 -8.87 8.73 -9.73
CA GLY A 97 -9.35 8.91 -11.08
C GLY A 97 -8.28 8.47 -12.07
N GLY A 98 -8.51 8.69 -13.36
CA GLY A 98 -7.50 8.31 -14.33
C GLY A 98 -6.87 9.54 -14.93
N SER A 99 -5.56 9.59 -14.87
CA SER A 99 -4.71 10.74 -15.22
C SER A 99 -3.28 10.31 -14.93
N ASP A 100 -2.30 11.16 -15.11
CA ASP A 100 -0.95 10.79 -14.66
C ASP A 100 -0.71 11.15 -13.22
N ASN A 101 -0.61 12.43 -12.91
CA ASN A 101 -0.29 12.84 -11.53
C ASN A 101 -1.55 13.05 -10.71
N ASP A 102 -2.66 13.29 -11.37
CA ASP A 102 -3.94 13.53 -10.69
C ASP A 102 -4.63 12.23 -10.37
N ALA A 103 -4.08 11.17 -10.86
CA ALA A 103 -4.64 9.86 -10.71
C ALA A 103 -4.09 9.17 -9.52
N ASP A 104 -4.83 8.22 -9.04
CA ASP A 104 -4.42 7.42 -7.94
C ASP A 104 -3.46 6.38 -8.48
N ILE A 105 -2.28 6.43 -8.00
CA ILE A 105 -1.30 5.52 -8.45
C ILE A 105 -1.23 4.38 -7.49
N GLY A 106 -1.23 3.21 -8.00
CA GLY A 106 -1.19 2.10 -7.15
C GLY A 106 -0.91 0.85 -7.88
N ASN A 107 -0.80 -0.20 -7.15
CA ASN A 107 -0.49 -1.48 -7.68
C ASN A 107 -1.07 -2.49 -6.75
N TRP A 108 -1.51 -3.56 -7.30
CA TRP A 108 -2.11 -4.60 -6.53
C TRP A 108 -2.12 -5.86 -7.29
N ASP A 109 -2.55 -6.88 -6.64
CA ASP A 109 -2.68 -8.16 -7.26
C ASP A 109 -4.15 -8.44 -7.30
N ASN A 110 -4.64 -8.67 -8.48
CA ASN A 110 -6.03 -8.94 -8.76
C ASN A 110 -6.12 -10.17 -9.63
N MET A 1 9.01 9.43 -15.73
CA MET A 1 8.62 10.83 -15.92
C MET A 1 9.66 11.74 -15.34
N SER A 2 10.38 12.43 -16.19
CA SER A 2 11.39 13.36 -15.75
C SER A 2 10.91 14.79 -15.96
N ARG A 3 9.98 15.22 -15.12
CA ARG A 3 9.37 16.56 -15.18
C ARG A 3 8.85 16.94 -13.80
N PRO A 4 8.79 18.26 -13.48
CA PRO A 4 8.25 18.76 -12.20
C PRO A 4 6.84 18.21 -11.90
N ASP A 5 6.69 17.71 -10.67
CA ASP A 5 5.47 17.06 -10.10
C ASP A 5 5.35 15.65 -10.60
N GLN A 6 5.74 15.43 -11.84
CA GLN A 6 5.77 14.11 -12.44
C GLN A 6 6.89 13.29 -11.79
N ALA A 7 7.87 13.99 -11.24
CA ALA A 7 8.95 13.39 -10.49
C ALA A 7 8.41 12.78 -9.21
N LYS A 8 7.31 13.33 -8.73
CA LYS A 8 6.68 12.81 -7.53
C LYS A 8 5.87 11.58 -7.90
N VAL A 9 5.44 11.53 -9.14
CA VAL A 9 4.61 10.46 -9.65
C VAL A 9 5.47 9.22 -9.85
N THR A 10 6.65 9.44 -10.40
CA THR A 10 7.53 8.37 -10.72
C THR A 10 8.12 7.72 -9.43
N VAL A 11 8.34 8.52 -8.36
CA VAL A 11 8.86 7.93 -7.11
C VAL A 11 7.76 7.15 -6.43
N ALA A 12 6.52 7.61 -6.60
CA ALA A 12 5.37 7.01 -5.98
C ALA A 12 5.11 5.65 -6.57
N LYS A 13 5.26 5.53 -7.88
CA LYS A 13 5.05 4.27 -8.53
C LYS A 13 6.16 3.26 -8.16
N GLY A 14 7.32 3.76 -7.81
CA GLY A 14 8.38 2.89 -7.38
C GLY A 14 8.18 2.51 -5.93
N ASP A 15 7.53 3.40 -5.22
CA ASP A 15 7.30 3.28 -3.80
C ASP A 15 6.22 2.23 -3.57
N ILE A 16 5.18 2.28 -4.38
CA ILE A 16 4.12 1.29 -4.32
C ILE A 16 4.64 -0.11 -4.65
N LYS A 17 5.69 -0.17 -5.49
CA LYS A 17 6.32 -1.46 -5.79
C LYS A 17 7.09 -1.96 -4.58
N ALA A 18 7.59 -1.03 -3.79
CA ALA A 18 8.27 -1.34 -2.55
C ALA A 18 7.29 -1.87 -1.53
N ILE A 19 6.15 -1.21 -1.46
CA ILE A 19 5.09 -1.58 -0.53
C ILE A 19 4.53 -2.93 -0.90
N ALA A 20 4.38 -3.18 -2.20
CA ALA A 20 3.90 -4.48 -2.70
C ALA A 20 4.80 -5.61 -2.22
N ALA A 21 6.08 -5.33 -2.05
CA ALA A 21 7.05 -6.31 -1.61
C ALA A 21 6.93 -6.51 -0.11
N ALA A 22 6.52 -5.46 0.59
CA ALA A 22 6.32 -5.53 2.02
C ALA A 22 4.96 -6.15 2.31
N LEU A 23 4.03 -6.02 1.39
CA LEU A 23 2.75 -6.66 1.51
C LEU A 23 2.99 -8.17 1.39
N ASP A 24 4.03 -8.53 0.63
CA ASP A 24 4.47 -9.93 0.53
C ASP A 24 5.17 -10.35 1.81
N MET A 25 5.57 -9.37 2.58
CA MET A 25 6.20 -9.62 3.84
C MET A 25 5.15 -9.86 4.89
N TYR A 26 4.01 -9.18 4.79
CA TYR A 26 2.89 -9.50 5.67
C TYR A 26 2.37 -10.85 5.26
N LYS A 27 2.44 -11.10 3.96
CA LYS A 27 2.13 -12.39 3.39
C LYS A 27 2.99 -13.47 4.06
N LEU A 28 4.18 -13.11 4.48
CA LEU A 28 5.05 -14.02 5.23
C LEU A 28 4.74 -13.97 6.75
N ASP A 29 4.37 -12.79 7.26
CA ASP A 29 4.13 -12.63 8.72
C ASP A 29 2.85 -13.32 9.14
N ASN A 30 1.94 -13.50 8.23
CA ASN A 30 0.71 -14.26 8.52
C ASN A 30 0.47 -15.30 7.52
N PHE A 31 1.52 -15.68 6.81
CA PHE A 31 1.52 -16.74 5.78
C PHE A 31 0.30 -16.69 4.86
N ALA A 32 -0.18 -15.50 4.60
CA ALA A 32 -1.38 -15.27 3.90
C ALA A 32 -1.59 -13.78 3.79
N TYR A 33 -2.41 -13.36 2.89
CA TYR A 33 -2.76 -11.97 2.77
C TYR A 33 -3.79 -11.56 3.80
N PRO A 34 -3.91 -10.26 4.09
CA PRO A 34 -4.87 -9.74 5.07
C PRO A 34 -6.32 -9.82 4.55
N SER A 35 -7.29 -9.76 5.45
CA SER A 35 -8.64 -9.65 5.02
C SER A 35 -8.96 -8.18 5.08
N THR A 36 -9.89 -7.70 4.33
CA THR A 36 -10.17 -6.28 4.32
C THR A 36 -10.79 -5.83 5.66
N GLN A 37 -11.14 -6.79 6.47
CA GLN A 37 -11.64 -6.50 7.77
C GLN A 37 -10.56 -6.75 8.82
N GLN A 38 -10.18 -8.01 9.00
CA GLN A 38 -9.25 -8.34 10.06
C GLN A 38 -7.85 -8.08 9.66
N GLY A 39 -7.53 -8.35 8.41
CA GLY A 39 -6.21 -8.09 7.98
C GLY A 39 -5.94 -6.60 7.84
N LEU A 40 -6.98 -5.79 7.71
CA LEU A 40 -6.80 -4.34 7.59
C LEU A 40 -6.38 -3.83 8.94
N GLU A 41 -7.11 -4.26 9.97
CA GLU A 41 -6.76 -3.91 11.33
C GLU A 41 -5.44 -4.53 11.70
N ALA A 42 -5.14 -5.68 11.12
CA ALA A 42 -3.89 -6.38 11.37
C ALA A 42 -2.76 -5.83 10.50
N LEU A 43 -3.07 -4.92 9.63
CA LEU A 43 -2.08 -4.31 8.78
C LEU A 43 -1.66 -2.99 9.43
N VAL A 44 -2.55 -2.44 10.24
CA VAL A 44 -2.31 -1.19 10.94
C VAL A 44 -1.92 -1.46 12.40
N LYS A 45 -2.55 -2.44 12.98
CA LYS A 45 -2.39 -2.86 14.36
C LYS A 45 -2.01 -4.35 14.37
N LYS A 46 -1.30 -4.78 15.38
CA LYS A 46 -0.72 -6.14 15.43
C LYS A 46 -1.77 -7.27 15.22
N PRO A 47 -1.48 -8.17 14.25
CA PRO A 47 -2.41 -9.20 13.78
C PRO A 47 -2.96 -10.13 14.83
N THR A 48 -4.24 -10.15 14.89
CA THR A 48 -4.97 -11.02 15.74
C THR A 48 -5.44 -12.20 14.92
N GLY A 49 -4.96 -13.35 15.25
CA GLY A 49 -5.25 -14.52 14.49
C GLY A 49 -4.10 -15.47 14.60
N ASN A 50 -3.46 -15.77 13.51
CA ASN A 50 -2.32 -16.66 13.54
C ASN A 50 -1.20 -16.15 12.65
N PRO A 51 -0.28 -15.35 13.21
CA PRO A 51 0.89 -14.93 12.50
C PRO A 51 2.11 -15.76 12.85
N GLN A 52 3.04 -15.63 12.01
CA GLN A 52 4.22 -16.39 11.99
C GLN A 52 5.35 -15.47 12.39
N PRO A 53 6.24 -15.87 13.33
CA PRO A 53 7.35 -15.01 13.84
C PRO A 53 8.14 -14.28 12.73
N LYS A 54 7.79 -13.03 12.55
CA LYS A 54 8.38 -12.14 11.61
C LYS A 54 8.19 -10.73 12.19
N ASN A 55 9.09 -9.82 11.92
CA ASN A 55 8.91 -8.45 12.40
C ASN A 55 7.80 -7.72 11.62
N TRP A 56 6.62 -7.69 12.22
CA TRP A 56 5.46 -7.00 11.71
C TRP A 56 5.71 -5.48 11.61
N ASN A 57 5.14 -4.88 10.59
CA ASN A 57 5.20 -3.46 10.37
C ASN A 57 3.79 -2.89 10.29
N LYS A 58 3.57 -1.80 10.98
CA LYS A 58 2.29 -1.12 10.99
C LYS A 58 2.07 -0.35 9.71
N ASP A 59 0.89 0.22 9.65
CA ASP A 59 0.50 1.21 8.66
C ASP A 59 0.64 0.70 7.22
N GLY A 60 0.51 -0.59 7.06
CA GLY A 60 0.37 -1.12 5.72
C GLY A 60 1.42 -2.11 5.32
N TYR A 61 2.43 -2.32 6.18
CA TYR A 61 3.61 -3.07 5.81
C TYR A 61 4.33 -2.38 4.66
N LEU A 62 5.25 -1.57 5.02
CA LEU A 62 5.99 -0.78 4.10
C LEU A 62 7.46 -0.98 4.49
N LYS A 63 8.36 -0.52 3.69
CA LYS A 63 9.75 -0.57 4.03
C LYS A 63 10.09 0.71 4.79
N LYS A 64 11.36 1.00 4.91
CA LYS A 64 11.79 2.23 5.56
C LYS A 64 11.79 3.44 4.60
N LEU A 65 10.85 3.39 3.69
CA LEU A 65 10.63 4.42 2.68
C LEU A 65 9.55 5.38 3.19
N PRO A 66 9.61 6.67 2.78
CA PRO A 66 8.63 7.70 3.16
C PRO A 66 7.19 7.41 2.67
N VAL A 67 6.34 8.40 2.77
CA VAL A 67 4.97 8.27 2.33
C VAL A 67 4.85 8.95 0.94
N ASP A 68 3.68 8.88 0.30
CA ASP A 68 3.52 9.45 -1.04
C ASP A 68 3.58 10.97 -1.01
N PRO A 69 4.16 11.59 -2.07
CA PRO A 69 4.19 13.04 -2.24
C PRO A 69 2.83 13.68 -2.11
N TRP A 70 2.80 14.99 -2.08
CA TRP A 70 1.58 15.81 -1.91
C TRP A 70 0.95 15.52 -0.53
N GLY A 71 1.75 14.88 0.30
CA GLY A 71 1.41 14.58 1.67
C GLY A 71 0.36 13.47 1.88
N ASN A 72 0.01 12.68 0.86
CA ASN A 72 -1.00 11.66 1.05
C ASN A 72 -0.44 10.44 1.76
N PRO A 73 -1.08 10.05 2.89
CA PRO A 73 -0.82 8.77 3.50
C PRO A 73 -1.33 7.66 2.58
N TYR A 74 -0.67 6.53 2.57
CA TYR A 74 -1.04 5.43 1.71
C TYR A 74 -2.35 4.81 2.13
N GLN A 75 -3.09 4.37 1.15
CA GLN A 75 -4.40 3.82 1.38
C GLN A 75 -4.23 2.34 1.29
N TYR A 76 -4.51 1.68 2.35
CA TYR A 76 -4.34 0.27 2.43
C TYR A 76 -5.66 -0.45 2.53
N LEU A 77 -5.94 -1.26 1.55
CA LEU A 77 -7.09 -2.10 1.54
C LEU A 77 -6.69 -3.53 1.23
N ALA A 78 -7.47 -4.46 1.67
CA ALA A 78 -7.20 -5.82 1.40
C ALA A 78 -8.15 -6.27 0.25
N PRO A 79 -8.17 -7.57 -0.21
CA PRO A 79 -8.79 -7.99 -1.48
C PRO A 79 -10.10 -7.33 -1.80
N GLY A 80 -10.06 -6.53 -2.82
CA GLY A 80 -11.22 -5.82 -3.25
C GLY A 80 -12.00 -6.62 -4.22
N THR A 81 -11.68 -6.49 -5.47
CA THR A 81 -12.41 -7.19 -6.47
C THR A 81 -11.54 -8.28 -7.00
N LYS A 82 -11.73 -9.46 -6.44
CA LYS A 82 -11.08 -10.72 -6.85
C LYS A 82 -9.55 -10.72 -6.63
N GLY A 83 -9.00 -9.60 -6.21
CA GLY A 83 -7.59 -9.49 -6.09
C GLY A 83 -7.13 -9.37 -4.69
N PRO A 84 -6.18 -10.26 -4.28
CA PRO A 84 -5.55 -10.36 -2.93
C PRO A 84 -5.31 -9.07 -2.14
N PHE A 85 -5.20 -7.91 -2.78
CA PHE A 85 -5.09 -6.65 -2.02
C PHE A 85 -5.31 -5.44 -2.90
N ASP A 86 -5.39 -4.27 -2.27
CA ASP A 86 -5.49 -2.98 -2.96
C ASP A 86 -4.58 -1.99 -2.25
N LEU A 87 -3.47 -1.65 -2.87
CA LEU A 87 -2.55 -0.71 -2.27
C LEU A 87 -2.37 0.46 -3.22
N TYR A 88 -2.55 1.68 -2.71
CA TYR A 88 -2.46 2.87 -3.54
C TYR A 88 -2.39 4.09 -2.67
N SER A 89 -2.06 5.21 -3.24
CA SER A 89 -2.17 6.47 -2.58
C SER A 89 -3.00 7.37 -3.47
N LEU A 90 -3.65 8.33 -2.90
CA LEU A 90 -4.40 9.30 -3.67
C LEU A 90 -3.47 10.24 -4.42
N GLY A 91 -3.96 10.85 -5.49
CA GLY A 91 -3.15 11.77 -6.25
C GLY A 91 -3.01 13.12 -5.57
N ALA A 92 -2.45 14.05 -6.30
CA ALA A 92 -2.15 15.39 -5.80
C ALA A 92 -3.40 16.18 -5.40
N ASP A 93 -4.53 15.79 -5.92
CA ASP A 93 -5.78 16.45 -5.60
C ASP A 93 -6.49 15.73 -4.45
N GLY A 94 -5.89 14.65 -4.00
CA GLY A 94 -6.53 13.83 -3.00
C GLY A 94 -7.74 13.18 -3.60
N LYS A 95 -7.54 12.66 -4.78
CA LYS A 95 -8.60 12.10 -5.57
C LYS A 95 -8.11 10.79 -6.14
N GLU A 96 -8.99 9.82 -6.25
CA GLU A 96 -8.64 8.59 -6.90
C GLU A 96 -9.23 8.53 -8.32
N GLY A 97 -8.38 8.67 -9.29
CA GLY A 97 -8.81 8.68 -10.67
C GLY A 97 -7.75 8.14 -11.56
N GLY A 98 -7.95 8.22 -12.87
CA GLY A 98 -6.90 7.85 -13.78
C GLY A 98 -6.43 9.10 -14.47
N SER A 99 -5.14 9.35 -14.40
CA SER A 99 -4.52 10.62 -14.76
C SER A 99 -3.01 10.50 -14.51
N ASP A 100 -2.26 11.57 -14.70
CA ASP A 100 -0.84 11.58 -14.34
C ASP A 100 -0.68 11.61 -12.83
N ASN A 101 -0.94 12.77 -12.25
CA ASN A 101 -0.78 12.96 -10.80
C ASN A 101 -2.14 13.04 -10.13
N ASP A 102 -3.15 13.11 -10.95
CA ASP A 102 -4.53 13.22 -10.48
C ASP A 102 -5.11 11.80 -10.32
N ALA A 103 -4.25 10.85 -10.57
CA ALA A 103 -4.55 9.46 -10.49
C ALA A 103 -4.22 8.93 -9.15
N ASP A 104 -4.88 7.86 -8.77
CA ASP A 104 -4.50 7.18 -7.58
C ASP A 104 -3.38 6.26 -7.97
N ILE A 105 -2.28 6.41 -7.35
CA ILE A 105 -1.15 5.64 -7.70
C ILE A 105 -1.01 4.43 -6.83
N GLY A 106 -1.17 3.28 -7.42
CA GLY A 106 -1.11 2.10 -6.66
C GLY A 106 -0.92 0.90 -7.49
N ASN A 107 -0.86 -0.21 -6.84
CA ASN A 107 -0.64 -1.47 -7.46
C ASN A 107 -1.02 -2.54 -6.48
N TRP A 108 -1.30 -3.68 -6.96
CA TRP A 108 -1.72 -4.76 -6.14
C TRP A 108 -1.58 -6.05 -6.86
N ASP A 109 -1.89 -7.10 -6.17
CA ASP A 109 -1.90 -8.40 -6.76
C ASP A 109 -3.33 -8.78 -6.97
N ASN A 110 -3.63 -9.02 -8.21
CA ASN A 110 -4.93 -9.43 -8.65
C ASN A 110 -4.72 -10.30 -9.88
N MET A 1 9.77 10.59 -14.86
CA MET A 1 9.13 11.92 -14.75
C MET A 1 9.90 12.81 -13.79
N SER A 2 10.77 13.63 -14.31
CA SER A 2 11.53 14.55 -13.51
C SER A 2 11.13 15.97 -13.85
N ARG A 3 9.87 16.26 -13.60
CA ARG A 3 9.29 17.55 -13.90
C ARG A 3 8.10 17.76 -12.97
N PRO A 4 7.64 19.05 -12.78
CA PRO A 4 6.55 19.45 -11.87
C PRO A 4 5.47 18.42 -11.62
N ASP A 5 5.34 18.07 -10.33
CA ASP A 5 4.33 17.15 -9.74
C ASP A 5 4.45 15.69 -10.20
N GLN A 6 4.78 15.50 -11.46
CA GLN A 6 4.98 14.17 -12.00
C GLN A 6 6.23 13.55 -11.40
N ALA A 7 7.10 14.39 -10.88
CA ALA A 7 8.27 13.98 -10.15
C ALA A 7 7.86 13.23 -8.87
N LYS A 8 6.66 13.51 -8.40
CA LYS A 8 6.14 12.87 -7.21
C LYS A 8 5.48 11.55 -7.60
N VAL A 9 5.04 11.50 -8.85
CA VAL A 9 4.33 10.33 -9.35
C VAL A 9 5.31 9.20 -9.57
N THR A 10 6.42 9.53 -10.16
CA THR A 10 7.41 8.56 -10.52
C THR A 10 8.03 7.88 -9.28
N VAL A 11 8.22 8.65 -8.19
CA VAL A 11 8.79 8.06 -6.98
C VAL A 11 7.75 7.19 -6.30
N ALA A 12 6.49 7.62 -6.36
CA ALA A 12 5.41 6.89 -5.74
C ALA A 12 5.23 5.56 -6.41
N LYS A 13 5.50 5.51 -7.71
CA LYS A 13 5.39 4.26 -8.45
C LYS A 13 6.43 3.24 -7.96
N GLY A 14 7.50 3.75 -7.43
CA GLY A 14 8.53 2.89 -6.91
C GLY A 14 8.23 2.51 -5.49
N ASP A 15 7.59 3.42 -4.79
CA ASP A 15 7.27 3.22 -3.38
C ASP A 15 6.11 2.27 -3.23
N ILE A 16 5.18 2.32 -4.16
CA ILE A 16 4.07 1.38 -4.18
C ILE A 16 4.59 -0.03 -4.46
N LYS A 17 5.61 -0.14 -5.33
CA LYS A 17 6.22 -1.44 -5.61
C LYS A 17 6.93 -1.99 -4.39
N ALA A 18 7.43 -1.07 -3.58
CA ALA A 18 8.09 -1.41 -2.33
C ALA A 18 7.10 -2.05 -1.37
N ILE A 19 5.93 -1.44 -1.28
CA ILE A 19 4.86 -1.91 -0.40
C ILE A 19 4.38 -3.28 -0.84
N ALA A 20 4.30 -3.49 -2.15
CA ALA A 20 3.86 -4.77 -2.71
C ALA A 20 4.78 -5.92 -2.29
N ALA A 21 6.03 -5.60 -2.03
CA ALA A 21 7.01 -6.59 -1.63
C ALA A 21 6.89 -6.85 -0.13
N ALA A 22 6.54 -5.82 0.60
CA ALA A 22 6.40 -5.91 2.03
C ALA A 22 5.05 -6.52 2.41
N LEU A 23 4.06 -6.33 1.56
CA LEU A 23 2.73 -6.91 1.73
C LEU A 23 2.88 -8.43 1.62
N ASP A 24 3.86 -8.86 0.83
CA ASP A 24 4.19 -10.27 0.71
C ASP A 24 4.93 -10.75 1.98
N MET A 25 5.56 -9.82 2.67
CA MET A 25 6.23 -10.16 3.91
C MET A 25 5.21 -10.28 5.04
N TYR A 26 4.07 -9.59 4.92
CA TYR A 26 2.96 -9.80 5.84
C TYR A 26 2.37 -11.15 5.51
N LYS A 27 2.28 -11.42 4.20
CA LYS A 27 1.83 -12.71 3.69
C LYS A 27 2.66 -13.85 4.30
N LEU A 28 3.94 -13.60 4.48
CA LEU A 28 4.83 -14.55 5.13
C LEU A 28 4.56 -14.59 6.65
N ASP A 29 4.24 -13.43 7.22
CA ASP A 29 4.05 -13.27 8.68
C ASP A 29 2.76 -13.94 9.17
N ASN A 30 1.80 -14.12 8.28
CA ASN A 30 0.51 -14.77 8.64
C ASN A 30 0.23 -15.85 7.69
N PHE A 31 1.28 -16.32 7.00
CA PHE A 31 1.23 -17.42 6.00
C PHE A 31 0.03 -17.31 5.06
N ALA A 32 -0.36 -16.07 4.82
CA ALA A 32 -1.56 -15.71 4.12
C ALA A 32 -1.65 -14.20 4.13
N TYR A 33 -2.45 -13.66 3.25
CA TYR A 33 -2.70 -12.24 3.24
C TYR A 33 -3.61 -11.78 4.38
N PRO A 34 -3.54 -10.47 4.70
CA PRO A 34 -4.45 -9.84 5.66
C PRO A 34 -5.86 -9.68 5.04
N SER A 35 -6.92 -9.53 5.83
CA SER A 35 -8.24 -9.37 5.24
C SER A 35 -8.46 -7.89 5.03
N THR A 36 -9.32 -7.48 4.12
CA THR A 36 -9.48 -6.05 3.90
C THR A 36 -10.10 -5.36 5.14
N GLN A 37 -10.71 -6.15 6.00
CA GLN A 37 -11.23 -5.62 7.23
C GLN A 37 -10.26 -5.80 8.38
N GLN A 38 -10.00 -7.05 8.76
CA GLN A 38 -9.19 -7.32 9.94
C GLN A 38 -7.75 -7.24 9.61
N GLY A 39 -7.39 -7.59 8.41
CA GLY A 39 -6.04 -7.48 8.04
C GLY A 39 -5.63 -6.03 7.77
N LEU A 40 -6.60 -5.15 7.50
CA LEU A 40 -6.28 -3.73 7.32
C LEU A 40 -5.86 -3.20 8.67
N GLU A 41 -6.64 -3.55 9.66
CA GLU A 41 -6.34 -3.20 11.02
C GLU A 41 -5.16 -3.99 11.53
N ALA A 42 -4.80 -5.04 10.83
CA ALA A 42 -3.65 -5.84 11.15
C ALA A 42 -2.42 -5.29 10.44
N LEU A 43 -2.64 -4.34 9.56
CA LEU A 43 -1.55 -3.64 8.92
C LEU A 43 -1.22 -2.37 9.69
N VAL A 44 -2.19 -1.91 10.45
CA VAL A 44 -1.98 -0.72 11.27
C VAL A 44 -1.76 -1.08 12.76
N LYS A 45 -2.41 -2.12 13.21
CA LYS A 45 -2.32 -2.58 14.60
C LYS A 45 -1.86 -4.04 14.54
N LYS A 46 -1.15 -4.54 15.57
CA LYS A 46 -0.57 -5.91 15.52
C LYS A 46 -1.63 -6.96 15.18
N PRO A 47 -1.26 -7.89 14.30
CA PRO A 47 -2.18 -8.79 13.63
C PRO A 47 -3.09 -9.63 14.50
N THR A 48 -4.31 -9.70 14.05
CA THR A 48 -5.33 -10.52 14.59
C THR A 48 -5.28 -11.87 13.89
N GLY A 49 -6.15 -12.80 14.23
CA GLY A 49 -6.10 -14.09 13.60
C GLY A 49 -4.94 -14.89 14.13
N ASN A 50 -4.17 -15.47 13.24
CA ASN A 50 -3.02 -16.27 13.65
C ASN A 50 -1.80 -15.97 12.82
N PRO A 51 -0.99 -15.01 13.25
CA PRO A 51 0.29 -14.72 12.65
C PRO A 51 1.39 -15.52 13.35
N GLN A 52 2.52 -15.66 12.74
CA GLN A 52 3.63 -16.38 13.35
C GLN A 52 4.60 -15.38 13.95
N PRO A 53 5.45 -15.76 14.93
CA PRO A 53 6.45 -14.84 15.51
C PRO A 53 7.41 -14.35 14.43
N LYS A 54 7.15 -13.16 13.94
CA LYS A 54 7.89 -12.55 12.88
C LYS A 54 7.79 -11.03 13.09
N ASN A 55 8.84 -10.30 12.72
CA ASN A 55 8.86 -8.82 12.85
C ASN A 55 7.80 -8.12 11.98
N TRP A 56 6.63 -7.94 12.57
CA TRP A 56 5.50 -7.23 12.01
C TRP A 56 5.82 -5.74 11.84
N ASN A 57 5.29 -5.16 10.81
CA ASN A 57 5.47 -3.76 10.51
C ASN A 57 4.11 -3.09 10.36
N LYS A 58 3.89 -1.97 11.03
CA LYS A 58 2.65 -1.24 10.83
C LYS A 58 2.79 -0.37 9.61
N ASP A 59 1.80 0.47 9.41
CA ASP A 59 1.80 1.46 8.36
C ASP A 59 1.76 0.77 7.02
N GLY A 60 1.16 -0.41 7.05
CA GLY A 60 0.81 -1.09 5.84
C GLY A 60 1.83 -2.03 5.35
N TYR A 61 2.87 -2.26 6.16
CA TYR A 61 4.01 -3.02 5.75
C TYR A 61 4.66 -2.29 4.58
N LEU A 62 5.40 -1.29 4.94
CA LEU A 62 5.94 -0.37 3.99
C LEU A 62 7.45 -0.36 4.21
N LYS A 63 8.21 -0.07 3.20
CA LYS A 63 9.64 0.08 3.34
C LYS A 63 9.94 1.43 3.99
N LYS A 64 11.19 1.75 4.22
CA LYS A 64 11.51 3.02 4.84
C LYS A 64 11.50 4.20 3.89
N LEU A 65 10.32 4.48 3.44
CA LEU A 65 9.98 5.60 2.63
C LEU A 65 8.84 6.28 3.34
N PRO A 66 8.71 7.60 3.25
CA PRO A 66 7.64 8.33 3.92
C PRO A 66 6.26 8.05 3.31
N VAL A 67 5.28 8.81 3.69
CA VAL A 67 3.98 8.66 3.13
C VAL A 67 4.01 9.37 1.77
N ASP A 68 2.97 9.27 0.98
CA ASP A 68 3.06 9.75 -0.39
C ASP A 68 2.92 11.25 -0.49
N PRO A 69 3.44 11.83 -1.60
CA PRO A 69 3.29 13.24 -1.92
C PRO A 69 1.83 13.66 -1.93
N TRP A 70 1.61 14.95 -2.03
CA TRP A 70 0.27 15.58 -2.01
C TRP A 70 -0.37 15.37 -0.64
N GLY A 71 0.47 14.98 0.30
CA GLY A 71 0.10 14.71 1.66
C GLY A 71 -0.95 13.63 1.84
N ASN A 72 -1.04 12.67 0.94
CA ASN A 72 -2.02 11.63 1.15
C ASN A 72 -1.38 10.54 1.95
N PRO A 73 -2.19 9.83 2.72
CA PRO A 73 -1.77 8.60 3.28
C PRO A 73 -1.95 7.51 2.24
N TYR A 74 -1.06 6.55 2.20
CA TYR A 74 -1.23 5.44 1.30
C TYR A 74 -2.45 4.68 1.76
N GLN A 75 -3.20 4.18 0.85
CA GLN A 75 -4.44 3.54 1.20
C GLN A 75 -4.17 2.05 1.14
N TYR A 76 -4.24 1.42 2.29
CA TYR A 76 -3.96 0.01 2.38
C TYR A 76 -5.25 -0.73 2.37
N LEU A 77 -5.43 -1.56 1.40
CA LEU A 77 -6.57 -2.41 1.31
C LEU A 77 -6.07 -3.81 1.09
N ALA A 78 -6.83 -4.75 1.50
CA ALA A 78 -6.42 -6.08 1.43
C ALA A 78 -7.48 -6.85 0.64
N PRO A 79 -7.35 -8.17 0.43
CA PRO A 79 -8.32 -8.90 -0.35
C PRO A 79 -9.71 -8.94 0.27
N GLY A 80 -10.67 -8.65 -0.56
CA GLY A 80 -12.03 -8.67 -0.15
C GLY A 80 -12.95 -8.66 -1.32
N THR A 81 -12.98 -7.57 -2.03
CA THR A 81 -13.84 -7.46 -3.16
C THR A 81 -13.09 -7.81 -4.43
N LYS A 82 -13.24 -9.06 -4.87
CA LYS A 82 -12.57 -9.62 -6.09
C LYS A 82 -11.07 -9.35 -6.21
N GLY A 83 -10.43 -9.06 -5.11
CA GLY A 83 -9.05 -8.74 -5.15
C GLY A 83 -8.25 -9.50 -4.18
N PRO A 84 -7.06 -9.97 -4.61
CA PRO A 84 -6.01 -10.48 -3.72
C PRO A 84 -5.45 -9.38 -2.81
N PHE A 85 -5.50 -8.10 -3.27
CA PHE A 85 -5.15 -6.91 -2.43
C PHE A 85 -5.23 -5.66 -3.27
N ASP A 86 -5.26 -4.49 -2.62
CA ASP A 86 -5.26 -3.19 -3.32
C ASP A 86 -4.37 -2.22 -2.59
N LEU A 87 -3.39 -1.69 -3.26
CA LEU A 87 -2.52 -0.72 -2.65
C LEU A 87 -2.41 0.47 -3.57
N TYR A 88 -2.73 1.66 -3.04
CA TYR A 88 -2.69 2.87 -3.86
C TYR A 88 -2.78 4.10 -3.00
N SER A 89 -2.51 5.23 -3.57
CA SER A 89 -2.74 6.52 -2.95
C SER A 89 -3.58 7.38 -3.88
N LEU A 90 -4.26 8.34 -3.31
CA LEU A 90 -5.05 9.29 -4.08
C LEU A 90 -4.15 10.23 -4.91
N GLY A 91 -4.65 10.71 -6.04
CA GLY A 91 -3.88 11.61 -6.87
C GLY A 91 -3.82 13.01 -6.30
N ALA A 92 -3.16 13.90 -7.01
CA ALA A 92 -2.94 15.29 -6.59
C ALA A 92 -4.23 16.06 -6.29
N ASP A 93 -5.33 15.61 -6.83
CA ASP A 93 -6.58 16.31 -6.60
C ASP A 93 -7.35 15.69 -5.43
N GLY A 94 -6.90 14.53 -4.97
CA GLY A 94 -7.60 13.82 -3.91
C GLY A 94 -8.64 12.87 -4.49
N LYS A 95 -8.64 12.80 -5.79
CA LYS A 95 -9.52 11.97 -6.53
C LYS A 95 -8.78 10.71 -6.93
N GLU A 96 -9.47 9.61 -6.95
CA GLU A 96 -8.92 8.40 -7.46
C GLU A 96 -9.46 8.19 -8.89
N GLY A 97 -8.61 8.43 -9.84
CA GLY A 97 -9.02 8.36 -11.22
C GLY A 97 -7.86 7.96 -12.09
N GLY A 98 -8.05 7.99 -13.39
CA GLY A 98 -6.98 7.70 -14.30
C GLY A 98 -6.49 8.99 -14.87
N SER A 99 -5.20 9.20 -14.78
CA SER A 99 -4.51 10.44 -15.08
C SER A 99 -3.02 10.22 -14.82
N ASP A 100 -2.21 11.23 -14.99
CA ASP A 100 -0.82 11.09 -14.62
C ASP A 100 -0.61 11.36 -13.13
N ASN A 101 -0.70 12.60 -12.74
CA ASN A 101 -0.46 13.00 -11.35
C ASN A 101 -1.77 13.10 -10.56
N ASP A 102 -2.89 13.12 -11.26
CA ASP A 102 -4.21 13.25 -10.60
C ASP A 102 -4.85 11.88 -10.45
N ALA A 103 -4.10 10.86 -10.81
CA ALA A 103 -4.55 9.48 -10.79
C ALA A 103 -4.31 8.82 -9.46
N ASP A 104 -5.08 7.78 -9.19
CA ASP A 104 -4.82 6.99 -8.02
C ASP A 104 -3.68 6.09 -8.36
N ILE A 105 -2.59 6.33 -7.70
CA ILE A 105 -1.39 5.65 -8.01
C ILE A 105 -1.17 4.47 -7.11
N GLY A 106 -1.11 3.33 -7.70
CA GLY A 106 -0.97 2.15 -6.93
C GLY A 106 -0.67 0.95 -7.75
N ASN A 107 -0.55 -0.15 -7.08
CA ASN A 107 -0.24 -1.41 -7.68
C ASN A 107 -0.84 -2.47 -6.81
N TRP A 108 -1.22 -3.55 -7.39
CA TRP A 108 -1.91 -4.58 -6.70
C TRP A 108 -2.02 -5.80 -7.55
N ASP A 109 -2.60 -6.80 -7.01
CA ASP A 109 -2.87 -7.97 -7.75
C ASP A 109 -4.36 -8.13 -7.75
N ASN A 110 -4.89 -8.46 -8.90
CA ASN A 110 -6.32 -8.55 -9.13
C ASN A 110 -6.62 -9.80 -9.92
N MET A 1 8.45 9.43 -15.82
CA MET A 1 7.85 10.74 -16.08
C MET A 1 8.38 11.71 -15.04
N SER A 2 9.36 12.51 -15.38
CA SER A 2 9.99 13.38 -14.42
C SER A 2 9.86 14.85 -14.77
N ARG A 3 8.79 15.43 -14.29
CA ARG A 3 8.47 16.82 -14.45
C ARG A 3 7.53 17.18 -13.30
N PRO A 4 7.19 18.48 -13.06
CA PRO A 4 6.29 18.90 -11.93
C PRO A 4 5.06 17.99 -11.74
N ASP A 5 4.90 17.48 -10.52
CA ASP A 5 3.82 16.55 -10.09
C ASP A 5 3.99 15.14 -10.62
N GLN A 6 4.54 15.03 -11.81
CA GLN A 6 4.81 13.73 -12.41
C GLN A 6 5.98 13.08 -11.71
N ALA A 7 6.88 13.91 -11.20
CA ALA A 7 8.00 13.45 -10.42
C ALA A 7 7.49 12.71 -9.18
N LYS A 8 6.36 13.16 -8.69
CA LYS A 8 5.74 12.58 -7.53
C LYS A 8 5.09 11.24 -7.91
N VAL A 9 4.74 11.10 -9.19
CA VAL A 9 4.14 9.87 -9.69
C VAL A 9 5.21 8.82 -9.83
N THR A 10 6.34 9.23 -10.38
CA THR A 10 7.38 8.31 -10.68
C THR A 10 8.12 7.84 -9.40
N VAL A 11 8.22 8.71 -8.38
CA VAL A 11 8.83 8.26 -7.13
C VAL A 11 7.87 7.32 -6.43
N ALA A 12 6.58 7.61 -6.56
CA ALA A 12 5.56 6.81 -5.97
C ALA A 12 5.51 5.43 -6.57
N LYS A 13 5.86 5.32 -7.86
CA LYS A 13 5.81 4.01 -8.54
C LYS A 13 6.82 3.05 -7.91
N GLY A 14 7.86 3.61 -7.32
CA GLY A 14 8.86 2.81 -6.67
C GLY A 14 8.45 2.52 -5.25
N ASP A 15 7.76 3.45 -4.63
CA ASP A 15 7.37 3.29 -3.25
C ASP A 15 6.13 2.45 -3.08
N ILE A 16 5.30 2.43 -4.08
CA ILE A 16 4.17 1.51 -4.09
C ILE A 16 4.67 0.10 -4.34
N LYS A 17 5.75 -0.01 -5.12
CA LYS A 17 6.38 -1.29 -5.42
C LYS A 17 7.06 -1.83 -4.15
N ALA A 18 7.43 -0.90 -3.28
CA ALA A 18 8.01 -1.21 -1.99
C ALA A 18 6.99 -1.89 -1.11
N ILE A 19 5.80 -1.31 -1.08
CA ILE A 19 4.70 -1.81 -0.28
C ILE A 19 4.34 -3.21 -0.74
N ALA A 20 4.25 -3.37 -2.05
CA ALA A 20 3.94 -4.67 -2.66
C ALA A 20 4.90 -5.77 -2.22
N ALA A 21 6.11 -5.40 -1.91
CA ALA A 21 7.12 -6.36 -1.53
C ALA A 21 7.04 -6.65 -0.04
N ALA A 22 6.80 -5.63 0.76
CA ALA A 22 6.72 -5.82 2.20
C ALA A 22 5.38 -6.43 2.59
N LEU A 23 4.36 -6.17 1.80
CA LEU A 23 3.03 -6.73 2.01
C LEU A 23 3.12 -8.23 1.74
N ASP A 24 4.08 -8.60 0.91
CA ASP A 24 4.34 -9.99 0.60
C ASP A 24 5.09 -10.63 1.80
N MET A 25 5.73 -9.79 2.62
CA MET A 25 6.36 -10.27 3.85
C MET A 25 5.30 -10.52 4.90
N TYR A 26 4.27 -9.65 4.94
CA TYR A 26 3.11 -9.88 5.82
C TYR A 26 2.43 -11.15 5.40
N LYS A 27 2.42 -11.37 4.08
CA LYS A 27 1.90 -12.58 3.49
C LYS A 27 2.59 -13.78 4.10
N LEU A 28 3.86 -13.67 4.34
CA LEU A 28 4.56 -14.74 5.02
C LEU A 28 4.38 -14.69 6.55
N ASP A 29 4.20 -13.50 7.15
CA ASP A 29 4.03 -13.40 8.63
C ASP A 29 2.69 -13.95 9.06
N ASN A 30 1.72 -13.94 8.16
CA ASN A 30 0.40 -14.50 8.46
C ASN A 30 -0.03 -15.45 7.44
N PHE A 31 0.95 -16.01 6.73
CA PHE A 31 0.77 -17.08 5.71
C PHE A 31 -0.43 -16.87 4.79
N ALA A 32 -0.72 -15.60 4.52
CA ALA A 32 -1.90 -15.20 3.81
C ALA A 32 -1.91 -13.70 3.74
N TYR A 33 -2.52 -13.18 2.70
CA TYR A 33 -2.72 -11.77 2.60
C TYR A 33 -3.83 -11.31 3.53
N PRO A 34 -3.78 -10.04 3.98
CA PRO A 34 -4.76 -9.47 4.92
C PRO A 34 -6.18 -9.46 4.36
N SER A 35 -7.19 -9.26 5.20
CA SER A 35 -8.53 -9.08 4.69
C SER A 35 -8.79 -7.60 4.76
N THR A 36 -9.67 -7.06 3.96
CA THR A 36 -9.86 -5.62 3.94
C THR A 36 -10.52 -5.14 5.27
N GLN A 37 -10.94 -6.10 6.09
CA GLN A 37 -11.42 -5.78 7.39
C GLN A 37 -10.35 -6.10 8.45
N GLN A 38 -10.05 -7.39 8.61
CA GLN A 38 -9.17 -7.83 9.71
C GLN A 38 -7.75 -7.55 9.37
N GLY A 39 -7.38 -7.78 8.12
CA GLY A 39 -6.04 -7.57 7.75
C GLY A 39 -5.69 -6.11 7.61
N LEU A 40 -6.68 -5.24 7.41
CA LEU A 40 -6.39 -3.81 7.28
C LEU A 40 -5.92 -3.32 8.63
N GLU A 41 -6.68 -3.68 9.63
CA GLU A 41 -6.32 -3.37 10.98
C GLU A 41 -5.11 -4.14 11.40
N ALA A 42 -4.88 -5.28 10.82
CA ALA A 42 -3.70 -6.08 11.13
C ALA A 42 -2.46 -5.53 10.42
N LEU A 43 -2.68 -4.57 9.53
CA LEU A 43 -1.61 -3.87 8.88
C LEU A 43 -1.27 -2.62 9.65
N VAL A 44 -2.22 -2.14 10.43
CA VAL A 44 -1.99 -0.94 11.23
C VAL A 44 -1.69 -1.27 12.71
N LYS A 45 -2.37 -2.26 13.24
CA LYS A 45 -2.20 -2.72 14.60
C LYS A 45 -1.75 -4.17 14.51
N LYS A 46 -0.99 -4.63 15.49
CA LYS A 46 -0.44 -5.97 15.49
C LYS A 46 -1.57 -7.01 15.32
N PRO A 47 -1.38 -7.96 14.39
CA PRO A 47 -2.40 -8.94 14.00
C PRO A 47 -2.87 -9.78 15.17
N THR A 48 -4.16 -9.76 15.40
CA THR A 48 -4.73 -10.49 16.50
C THR A 48 -4.96 -11.93 16.11
N GLY A 49 -4.28 -12.81 16.77
CA GLY A 49 -4.34 -14.20 16.50
C GLY A 49 -2.99 -14.81 16.72
N ASN A 50 -2.57 -15.66 15.83
CA ASN A 50 -1.22 -16.22 15.89
C ASN A 50 -0.55 -16.19 14.53
N PRO A 51 0.23 -15.14 14.25
CA PRO A 51 1.03 -15.05 13.03
C PRO A 51 2.34 -15.83 13.24
N GLN A 52 3.03 -16.16 12.17
CA GLN A 52 4.26 -16.91 12.25
C GLN A 52 5.42 -15.94 12.28
N PRO A 53 6.07 -15.83 13.48
CA PRO A 53 7.09 -14.81 13.81
C PRO A 53 7.93 -14.24 12.67
N LYS A 54 7.51 -13.11 12.22
CA LYS A 54 8.17 -12.28 11.27
C LYS A 54 8.04 -10.88 11.72
N ASN A 55 9.02 -10.08 11.41
CA ASN A 55 9.03 -8.68 11.79
C ASN A 55 7.79 -7.97 11.23
N TRP A 56 6.74 -7.93 12.03
CA TRP A 56 5.55 -7.23 11.71
C TRP A 56 5.81 -5.75 11.66
N ASN A 57 5.17 -5.09 10.75
CA ASN A 57 5.31 -3.71 10.56
C ASN A 57 3.94 -3.09 10.38
N LYS A 58 3.67 -1.99 11.07
CA LYS A 58 2.43 -1.29 10.84
C LYS A 58 2.58 -0.47 9.58
N ASP A 59 1.59 0.37 9.32
CA ASP A 59 1.63 1.33 8.24
C ASP A 59 1.60 0.59 6.92
N GLY A 60 1.05 -0.60 6.97
CA GLY A 60 0.75 -1.35 5.78
C GLY A 60 1.87 -2.24 5.34
N TYR A 61 2.86 -2.44 6.24
CA TYR A 61 4.07 -3.17 5.89
C TYR A 61 4.79 -2.38 4.78
N LEU A 62 5.49 -1.38 5.22
CA LEU A 62 6.10 -0.39 4.37
C LEU A 62 7.58 -0.27 4.75
N LYS A 63 8.32 0.48 3.98
CA LYS A 63 9.69 0.79 4.32
C LYS A 63 9.66 1.88 5.40
N LYS A 64 10.79 2.42 5.75
CA LYS A 64 10.83 3.49 6.72
C LYS A 64 10.64 4.82 6.00
N LEU A 65 9.47 4.93 5.43
CA LEU A 65 9.09 6.00 4.56
C LEU A 65 7.95 6.82 5.19
N PRO A 66 7.95 8.15 5.02
CA PRO A 66 6.83 9.02 5.38
C PRO A 66 5.61 8.76 4.46
N VAL A 67 4.63 9.64 4.49
CA VAL A 67 3.44 9.45 3.68
C VAL A 67 3.74 9.89 2.21
N ASP A 68 2.82 9.67 1.28
CA ASP A 68 3.10 9.97 -0.15
C ASP A 68 2.91 11.47 -0.39
N PRO A 69 3.47 12.05 -1.49
CA PRO A 69 3.22 13.43 -1.90
C PRO A 69 1.74 13.82 -1.88
N TRP A 70 1.53 15.11 -2.05
CA TRP A 70 0.21 15.80 -2.11
C TRP A 70 -0.50 15.72 -0.77
N GLY A 71 0.23 15.35 0.25
CA GLY A 71 -0.32 15.19 1.60
C GLY A 71 -1.21 13.95 1.78
N ASN A 72 -1.48 13.24 0.69
CA ASN A 72 -2.33 12.05 0.70
C ASN A 72 -1.70 10.87 1.40
N PRO A 73 -2.49 10.20 2.27
CA PRO A 73 -2.05 9.00 2.96
C PRO A 73 -2.05 7.80 2.04
N TYR A 74 -1.11 6.88 2.25
CA TYR A 74 -1.17 5.65 1.52
C TYR A 74 -2.34 4.87 2.05
N GLN A 75 -3.09 4.36 1.17
CA GLN A 75 -4.29 3.64 1.49
C GLN A 75 -4.04 2.18 1.34
N TYR A 76 -4.10 1.48 2.44
CA TYR A 76 -3.83 0.07 2.44
C TYR A 76 -5.16 -0.62 2.49
N LEU A 77 -5.45 -1.36 1.48
CA LEU A 77 -6.65 -2.12 1.41
C LEU A 77 -6.26 -3.53 1.07
N ALA A 78 -7.07 -4.45 1.46
CA ALA A 78 -6.80 -5.80 1.21
C ALA A 78 -7.82 -6.30 0.14
N PRO A 79 -7.83 -7.61 -0.30
CA PRO A 79 -8.50 -8.03 -1.54
C PRO A 79 -9.89 -7.52 -1.73
N GLY A 80 -10.00 -6.62 -2.67
CA GLY A 80 -11.24 -6.02 -2.96
C GLY A 80 -12.06 -6.87 -3.86
N THR A 81 -11.90 -6.69 -5.13
CA THR A 81 -12.67 -7.41 -6.09
C THR A 81 -11.77 -8.36 -6.87
N LYS A 82 -11.74 -9.61 -6.43
CA LYS A 82 -11.03 -10.73 -7.09
C LYS A 82 -9.50 -10.61 -6.99
N GLY A 83 -9.01 -9.54 -6.38
CA GLY A 83 -7.61 -9.35 -6.34
C GLY A 83 -7.07 -9.26 -4.95
N PRO A 84 -6.05 -10.12 -4.63
CA PRO A 84 -5.37 -10.26 -3.31
C PRO A 84 -5.09 -9.00 -2.49
N PHE A 85 -4.95 -7.83 -3.12
CA PHE A 85 -4.83 -6.57 -2.37
C PHE A 85 -4.96 -5.34 -3.24
N ASP A 86 -5.52 -4.31 -2.65
CA ASP A 86 -5.80 -3.03 -3.30
C ASP A 86 -4.90 -1.99 -2.67
N LEU A 87 -3.94 -1.50 -3.38
CA LEU A 87 -3.03 -0.57 -2.80
C LEU A 87 -2.99 0.69 -3.63
N TYR A 88 -3.14 1.86 -2.99
CA TYR A 88 -3.07 3.13 -3.69
C TYR A 88 -2.97 4.30 -2.75
N SER A 89 -2.58 5.40 -3.28
CA SER A 89 -2.68 6.67 -2.67
C SER A 89 -3.46 7.52 -3.67
N LEU A 90 -4.40 8.30 -3.19
CA LEU A 90 -5.17 9.21 -4.05
C LEU A 90 -4.29 10.18 -4.82
N GLY A 91 -4.80 10.63 -5.95
CA GLY A 91 -4.09 11.55 -6.79
C GLY A 91 -3.98 12.94 -6.21
N ALA A 92 -3.21 13.75 -6.91
CA ALA A 92 -2.83 15.11 -6.52
C ALA A 92 -3.96 16.04 -6.05
N ASP A 93 -5.17 15.85 -6.52
CA ASP A 93 -6.27 16.75 -6.16
C ASP A 93 -7.05 16.21 -4.96
N GLY A 94 -6.74 15.00 -4.55
CA GLY A 94 -7.42 14.41 -3.42
C GLY A 94 -8.69 13.68 -3.82
N LYS A 95 -8.71 13.19 -5.04
CA LYS A 95 -9.84 12.45 -5.54
C LYS A 95 -9.35 11.12 -6.09
N GLU A 96 -10.07 10.05 -5.84
CA GLU A 96 -9.75 8.78 -6.43
C GLU A 96 -10.20 8.76 -7.91
N GLY A 97 -9.24 8.87 -8.80
CA GLY A 97 -9.56 8.97 -10.19
C GLY A 97 -8.48 8.43 -11.10
N GLY A 98 -8.67 8.61 -12.39
CA GLY A 98 -7.69 8.20 -13.35
C GLY A 98 -7.18 9.41 -14.09
N SER A 99 -5.87 9.54 -14.14
CA SER A 99 -5.16 10.71 -14.62
C SER A 99 -3.66 10.42 -14.55
N ASP A 100 -2.82 11.37 -14.89
CA ASP A 100 -1.39 11.20 -14.72
C ASP A 100 -1.01 11.32 -13.26
N ASN A 101 -1.03 12.51 -12.73
CA ASN A 101 -0.65 12.75 -11.34
C ASN A 101 -1.86 12.82 -10.42
N ASP A 102 -3.03 12.81 -11.00
CA ASP A 102 -4.27 12.85 -10.22
C ASP A 102 -4.89 11.46 -10.11
N ALA A 103 -4.14 10.47 -10.54
CA ALA A 103 -4.57 9.07 -10.48
C ALA A 103 -4.25 8.45 -9.15
N ASP A 104 -4.96 7.40 -8.81
CA ASP A 104 -4.66 6.66 -7.59
C ASP A 104 -3.46 5.84 -7.91
N ILE A 105 -2.38 6.15 -7.28
CA ILE A 105 -1.16 5.48 -7.56
C ILE A 105 -0.92 4.37 -6.55
N GLY A 106 -0.76 3.19 -7.05
CA GLY A 106 -0.55 2.07 -6.22
C GLY A 106 -0.27 0.87 -7.04
N ASN A 107 -0.02 -0.22 -6.41
CA ASN A 107 0.19 -1.43 -7.11
C ASN A 107 -1.08 -2.23 -6.95
N TRP A 108 -1.28 -3.21 -7.75
CA TRP A 108 -2.50 -3.94 -7.69
C TRP A 108 -2.21 -5.38 -7.96
N ASP A 109 -2.61 -6.22 -7.07
CA ASP A 109 -2.38 -7.63 -7.25
C ASP A 109 -3.71 -8.25 -7.46
N ASN A 110 -3.94 -8.74 -8.63
CA ASN A 110 -5.19 -9.32 -8.98
C ASN A 110 -4.96 -10.57 -9.79
N MET A 1 9.02 9.54 -16.04
CA MET A 1 8.25 10.79 -16.01
C MET A 1 9.08 11.86 -15.33
N SER A 2 9.75 12.69 -16.11
CA SER A 2 10.57 13.71 -15.55
C SER A 2 10.07 15.09 -15.98
N ARG A 3 9.12 15.57 -15.24
CA ARG A 3 8.49 16.88 -15.41
C ARG A 3 7.98 17.30 -14.03
N PRO A 4 7.63 18.58 -13.82
CA PRO A 4 7.04 19.04 -12.55
C PRO A 4 5.82 18.21 -12.16
N ASP A 5 5.82 17.75 -10.92
CA ASP A 5 4.79 16.86 -10.33
C ASP A 5 4.84 15.46 -10.84
N GLN A 6 5.25 15.30 -12.08
CA GLN A 6 5.42 13.99 -12.71
C GLN A 6 6.60 13.28 -12.06
N ALA A 7 7.58 14.07 -11.64
CA ALA A 7 8.75 13.58 -10.95
C ALA A 7 8.39 13.03 -9.57
N LYS A 8 7.22 13.41 -9.08
CA LYS A 8 6.77 12.91 -7.81
C LYS A 8 5.99 11.62 -8.03
N VAL A 9 5.44 11.47 -9.24
CA VAL A 9 4.62 10.32 -9.59
C VAL A 9 5.53 9.13 -9.81
N THR A 10 6.60 9.40 -10.51
CA THR A 10 7.54 8.40 -10.91
C THR A 10 8.25 7.76 -9.68
N VAL A 11 8.38 8.50 -8.58
CA VAL A 11 9.01 7.94 -7.41
C VAL A 11 7.98 7.17 -6.59
N ALA A 12 6.76 7.70 -6.54
CA ALA A 12 5.67 7.11 -5.78
C ALA A 12 5.30 5.76 -6.34
N LYS A 13 5.35 5.63 -7.66
CA LYS A 13 5.06 4.36 -8.27
C LYS A 13 6.15 3.32 -7.95
N GLY A 14 7.31 3.77 -7.62
CA GLY A 14 8.33 2.85 -7.19
C GLY A 14 8.07 2.44 -5.75
N ASP A 15 7.50 3.35 -5.00
CA ASP A 15 7.23 3.14 -3.59
C ASP A 15 6.04 2.23 -3.39
N ILE A 16 5.08 2.28 -4.31
CA ILE A 16 3.98 1.34 -4.27
C ILE A 16 4.49 -0.08 -4.54
N LYS A 17 5.56 -0.20 -5.35
CA LYS A 17 6.19 -1.51 -5.56
C LYS A 17 6.85 -1.99 -4.27
N ALA A 18 7.32 -1.03 -3.49
CA ALA A 18 7.93 -1.30 -2.19
C ALA A 18 6.88 -1.83 -1.20
N ILE A 19 5.74 -1.15 -1.14
CA ILE A 19 4.66 -1.52 -0.23
C ILE A 19 4.14 -2.91 -0.59
N ALA A 20 3.98 -3.16 -1.88
CA ALA A 20 3.48 -4.44 -2.38
C ALA A 20 4.42 -5.60 -2.02
N ALA A 21 5.68 -5.26 -1.79
CA ALA A 21 6.69 -6.24 -1.45
C ALA A 21 6.68 -6.50 0.04
N ALA A 22 6.38 -5.48 0.81
CA ALA A 22 6.32 -5.63 2.24
C ALA A 22 4.98 -6.20 2.66
N LEU A 23 3.96 -5.95 1.86
CA LEU A 23 2.65 -6.54 2.05
C LEU A 23 2.80 -8.06 1.83
N ASP A 24 3.76 -8.40 0.98
CA ASP A 24 4.12 -9.79 0.71
C ASP A 24 4.91 -10.34 1.92
N MET A 25 5.41 -9.46 2.75
CA MET A 25 6.07 -9.88 3.96
C MET A 25 5.05 -10.13 5.05
N TYR A 26 3.93 -9.38 5.05
CA TYR A 26 2.82 -9.71 5.94
C TYR A 26 2.31 -11.10 5.50
N LYS A 27 2.36 -11.34 4.16
CA LYS A 27 2.02 -12.64 3.59
C LYS A 27 2.91 -13.73 4.17
N LEU A 28 4.15 -13.42 4.38
CA LEU A 28 5.11 -14.34 4.99
C LEU A 28 4.83 -14.46 6.48
N ASP A 29 4.45 -13.35 7.07
CA ASP A 29 4.25 -13.23 8.50
C ASP A 29 2.94 -13.93 8.96
N ASN A 30 1.99 -14.08 8.06
CA ASN A 30 0.70 -14.79 8.37
C ASN A 30 0.43 -15.82 7.39
N PHE A 31 1.49 -16.28 6.71
CA PHE A 31 1.46 -17.35 5.66
C PHE A 31 0.27 -17.20 4.71
N ALA A 32 -0.11 -15.97 4.48
CA ALA A 32 -1.27 -15.61 3.74
C ALA A 32 -1.39 -14.11 3.75
N TYR A 33 -2.14 -13.58 2.84
CA TYR A 33 -2.41 -12.16 2.84
C TYR A 33 -3.42 -11.77 3.92
N PRO A 34 -3.38 -10.50 4.37
CA PRO A 34 -4.34 -9.99 5.36
C PRO A 34 -5.75 -9.92 4.74
N SER A 35 -6.80 -9.91 5.55
CA SER A 35 -8.14 -9.79 4.99
C SER A 35 -8.50 -8.32 5.02
N THR A 36 -9.38 -7.86 4.18
CA THR A 36 -9.65 -6.43 4.17
C THR A 36 -10.46 -6.01 5.43
N GLN A 37 -10.86 -6.98 6.22
CA GLN A 37 -11.41 -6.68 7.50
C GLN A 37 -10.36 -6.93 8.61
N GLN A 38 -9.97 -8.20 8.79
CA GLN A 38 -9.11 -8.56 9.91
C GLN A 38 -7.71 -8.12 9.61
N GLY A 39 -7.27 -8.40 8.40
CA GLY A 39 -5.94 -8.06 8.03
C GLY A 39 -5.74 -6.58 7.82
N LEU A 40 -6.81 -5.82 7.59
CA LEU A 40 -6.66 -4.38 7.39
C LEU A 40 -6.34 -3.76 8.72
N GLU A 41 -7.13 -4.13 9.73
CA GLU A 41 -6.91 -3.70 11.04
C GLU A 41 -5.54 -4.21 11.47
N ALA A 42 -5.22 -5.42 11.05
CA ALA A 42 -3.95 -6.06 11.39
C ALA A 42 -2.77 -5.55 10.55
N LEU A 43 -3.04 -4.70 9.61
CA LEU A 43 -1.98 -4.13 8.81
C LEU A 43 -1.58 -2.80 9.42
N VAL A 44 -2.52 -2.23 10.15
CA VAL A 44 -2.29 -0.96 10.84
C VAL A 44 -1.97 -1.20 12.33
N LYS A 45 -2.66 -2.14 12.89
CA LYS A 45 -2.65 -2.51 14.30
C LYS A 45 -2.28 -3.99 14.38
N LYS A 46 -1.63 -4.44 15.47
CA LYS A 46 -1.09 -5.82 15.55
C LYS A 46 -2.15 -6.91 15.26
N PRO A 47 -1.72 -7.99 14.55
CA PRO A 47 -2.59 -9.06 14.05
C PRO A 47 -3.62 -9.60 15.02
N THR A 48 -4.83 -9.79 14.51
CA THR A 48 -5.93 -10.32 15.27
C THR A 48 -6.11 -11.81 14.91
N GLY A 49 -5.42 -12.23 13.88
CA GLY A 49 -5.48 -13.60 13.46
C GLY A 49 -4.31 -14.37 13.99
N ASN A 50 -3.87 -15.35 13.26
CA ASN A 50 -2.76 -16.19 13.67
C ASN A 50 -1.59 -16.06 12.72
N PRO A 51 -0.58 -15.28 13.13
CA PRO A 51 0.66 -15.10 12.40
C PRO A 51 1.81 -15.97 12.96
N GLN A 52 2.82 -16.13 12.17
CA GLN A 52 4.01 -16.88 12.56
C GLN A 52 4.96 -15.92 13.25
N PRO A 53 5.92 -16.39 14.06
CA PRO A 53 6.85 -15.51 14.75
C PRO A 53 7.76 -14.72 13.78
N LYS A 54 7.35 -13.49 13.54
CA LYS A 54 8.04 -12.52 12.73
C LYS A 54 7.68 -11.16 13.30
N ASN A 55 8.60 -10.22 13.21
CA ASN A 55 8.38 -8.88 13.75
C ASN A 55 7.51 -8.05 12.81
N TRP A 56 6.23 -8.01 13.15
CA TRP A 56 5.19 -7.25 12.47
C TRP A 56 5.51 -5.75 12.35
N ASN A 57 5.11 -5.18 11.24
CA ASN A 57 5.26 -3.77 10.94
C ASN A 57 3.87 -3.13 10.81
N LYS A 58 3.67 -1.97 11.41
CA LYS A 58 2.40 -1.28 11.27
C LYS A 58 2.36 -0.51 10.00
N ASP A 59 1.23 0.11 9.83
CA ASP A 59 0.99 1.09 8.83
C ASP A 59 1.31 0.58 7.45
N GLY A 60 0.83 -0.61 7.19
CA GLY A 60 0.72 -1.07 5.83
C GLY A 60 1.73 -2.08 5.44
N TYR A 61 2.72 -2.28 6.30
CA TYR A 61 3.86 -3.10 5.99
C TYR A 61 4.64 -2.48 4.85
N LEU A 62 5.65 -1.75 5.22
CA LEU A 62 6.51 -1.07 4.30
C LEU A 62 7.93 -1.22 4.81
N LYS A 63 8.88 -0.85 4.00
CA LYS A 63 10.25 -0.80 4.40
C LYS A 63 10.44 0.52 5.18
N LYS A 64 11.65 0.87 5.48
CA LYS A 64 11.88 2.15 6.09
C LYS A 64 11.98 3.24 5.03
N LEU A 65 10.83 3.61 4.51
CA LEU A 65 10.67 4.61 3.47
C LEU A 65 9.59 5.58 3.89
N PRO A 66 9.69 6.86 3.50
CA PRO A 66 8.70 7.87 3.84
C PRO A 66 7.38 7.72 3.05
N VAL A 67 6.42 8.58 3.34
CA VAL A 67 5.12 8.55 2.69
C VAL A 67 5.19 9.35 1.37
N ASP A 68 4.14 9.38 0.57
CA ASP A 68 4.28 9.97 -0.78
C ASP A 68 4.25 11.47 -0.78
N PRO A 69 4.82 12.08 -1.86
CA PRO A 69 4.76 13.51 -2.09
C PRO A 69 3.34 14.05 -2.07
N TRP A 70 3.23 15.36 -2.09
CA TRP A 70 1.95 16.13 -2.01
C TRP A 70 1.31 15.87 -0.65
N GLY A 71 2.11 15.31 0.22
CA GLY A 71 1.72 14.95 1.55
C GLY A 71 0.53 13.98 1.63
N ASN A 72 0.40 13.00 0.74
CA ASN A 72 -0.67 12.06 0.91
C ASN A 72 -0.19 10.89 1.72
N PRO A 73 -1.06 10.31 2.54
CA PRO A 73 -0.79 9.07 3.20
C PRO A 73 -1.26 7.92 2.30
N TYR A 74 -0.47 6.87 2.20
CA TYR A 74 -0.83 5.74 1.35
C TYR A 74 -2.03 5.02 1.91
N GLN A 75 -2.87 4.55 1.03
CA GLN A 75 -4.11 3.89 1.43
C GLN A 75 -3.90 2.39 1.27
N TYR A 76 -3.98 1.66 2.37
CA TYR A 76 -3.71 0.24 2.39
C TYR A 76 -5.02 -0.53 2.47
N LEU A 77 -5.28 -1.37 1.49
CA LEU A 77 -6.44 -2.24 1.51
C LEU A 77 -5.99 -3.67 1.24
N ALA A 78 -6.76 -4.60 1.71
CA ALA A 78 -6.47 -5.98 1.56
C ALA A 78 -7.51 -6.57 0.58
N PRO A 79 -7.55 -7.92 0.26
CA PRO A 79 -8.38 -8.43 -0.83
C PRO A 79 -9.81 -7.98 -0.80
N GLY A 80 -10.16 -7.25 -1.82
CA GLY A 80 -11.46 -6.69 -1.91
C GLY A 80 -12.28 -7.39 -2.93
N THR A 81 -12.14 -6.98 -4.15
CA THR A 81 -12.88 -7.56 -5.21
C THR A 81 -11.96 -8.50 -5.98
N LYS A 82 -12.05 -9.77 -5.63
CA LYS A 82 -11.28 -10.91 -6.21
C LYS A 82 -9.75 -10.75 -6.25
N GLY A 83 -9.22 -9.78 -5.57
CA GLY A 83 -7.80 -9.57 -5.63
C GLY A 83 -7.14 -9.52 -4.30
N PRO A 84 -6.02 -10.30 -4.13
CA PRO A 84 -5.21 -10.43 -2.89
C PRO A 84 -4.95 -9.15 -2.08
N PHE A 85 -5.01 -7.99 -2.70
CA PHE A 85 -4.85 -6.71 -1.99
C PHE A 85 -5.05 -5.57 -2.94
N ASP A 86 -5.25 -4.39 -2.40
CA ASP A 86 -5.38 -3.15 -3.18
C ASP A 86 -4.66 -2.04 -2.46
N LEU A 87 -3.65 -1.46 -3.04
CA LEU A 87 -3.02 -0.36 -2.36
C LEU A 87 -2.57 0.72 -3.30
N TYR A 88 -2.78 1.92 -2.89
CA TYR A 88 -2.57 3.08 -3.69
C TYR A 88 -2.58 4.28 -2.81
N SER A 89 -2.15 5.39 -3.30
CA SER A 89 -2.27 6.62 -2.60
C SER A 89 -2.98 7.61 -3.49
N LEU A 90 -3.57 8.60 -2.90
CA LEU A 90 -4.26 9.64 -3.61
C LEU A 90 -3.27 10.51 -4.42
N GLY A 91 -3.74 11.13 -5.49
CA GLY A 91 -2.86 11.96 -6.32
C GLY A 91 -2.55 13.32 -5.73
N ALA A 92 -2.04 14.21 -6.57
CA ALA A 92 -1.62 15.56 -6.18
C ALA A 92 -2.75 16.42 -5.61
N ASP A 93 -3.97 16.01 -5.83
CA ASP A 93 -5.12 16.74 -5.35
C ASP A 93 -5.75 16.02 -4.16
N GLY A 94 -5.14 14.90 -3.78
CA GLY A 94 -5.66 14.07 -2.70
C GLY A 94 -7.02 13.52 -3.06
N LYS A 95 -7.14 13.07 -4.29
CA LYS A 95 -8.38 12.57 -4.81
C LYS A 95 -8.05 11.35 -5.68
N GLU A 96 -8.92 10.37 -5.72
CA GLU A 96 -8.76 9.21 -6.60
C GLU A 96 -9.41 9.45 -7.97
N GLY A 97 -8.61 9.67 -8.95
CA GLY A 97 -9.13 9.92 -10.28
C GLY A 97 -8.16 9.43 -11.31
N GLY A 98 -8.49 9.61 -12.57
CA GLY A 98 -7.58 9.21 -13.61
C GLY A 98 -6.96 10.43 -14.19
N SER A 99 -5.65 10.43 -14.24
CA SER A 99 -4.81 11.57 -14.59
C SER A 99 -3.35 11.12 -14.48
N ASP A 100 -2.42 12.01 -14.71
CA ASP A 100 -1.01 11.69 -14.49
C ASP A 100 -0.65 11.86 -13.03
N ASN A 101 -0.53 13.09 -12.59
CA ASN A 101 -0.15 13.38 -11.22
C ASN A 101 -1.38 13.60 -10.36
N ASP A 102 -2.51 13.83 -10.99
CA ASP A 102 -3.76 14.09 -10.25
C ASP A 102 -4.50 12.78 -10.02
N ALA A 103 -3.87 11.70 -10.42
CA ALA A 103 -4.42 10.37 -10.31
C ALA A 103 -3.90 9.68 -9.10
N ASP A 104 -4.64 8.70 -8.64
CA ASP A 104 -4.22 7.91 -7.54
C ASP A 104 -3.21 6.90 -8.04
N ILE A 105 -2.15 6.77 -7.32
CA ILE A 105 -1.06 5.93 -7.72
C ILE A 105 -1.00 4.67 -6.90
N GLY A 106 -1.08 3.54 -7.55
CA GLY A 106 -1.08 2.32 -6.80
C GLY A 106 -0.87 1.10 -7.62
N ASN A 107 -0.81 -0.01 -6.95
CA ASN A 107 -0.62 -1.28 -7.55
C ASN A 107 -1.14 -2.34 -6.64
N TRP A 108 -1.45 -3.46 -7.20
CA TRP A 108 -2.04 -4.52 -6.46
C TRP A 108 -1.93 -5.82 -7.20
N ASP A 109 -2.38 -6.85 -6.58
CA ASP A 109 -2.45 -8.13 -7.18
C ASP A 109 -3.88 -8.53 -7.17
N ASN A 110 -4.36 -8.96 -8.29
CA ASN A 110 -5.74 -9.27 -8.48
C ASN A 110 -5.89 -10.63 -9.14
N MET A 1 8.21 8.81 -15.17
CA MET A 1 7.77 10.12 -15.67
C MET A 1 8.76 11.21 -15.28
N SER A 2 9.54 11.69 -16.23
CA SER A 2 10.52 12.71 -15.93
C SER A 2 10.07 14.11 -16.40
N ARG A 3 9.19 14.71 -15.61
CA ARG A 3 8.66 16.07 -15.83
C ARG A 3 8.21 16.60 -14.48
N PRO A 4 8.08 17.94 -14.30
CA PRO A 4 7.55 18.52 -13.06
C PRO A 4 6.17 17.93 -12.73
N ASP A 5 5.91 17.74 -11.43
CA ASP A 5 4.68 17.09 -10.90
C ASP A 5 4.74 15.59 -11.10
N GLN A 6 5.00 15.18 -12.32
CA GLN A 6 5.09 13.77 -12.64
C GLN A 6 6.33 13.15 -12.00
N ALA A 7 7.25 14.01 -11.61
CA ALA A 7 8.43 13.62 -10.85
C ALA A 7 8.01 13.03 -9.51
N LYS A 8 6.86 13.44 -9.00
CA LYS A 8 6.35 12.91 -7.76
C LYS A 8 5.56 11.65 -8.04
N VAL A 9 5.04 11.55 -9.24
CA VAL A 9 4.25 10.40 -9.66
C VAL A 9 5.16 9.20 -9.88
N THR A 10 6.28 9.47 -10.52
CA THR A 10 7.23 8.45 -10.89
C THR A 10 7.93 7.84 -9.65
N VAL A 11 8.08 8.64 -8.59
CA VAL A 11 8.70 8.18 -7.35
C VAL A 11 7.73 7.32 -6.59
N ALA A 12 6.51 7.82 -6.45
CA ALA A 12 5.48 7.16 -5.67
C ALA A 12 5.19 5.76 -6.21
N LYS A 13 5.19 5.61 -7.53
CA LYS A 13 4.94 4.32 -8.11
C LYS A 13 6.05 3.31 -7.81
N GLY A 14 7.22 3.81 -7.53
CA GLY A 14 8.30 2.95 -7.19
C GLY A 14 8.15 2.44 -5.79
N ASP A 15 7.67 3.29 -4.91
CA ASP A 15 7.56 2.93 -3.53
C ASP A 15 6.37 2.04 -3.27
N ILE A 16 5.38 2.11 -4.14
CA ILE A 16 4.24 1.21 -4.02
C ILE A 16 4.65 -0.21 -4.44
N LYS A 17 5.64 -0.33 -5.33
CA LYS A 17 6.16 -1.66 -5.66
C LYS A 17 6.96 -2.19 -4.48
N ALA A 18 7.56 -1.29 -3.74
CA ALA A 18 8.26 -1.61 -2.52
C ALA A 18 7.28 -2.15 -1.47
N ILE A 19 6.12 -1.50 -1.38
CA ILE A 19 5.06 -1.90 -0.46
C ILE A 19 4.56 -3.29 -0.82
N ALA A 20 4.54 -3.60 -2.11
CA ALA A 20 4.15 -4.92 -2.58
C ALA A 20 5.08 -6.00 -2.01
N ALA A 21 6.34 -5.64 -1.80
CA ALA A 21 7.33 -6.56 -1.27
C ALA A 21 7.16 -6.66 0.24
N ALA A 22 6.66 -5.61 0.85
CA ALA A 22 6.42 -5.59 2.27
C ALA A 22 5.10 -6.28 2.58
N LEU A 23 4.18 -6.22 1.64
CA LEU A 23 2.90 -6.88 1.74
C LEU A 23 3.17 -8.39 1.67
N ASP A 24 4.24 -8.74 0.96
CA ASP A 24 4.72 -10.12 0.89
C ASP A 24 5.28 -10.54 2.25
N MET A 25 5.80 -9.58 2.99
CA MET A 25 6.36 -9.89 4.30
C MET A 25 5.24 -10.21 5.26
N TYR A 26 4.11 -9.51 5.13
CA TYR A 26 2.95 -9.83 5.94
C TYR A 26 2.39 -11.18 5.46
N LYS A 27 2.44 -11.38 4.15
CA LYS A 27 2.07 -12.65 3.53
C LYS A 27 2.86 -13.81 4.14
N LEU A 28 4.10 -13.55 4.49
CA LEU A 28 4.91 -14.53 5.19
C LEU A 28 4.62 -14.53 6.69
N ASP A 29 4.31 -13.37 7.24
CA ASP A 29 4.03 -13.24 8.68
C ASP A 29 2.70 -13.89 9.05
N ASN A 30 1.80 -14.02 8.11
CA ASN A 30 0.51 -14.70 8.40
C ASN A 30 0.24 -15.77 7.43
N PHE A 31 1.31 -16.22 6.74
CA PHE A 31 1.25 -17.33 5.73
C PHE A 31 0.04 -17.23 4.80
N ALA A 32 -0.35 -16.01 4.54
CA ALA A 32 -1.55 -15.67 3.85
C ALA A 32 -1.64 -14.16 3.82
N TYR A 33 -2.43 -13.63 2.94
CA TYR A 33 -2.67 -12.22 2.89
C TYR A 33 -3.68 -11.77 3.94
N PRO A 34 -3.61 -10.49 4.35
CA PRO A 34 -4.57 -9.89 5.28
C PRO A 34 -5.98 -9.82 4.64
N SER A 35 -7.04 -9.66 5.42
CA SER A 35 -8.35 -9.51 4.85
C SER A 35 -8.65 -8.02 4.81
N THR A 36 -9.53 -7.58 3.95
CA THR A 36 -9.79 -6.15 3.85
C THR A 36 -10.44 -5.61 5.15
N GLN A 37 -10.93 -6.51 6.00
CA GLN A 37 -11.46 -6.14 7.28
C GLN A 37 -10.47 -6.44 8.41
N GLN A 38 -10.17 -7.73 8.65
CA GLN A 38 -9.29 -8.10 9.76
C GLN A 38 -7.87 -7.84 9.44
N GLY A 39 -7.51 -8.01 8.19
CA GLY A 39 -6.16 -7.74 7.83
C GLY A 39 -5.87 -6.27 7.73
N LEU A 40 -6.90 -5.45 7.54
CA LEU A 40 -6.71 -4.00 7.53
C LEU A 40 -6.32 -3.61 8.94
N GLU A 41 -7.11 -4.11 9.89
CA GLU A 41 -6.80 -3.90 11.29
C GLU A 41 -5.49 -4.51 11.62
N ALA A 42 -5.17 -5.60 10.98
CA ALA A 42 -3.93 -6.30 11.23
C ALA A 42 -2.72 -5.65 10.53
N LEU A 43 -2.98 -4.65 9.72
CA LEU A 43 -1.90 -3.86 9.12
C LEU A 43 -1.66 -2.62 9.93
N VAL A 44 -2.61 -2.26 10.76
CA VAL A 44 -2.49 -1.09 11.62
C VAL A 44 -2.25 -1.49 13.10
N LYS A 45 -2.83 -2.59 13.48
CA LYS A 45 -2.79 -3.16 14.81
C LYS A 45 -2.24 -4.57 14.65
N LYS A 46 -1.53 -5.08 15.66
CA LYS A 46 -0.94 -6.42 15.58
C LYS A 46 -2.01 -7.49 15.29
N PRO A 47 -1.70 -8.41 14.37
CA PRO A 47 -2.64 -9.42 13.88
C PRO A 47 -3.08 -10.38 14.98
N THR A 48 -4.27 -10.89 14.86
CA THR A 48 -4.75 -11.84 15.80
C THR A 48 -4.58 -13.25 15.27
N GLY A 49 -4.32 -14.17 16.15
CA GLY A 49 -4.10 -15.53 15.77
C GLY A 49 -2.69 -15.91 16.07
N ASN A 50 -2.14 -16.75 15.26
CA ASN A 50 -0.77 -17.16 15.41
C ASN A 50 0.05 -16.96 14.13
N PRO A 51 0.60 -15.75 13.94
CA PRO A 51 1.40 -15.42 12.77
C PRO A 51 2.87 -15.90 12.95
N GLN A 52 3.54 -16.14 11.83
CA GLN A 52 4.89 -16.69 11.81
C GLN A 52 5.90 -15.60 12.13
N PRO A 53 6.98 -15.94 12.87
CA PRO A 53 7.99 -14.97 13.34
C PRO A 53 8.56 -14.02 12.28
N LYS A 54 8.03 -12.84 12.28
CA LYS A 54 8.40 -11.75 11.41
C LYS A 54 8.20 -10.49 12.19
N ASN A 55 9.00 -9.50 11.95
CA ASN A 55 8.85 -8.22 12.63
C ASN A 55 7.69 -7.45 12.04
N TRP A 56 6.50 -7.66 12.61
CA TRP A 56 5.30 -7.03 12.18
C TRP A 56 5.44 -5.53 12.14
N ASN A 57 4.91 -4.95 11.12
CA ASN A 57 5.00 -3.56 10.88
C ASN A 57 3.61 -2.97 10.68
N LYS A 58 3.33 -1.85 11.31
CA LYS A 58 2.04 -1.22 11.12
C LYS A 58 2.12 -0.23 9.99
N ASP A 59 1.02 0.47 9.79
CA ASP A 59 0.87 1.55 8.82
C ASP A 59 0.83 0.98 7.42
N GLY A 60 0.62 -0.33 7.35
CA GLY A 60 0.37 -0.97 6.08
C GLY A 60 1.47 -1.87 5.61
N TYR A 61 2.49 -2.06 6.44
CA TYR A 61 3.68 -2.83 6.07
C TYR A 61 4.48 -2.11 4.98
N LEU A 62 5.44 -1.35 5.42
CA LEU A 62 6.25 -0.53 4.57
C LEU A 62 7.71 -0.74 4.94
N LYS A 63 8.60 -0.44 4.03
CA LYS A 63 10.03 -0.48 4.29
C LYS A 63 10.45 0.85 4.93
N LYS A 64 11.74 1.07 5.09
CA LYS A 64 12.22 2.35 5.61
C LYS A 64 12.20 3.42 4.50
N LEU A 65 11.02 3.80 4.14
CA LEU A 65 10.77 4.71 3.04
C LEU A 65 9.91 5.86 3.53
N PRO A 66 10.08 7.06 2.97
CA PRO A 66 9.20 8.19 3.27
C PRO A 66 7.83 7.95 2.64
N VAL A 67 6.82 8.59 3.15
CA VAL A 67 5.48 8.39 2.65
C VAL A 67 5.29 9.21 1.33
N ASP A 68 4.15 9.08 0.68
CA ASP A 68 4.00 9.61 -0.68
C ASP A 68 3.94 11.12 -0.74
N PRO A 69 4.26 11.70 -1.94
CA PRO A 69 4.16 13.13 -2.19
C PRO A 69 2.78 13.65 -1.87
N TRP A 70 2.67 14.96 -1.87
CA TRP A 70 1.43 15.70 -1.56
C TRP A 70 1.03 15.42 -0.10
N GLY A 71 1.99 14.88 0.63
CA GLY A 71 1.86 14.54 2.01
C GLY A 71 0.74 13.57 2.32
N ASN A 72 0.42 12.61 1.46
CA ASN A 72 -0.59 11.66 1.82
C ASN A 72 0.06 10.47 2.48
N PRO A 73 -0.70 9.78 3.33
CA PRO A 73 -0.32 8.47 3.78
C PRO A 73 -0.83 7.46 2.75
N TYR A 74 -0.15 6.35 2.65
CA TYR A 74 -0.57 5.32 1.73
C TYR A 74 -1.86 4.70 2.19
N GLN A 75 -2.68 4.35 1.25
CA GLN A 75 -3.98 3.83 1.58
C GLN A 75 -3.91 2.33 1.40
N TYR A 76 -4.16 1.63 2.47
CA TYR A 76 -4.05 0.19 2.51
C TYR A 76 -5.40 -0.51 2.59
N LEU A 77 -5.69 -1.30 1.59
CA LEU A 77 -6.85 -2.18 1.58
C LEU A 77 -6.40 -3.59 1.20
N ALA A 78 -7.11 -4.59 1.61
CA ALA A 78 -6.72 -5.93 1.35
C ALA A 78 -7.75 -6.59 0.38
N PRO A 79 -7.64 -7.91 -0.02
CA PRO A 79 -8.40 -8.48 -1.14
C PRO A 79 -9.87 -8.21 -1.13
N GLY A 80 -10.27 -7.43 -2.08
CA GLY A 80 -11.64 -7.08 -2.24
C GLY A 80 -12.35 -8.08 -3.08
N THR A 81 -12.38 -7.84 -4.35
CA THR A 81 -13.07 -8.72 -5.24
C THR A 81 -12.04 -9.49 -6.02
N LYS A 82 -11.74 -10.69 -5.56
CA LYS A 82 -10.83 -11.65 -6.22
C LYS A 82 -9.36 -11.21 -6.22
N GLY A 83 -9.10 -9.96 -5.89
CA GLY A 83 -7.77 -9.44 -5.99
C GLY A 83 -7.09 -9.33 -4.66
N PRO A 84 -5.97 -10.10 -4.48
CA PRO A 84 -5.14 -10.18 -3.26
C PRO A 84 -4.88 -8.90 -2.47
N PHE A 85 -4.86 -7.71 -3.11
CA PHE A 85 -4.69 -6.46 -2.33
C PHE A 85 -4.91 -5.19 -3.15
N ASP A 86 -5.34 -4.16 -2.43
CA ASP A 86 -5.61 -2.83 -2.96
C ASP A 86 -4.59 -1.87 -2.34
N LEU A 87 -3.62 -1.41 -3.09
CA LEU A 87 -2.63 -0.55 -2.53
C LEU A 87 -2.44 0.67 -3.42
N TYR A 88 -2.60 1.87 -2.84
CA TYR A 88 -2.54 3.10 -3.63
C TYR A 88 -2.41 4.31 -2.71
N SER A 89 -2.05 5.44 -3.25
CA SER A 89 -2.07 6.68 -2.52
C SER A 89 -2.90 7.70 -3.30
N LEU A 90 -3.57 8.59 -2.62
CA LEU A 90 -4.40 9.62 -3.27
C LEU A 90 -3.58 10.62 -4.09
N GLY A 91 -4.02 10.89 -5.33
CA GLY A 91 -3.35 11.90 -6.16
C GLY A 91 -3.53 13.28 -5.60
N ALA A 92 -2.87 14.25 -6.19
CA ALA A 92 -2.83 15.64 -5.66
C ALA A 92 -4.19 16.31 -5.48
N ASP A 93 -5.21 15.84 -6.16
CA ASP A 93 -6.53 16.47 -6.04
C ASP A 93 -7.36 15.74 -4.98
N GLY A 94 -6.77 14.71 -4.40
CA GLY A 94 -7.44 13.92 -3.39
C GLY A 94 -8.39 12.94 -4.01
N LYS A 95 -8.13 12.59 -5.24
CA LYS A 95 -8.99 11.73 -5.98
C LYS A 95 -8.34 10.41 -6.25
N GLU A 96 -9.17 9.41 -6.29
CA GLU A 96 -8.80 8.15 -6.83
C GLU A 96 -9.42 8.18 -8.22
N GLY A 97 -8.57 8.43 -9.18
CA GLY A 97 -8.98 8.67 -10.53
C GLY A 97 -7.90 8.32 -11.50
N GLY A 98 -8.11 8.64 -12.76
CA GLY A 98 -7.10 8.51 -13.76
C GLY A 98 -6.77 9.89 -14.24
N SER A 99 -5.49 10.22 -14.24
CA SER A 99 -4.98 11.56 -14.50
C SER A 99 -3.45 11.48 -14.45
N ASP A 100 -2.77 12.60 -14.65
CA ASP A 100 -1.30 12.64 -14.57
C ASP A 100 -0.87 12.60 -13.13
N ASN A 101 -1.14 13.67 -12.42
CA ASN A 101 -0.70 13.86 -11.05
C ASN A 101 -1.90 13.91 -10.08
N ASP A 102 -3.09 14.10 -10.63
CA ASP A 102 -4.31 14.16 -9.80
C ASP A 102 -4.82 12.79 -9.50
N ALA A 103 -4.24 11.82 -10.16
CA ALA A 103 -4.66 10.44 -10.08
C ALA A 103 -3.99 9.76 -8.94
N ASP A 104 -4.62 8.73 -8.45
CA ASP A 104 -4.07 7.91 -7.42
C ASP A 104 -3.09 6.99 -8.08
N ILE A 105 -1.98 6.83 -7.48
CA ILE A 105 -1.04 5.91 -8.00
C ILE A 105 -1.18 4.63 -7.21
N GLY A 106 -1.28 3.53 -7.89
CA GLY A 106 -1.54 2.32 -7.19
C GLY A 106 -0.83 1.13 -7.74
N ASN A 107 -0.61 0.20 -6.88
CA ASN A 107 -0.01 -1.05 -7.16
C ASN A 107 -1.03 -2.08 -6.79
N TRP A 108 -1.31 -2.99 -7.65
CA TRP A 108 -2.44 -3.84 -7.45
C TRP A 108 -2.09 -5.22 -7.91
N ASP A 109 -2.60 -6.18 -7.21
CA ASP A 109 -2.42 -7.55 -7.60
C ASP A 109 -3.77 -8.20 -7.57
N ASN A 110 -4.19 -8.61 -8.72
CA ASN A 110 -5.46 -9.27 -8.91
C ASN A 110 -5.19 -10.55 -9.64
N MET A 1 9.48 9.92 -15.27
CA MET A 1 8.73 11.12 -15.61
C MET A 1 9.53 12.35 -15.24
N SER A 2 10.21 12.92 -16.21
CA SER A 2 11.13 14.01 -15.98
C SER A 2 10.46 15.39 -16.13
N ARG A 3 9.48 15.65 -15.30
CA ARG A 3 8.81 16.94 -15.21
C ARG A 3 8.38 17.13 -13.77
N PRO A 4 8.36 18.39 -13.26
CA PRO A 4 7.83 18.67 -11.91
C PRO A 4 6.42 18.11 -11.78
N ASP A 5 6.04 17.77 -10.55
CA ASP A 5 4.77 17.09 -10.24
C ASP A 5 4.87 15.61 -10.61
N GLN A 6 5.18 15.33 -11.87
CA GLN A 6 5.34 13.96 -12.32
C GLN A 6 6.58 13.31 -11.71
N ALA A 7 7.46 14.14 -11.18
CA ALA A 7 8.62 13.69 -10.44
C ALA A 7 8.17 13.00 -9.16
N LYS A 8 7.00 13.38 -8.68
CA LYS A 8 6.43 12.77 -7.51
C LYS A 8 5.72 11.50 -7.91
N VAL A 9 5.31 11.44 -9.16
CA VAL A 9 4.59 10.30 -9.68
C VAL A 9 5.55 9.13 -9.91
N THR A 10 6.71 9.43 -10.47
CA THR A 10 7.69 8.41 -10.77
C THR A 10 8.25 7.75 -9.49
N VAL A 11 8.50 8.55 -8.46
CA VAL A 11 9.01 8.04 -7.20
C VAL A 11 7.93 7.25 -6.47
N ALA A 12 6.69 7.71 -6.60
CA ALA A 12 5.58 7.08 -5.92
C ALA A 12 5.33 5.70 -6.48
N LYS A 13 5.46 5.55 -7.80
CA LYS A 13 5.24 4.27 -8.44
C LYS A 13 6.29 3.25 -8.00
N GLY A 14 7.43 3.74 -7.60
CA GLY A 14 8.46 2.86 -7.13
C GLY A 14 8.20 2.47 -5.71
N ASP A 15 7.61 3.37 -4.96
CA ASP A 15 7.39 3.14 -3.56
C ASP A 15 6.10 2.42 -3.25
N ILE A 16 5.17 2.45 -4.17
CA ILE A 16 4.00 1.59 -4.07
C ILE A 16 4.42 0.15 -4.35
N LYS A 17 5.47 0.00 -5.16
CA LYS A 17 6.03 -1.31 -5.43
C LYS A 17 6.81 -1.82 -4.24
N ALA A 18 7.32 -0.88 -3.45
CA ALA A 18 7.99 -1.18 -2.21
C ALA A 18 7.02 -1.85 -1.24
N ILE A 19 5.82 -1.32 -1.18
CA ILE A 19 4.76 -1.85 -0.32
C ILE A 19 4.40 -3.26 -0.74
N ALA A 20 4.31 -3.46 -2.06
CA ALA A 20 3.98 -4.77 -2.63
C ALA A 20 4.96 -5.86 -2.22
N ALA A 21 6.17 -5.45 -1.89
CA ALA A 21 7.20 -6.38 -1.48
C ALA A 21 7.09 -6.64 0.02
N ALA A 22 6.71 -5.63 0.78
CA ALA A 22 6.59 -5.77 2.22
C ALA A 22 5.28 -6.44 2.59
N LEU A 23 4.26 -6.29 1.78
CA LEU A 23 2.99 -6.95 2.03
C LEU A 23 3.20 -8.45 1.77
N ASP A 24 4.16 -8.77 0.91
CA ASP A 24 4.60 -10.15 0.66
C ASP A 24 5.33 -10.69 1.91
N MET A 25 5.85 -9.77 2.71
CA MET A 25 6.51 -10.12 3.96
C MET A 25 5.44 -10.39 5.04
N TYR A 26 4.35 -9.61 5.03
CA TYR A 26 3.20 -9.86 5.92
C TYR A 26 2.56 -11.18 5.52
N LYS A 27 2.54 -11.39 4.22
CA LYS A 27 2.12 -12.62 3.60
C LYS A 27 2.91 -13.78 4.17
N LEU A 28 4.13 -13.53 4.50
CA LEU A 28 4.93 -14.52 5.15
C LEU A 28 4.65 -14.54 6.67
N ASP A 29 4.39 -13.36 7.27
CA ASP A 29 4.19 -13.26 8.72
C ASP A 29 2.86 -13.88 9.16
N ASN A 30 1.88 -13.94 8.26
CA ASN A 30 0.60 -14.62 8.57
C ASN A 30 0.29 -15.64 7.56
N PHE A 31 1.32 -16.06 6.81
CA PHE A 31 1.22 -17.11 5.76
C PHE A 31 -0.02 -16.93 4.85
N ALA A 32 -0.38 -15.69 4.62
CA ALA A 32 -1.59 -15.34 3.92
C ALA A 32 -1.67 -13.83 3.81
N TYR A 33 -2.46 -13.34 2.88
CA TYR A 33 -2.72 -11.93 2.78
C TYR A 33 -3.83 -11.53 3.76
N PRO A 34 -3.82 -10.26 4.21
CA PRO A 34 -4.80 -9.73 5.18
C PRO A 34 -6.23 -9.73 4.63
N SER A 35 -7.23 -9.56 5.50
CA SER A 35 -8.58 -9.38 5.03
C SER A 35 -8.83 -7.90 5.03
N THR A 36 -9.74 -7.42 4.25
CA THR A 36 -9.98 -6.00 4.16
C THR A 36 -10.54 -5.47 5.50
N GLN A 37 -10.98 -6.37 6.36
CA GLN A 37 -11.47 -5.98 7.63
C GLN A 37 -10.40 -6.26 8.71
N GLN A 38 -10.10 -7.55 8.92
CA GLN A 38 -9.20 -7.97 10.01
C GLN A 38 -7.78 -7.78 9.63
N GLY A 39 -7.47 -8.00 8.37
CA GLY A 39 -6.13 -7.80 7.98
C GLY A 39 -5.79 -6.34 7.82
N LEU A 40 -6.79 -5.47 7.62
CA LEU A 40 -6.54 -4.04 7.51
C LEU A 40 -6.12 -3.57 8.89
N GLU A 41 -6.89 -4.01 9.88
CA GLU A 41 -6.56 -3.76 11.24
C GLU A 41 -5.22 -4.38 11.55
N ALA A 42 -4.97 -5.53 11.00
CA ALA A 42 -3.72 -6.24 11.24
C ALA A 42 -2.53 -5.65 10.44
N LEU A 43 -2.82 -4.66 9.62
CA LEU A 43 -1.78 -3.94 8.92
C LEU A 43 -1.41 -2.68 9.68
N VAL A 44 -2.31 -2.22 10.52
CA VAL A 44 -2.05 -1.01 11.31
C VAL A 44 -1.81 -1.37 12.80
N LYS A 45 -2.37 -2.46 13.20
CA LYS A 45 -2.40 -2.97 14.55
C LYS A 45 -1.88 -4.42 14.49
N LYS A 46 -1.20 -4.87 15.53
CA LYS A 46 -0.59 -6.20 15.58
C LYS A 46 -1.62 -7.32 15.29
N PRO A 47 -1.29 -8.22 14.34
CA PRO A 47 -2.18 -9.30 13.93
C PRO A 47 -2.39 -10.31 15.03
N THR A 48 -3.62 -10.64 15.28
CA THR A 48 -3.94 -11.62 16.26
C THR A 48 -4.08 -12.99 15.59
N GLY A 49 -4.38 -14.00 16.36
CA GLY A 49 -4.42 -15.33 15.82
C GLY A 49 -3.09 -15.96 16.07
N ASN A 50 -2.44 -16.47 15.05
CA ASN A 50 -1.11 -17.03 15.22
C ASN A 50 -0.18 -16.73 14.03
N PRO A 51 0.38 -15.52 13.98
CA PRO A 51 1.33 -15.14 12.96
C PRO A 51 2.74 -15.64 13.31
N GLN A 52 3.47 -16.08 12.32
CA GLN A 52 4.82 -16.58 12.53
C GLN A 52 5.74 -15.39 12.58
N PRO A 53 6.39 -15.15 13.74
CA PRO A 53 7.11 -13.91 14.00
C PRO A 53 8.13 -13.45 12.97
N LYS A 54 7.67 -12.54 12.17
CA LYS A 54 8.44 -11.70 11.34
C LYS A 54 8.26 -10.36 11.98
N ASN A 55 9.22 -9.52 11.90
CA ASN A 55 9.07 -8.17 12.45
C ASN A 55 7.92 -7.45 11.73
N TRP A 56 6.77 -7.45 12.37
CA TRP A 56 5.59 -6.83 11.88
C TRP A 56 5.78 -5.34 11.72
N ASN A 57 5.22 -4.81 10.68
CA ASN A 57 5.31 -3.41 10.41
C ASN A 57 3.91 -2.85 10.21
N LYS A 58 3.63 -1.73 10.83
CA LYS A 58 2.34 -1.10 10.66
C LYS A 58 2.32 -0.28 9.38
N ASP A 59 1.19 0.39 9.18
CA ASP A 59 0.99 1.34 8.09
C ASP A 59 0.90 0.62 6.75
N GLY A 60 0.69 -0.69 6.84
CA GLY A 60 0.41 -1.47 5.66
C GLY A 60 1.53 -2.39 5.25
N TYR A 61 2.56 -2.49 6.11
CA TYR A 61 3.78 -3.24 5.78
C TYR A 61 4.48 -2.58 4.62
N LEU A 62 5.37 -1.71 4.93
CA LEU A 62 6.02 -0.89 3.97
C LEU A 62 7.50 -0.83 4.36
N LYS A 63 8.34 -0.34 3.50
CA LYS A 63 9.76 -0.17 3.81
C LYS A 63 9.89 1.01 4.79
N LYS A 64 11.09 1.34 5.21
CA LYS A 64 11.26 2.55 6.00
C LYS A 64 11.29 3.79 5.11
N LEU A 65 10.11 4.15 4.68
CA LEU A 65 9.88 5.24 3.76
C LEU A 65 8.79 6.10 4.32
N PRO A 66 8.79 7.41 4.03
CA PRO A 66 7.72 8.29 4.45
C PRO A 66 6.41 7.99 3.69
N VAL A 67 5.42 8.84 3.84
CA VAL A 67 4.17 8.64 3.17
C VAL A 67 4.28 9.19 1.73
N ASP A 68 3.25 9.02 0.90
CA ASP A 68 3.36 9.41 -0.51
C ASP A 68 3.26 10.93 -0.61
N PRO A 69 3.80 11.56 -1.70
CA PRO A 69 3.69 12.99 -1.94
C PRO A 69 2.26 13.53 -1.80
N TRP A 70 2.16 14.85 -1.83
CA TRP A 70 0.91 15.62 -1.74
C TRP A 70 0.28 15.46 -0.36
N GLY A 71 1.06 14.95 0.56
CA GLY A 71 0.62 14.72 1.93
C GLY A 71 -0.36 13.54 2.08
N ASN A 72 -0.75 12.93 0.98
CA ASN A 72 -1.68 11.81 1.02
C ASN A 72 -1.10 10.55 1.63
N PRO A 73 -1.87 9.90 2.52
CA PRO A 73 -1.51 8.62 3.07
C PRO A 73 -1.64 7.55 2.02
N TYR A 74 -0.90 6.47 2.16
CA TYR A 74 -1.13 5.37 1.28
C TYR A 74 -2.43 4.72 1.71
N GLN A 75 -3.21 4.29 0.80
CA GLN A 75 -4.48 3.70 1.13
C GLN A 75 -4.30 2.19 0.98
N TYR A 76 -4.39 1.51 2.09
CA TYR A 76 -4.25 0.08 2.14
C TYR A 76 -5.58 -0.64 2.29
N LEU A 77 -5.89 -1.48 1.33
CA LEU A 77 -7.04 -2.34 1.38
C LEU A 77 -6.61 -3.76 1.06
N ALA A 78 -7.33 -4.71 1.54
CA ALA A 78 -7.03 -6.07 1.29
C ALA A 78 -8.11 -6.65 0.32
N PRO A 79 -8.08 -7.96 -0.09
CA PRO A 79 -8.82 -8.46 -1.26
C PRO A 79 -10.27 -8.11 -1.33
N GLY A 80 -10.58 -7.35 -2.33
CA GLY A 80 -11.92 -6.97 -2.56
C GLY A 80 -12.50 -7.73 -3.69
N THR A 81 -12.37 -7.21 -4.86
CA THR A 81 -12.92 -7.82 -6.03
C THR A 81 -11.88 -8.52 -6.85
N LYS A 82 -11.77 -9.82 -6.61
CA LYS A 82 -10.87 -10.75 -7.31
C LYS A 82 -9.40 -10.35 -7.18
N GLY A 83 -9.07 -9.55 -6.19
CA GLY A 83 -7.72 -9.12 -6.06
C GLY A 83 -7.21 -9.21 -4.67
N PRO A 84 -6.20 -10.09 -4.42
CA PRO A 84 -5.52 -10.31 -3.11
C PRO A 84 -5.16 -9.06 -2.29
N PHE A 85 -4.98 -7.89 -2.93
CA PHE A 85 -4.78 -6.64 -2.18
C PHE A 85 -4.87 -5.43 -3.09
N ASP A 86 -5.42 -4.35 -2.53
CA ASP A 86 -5.64 -3.12 -3.27
C ASP A 86 -4.92 -2.03 -2.54
N LEU A 87 -3.97 -1.41 -3.14
CA LEU A 87 -3.30 -0.31 -2.50
C LEU A 87 -2.90 0.74 -3.47
N TYR A 88 -3.05 1.95 -3.08
CA TYR A 88 -2.82 3.09 -3.91
C TYR A 88 -2.77 4.32 -3.05
N SER A 89 -2.34 5.40 -3.56
CA SER A 89 -2.35 6.65 -2.85
C SER A 89 -3.11 7.66 -3.67
N LEU A 90 -3.96 8.45 -3.03
CA LEU A 90 -4.68 9.50 -3.76
C LEU A 90 -3.72 10.53 -4.33
N GLY A 91 -3.96 10.89 -5.60
CA GLY A 91 -3.11 11.85 -6.27
C GLY A 91 -3.27 13.24 -5.73
N ALA A 92 -2.65 14.16 -6.41
CA ALA A 92 -2.59 15.56 -6.00
C ALA A 92 -3.94 16.26 -5.96
N ASP A 93 -4.97 15.61 -6.44
CA ASP A 93 -6.28 16.23 -6.42
C ASP A 93 -7.04 15.80 -5.18
N GLY A 94 -6.46 14.86 -4.43
CA GLY A 94 -7.10 14.36 -3.22
C GLY A 94 -8.34 13.54 -3.53
N LYS A 95 -8.38 13.02 -4.73
CA LYS A 95 -9.48 12.24 -5.19
C LYS A 95 -8.91 11.11 -6.02
N GLU A 96 -9.51 9.95 -5.94
CA GLU A 96 -9.07 8.84 -6.76
C GLU A 96 -9.68 8.95 -8.17
N GLY A 97 -8.84 9.27 -9.12
CA GLY A 97 -9.26 9.54 -10.48
C GLY A 97 -8.19 9.15 -11.48
N GLY A 98 -8.42 9.46 -12.74
CA GLY A 98 -7.46 9.14 -13.77
C GLY A 98 -6.85 10.39 -14.34
N SER A 99 -5.54 10.39 -14.36
CA SER A 99 -4.67 11.52 -14.73
C SER A 99 -3.25 11.01 -14.55
N ASP A 100 -2.26 11.83 -14.74
CA ASP A 100 -0.90 11.39 -14.42
C ASP A 100 -0.57 11.66 -12.97
N ASN A 101 -0.65 12.91 -12.58
CA ASN A 101 -0.31 13.34 -11.22
C ASN A 101 -1.56 13.50 -10.36
N ASP A 102 -2.67 13.83 -10.98
CA ASP A 102 -3.94 13.98 -10.24
C ASP A 102 -4.68 12.67 -10.11
N ALA A 103 -4.02 11.61 -10.48
CA ALA A 103 -4.58 10.28 -10.40
C ALA A 103 -4.10 9.58 -9.18
N ASP A 104 -4.85 8.63 -8.74
CA ASP A 104 -4.42 7.78 -7.66
C ASP A 104 -3.51 6.73 -8.26
N ILE A 105 -2.35 6.62 -7.72
CA ILE A 105 -1.36 5.72 -8.23
C ILE A 105 -1.24 4.56 -7.27
N GLY A 106 -1.07 3.35 -7.76
CA GLY A 106 -1.00 2.25 -6.84
C GLY A 106 -0.66 0.93 -7.49
N ASN A 107 -0.42 -0.03 -6.65
CA ASN A 107 -0.10 -1.36 -7.06
C ASN A 107 -1.22 -2.23 -6.61
N TRP A 108 -1.65 -3.11 -7.43
CA TRP A 108 -2.83 -3.85 -7.16
C TRP A 108 -2.59 -5.24 -7.64
N ASP A 109 -2.77 -6.17 -6.75
CA ASP A 109 -2.52 -7.55 -7.08
C ASP A 109 -3.82 -8.20 -7.31
N ASN A 110 -4.03 -8.60 -8.52
CA ASN A 110 -5.24 -9.24 -8.92
C ASN A 110 -4.88 -10.45 -9.72
N MET A 1 8.43 9.06 -15.14
CA MET A 1 7.64 10.29 -15.31
C MET A 1 8.44 11.48 -14.74
N SER A 2 9.40 11.97 -15.48
CA SER A 2 10.22 13.05 -15.00
C SER A 2 9.78 14.41 -15.54
N ARG A 3 8.82 15.00 -14.85
CA ARG A 3 8.28 16.32 -15.16
C ARG A 3 7.88 16.94 -13.82
N PRO A 4 7.65 18.28 -13.74
CA PRO A 4 7.16 18.93 -12.51
C PRO A 4 5.88 18.25 -11.98
N ASP A 5 5.88 17.91 -10.67
CA ASP A 5 4.76 17.21 -9.93
C ASP A 5 4.71 15.72 -10.32
N GLN A 6 5.03 15.44 -11.57
CA GLN A 6 5.12 14.08 -12.08
C GLN A 6 6.30 13.39 -11.44
N ALA A 7 7.22 14.20 -10.93
CA ALA A 7 8.36 13.72 -10.18
C ALA A 7 7.89 13.01 -8.91
N LYS A 8 6.75 13.43 -8.39
CA LYS A 8 6.18 12.81 -7.20
C LYS A 8 5.45 11.53 -7.63
N VAL A 9 5.01 11.53 -8.89
CA VAL A 9 4.28 10.38 -9.43
C VAL A 9 5.26 9.23 -9.74
N THR A 10 6.38 9.59 -10.33
CA THR A 10 7.36 8.63 -10.77
C THR A 10 8.03 7.92 -9.56
N VAL A 11 8.27 8.65 -8.49
CA VAL A 11 8.89 8.07 -7.29
C VAL A 11 7.87 7.20 -6.55
N ALA A 12 6.62 7.63 -6.58
CA ALA A 12 5.54 6.92 -5.93
C ALA A 12 5.36 5.54 -6.54
N LYS A 13 5.63 5.44 -7.85
CA LYS A 13 5.49 4.17 -8.57
C LYS A 13 6.50 3.14 -8.04
N GLY A 14 7.60 3.63 -7.51
CA GLY A 14 8.60 2.76 -6.99
C GLY A 14 8.28 2.39 -5.58
N ASP A 15 7.65 3.31 -4.87
CA ASP A 15 7.33 3.09 -3.47
C ASP A 15 6.14 2.18 -3.32
N ILE A 16 5.20 2.28 -4.25
CA ILE A 16 4.06 1.35 -4.25
C ILE A 16 4.54 -0.06 -4.58
N LYS A 17 5.61 -0.16 -5.37
CA LYS A 17 6.16 -1.45 -5.71
C LYS A 17 6.89 -2.03 -4.49
N ALA A 18 7.42 -1.12 -3.68
CA ALA A 18 8.09 -1.44 -2.42
C ALA A 18 7.10 -2.07 -1.45
N ILE A 19 5.91 -1.51 -1.44
CA ILE A 19 4.85 -1.97 -0.56
C ILE A 19 4.44 -3.36 -0.95
N ALA A 20 4.36 -3.61 -2.23
CA ALA A 20 3.99 -4.91 -2.76
C ALA A 20 4.97 -6.01 -2.29
N ALA A 21 6.21 -5.61 -2.04
CA ALA A 21 7.23 -6.54 -1.59
C ALA A 21 7.14 -6.74 -0.07
N ALA A 22 6.68 -5.72 0.62
CA ALA A 22 6.56 -5.78 2.07
C ALA A 22 5.22 -6.40 2.48
N LEU A 23 4.23 -6.24 1.64
CA LEU A 23 2.92 -6.84 1.85
C LEU A 23 3.10 -8.35 1.64
N ASP A 24 4.08 -8.69 0.81
CA ASP A 24 4.52 -10.06 0.57
C ASP A 24 5.24 -10.58 1.85
N MET A 25 5.75 -9.65 2.62
CA MET A 25 6.37 -9.97 3.90
C MET A 25 5.30 -10.17 4.96
N TYR A 26 4.19 -9.42 4.90
CA TYR A 26 3.05 -9.71 5.80
C TYR A 26 2.47 -11.06 5.37
N LYS A 27 2.57 -11.34 4.07
CA LYS A 27 2.20 -12.63 3.54
C LYS A 27 3.01 -13.75 4.22
N LEU A 28 4.24 -13.46 4.60
CA LEU A 28 5.03 -14.40 5.41
C LEU A 28 4.57 -14.35 6.86
N ASP A 29 4.21 -13.17 7.31
CA ASP A 29 3.88 -12.91 8.72
C ASP A 29 2.54 -13.56 9.09
N ASN A 30 1.68 -13.76 8.12
CA ASN A 30 0.39 -14.37 8.38
C ASN A 30 0.14 -15.46 7.43
N PHE A 31 1.22 -15.96 6.80
CA PHE A 31 1.19 -17.09 5.81
C PHE A 31 0.03 -16.98 4.80
N ALA A 32 -0.35 -15.76 4.50
CA ALA A 32 -1.52 -15.45 3.72
C ALA A 32 -1.63 -13.96 3.66
N TYR A 33 -2.39 -13.48 2.73
CA TYR A 33 -2.67 -12.07 2.69
C TYR A 33 -3.74 -11.69 3.71
N PRO A 34 -3.69 -10.44 4.20
CA PRO A 34 -4.68 -9.87 5.16
C PRO A 34 -6.12 -9.87 4.60
N SER A 35 -7.12 -9.56 5.42
CA SER A 35 -8.47 -9.43 4.92
C SER A 35 -8.75 -7.94 4.79
N THR A 36 -9.64 -7.52 3.96
CA THR A 36 -9.79 -6.09 3.76
C THR A 36 -10.42 -5.40 5.01
N GLN A 37 -10.99 -6.20 5.91
CA GLN A 37 -11.47 -5.71 7.18
C GLN A 37 -10.46 -5.98 8.29
N GLN A 38 -10.18 -7.26 8.57
CA GLN A 38 -9.31 -7.62 9.69
C GLN A 38 -7.89 -7.38 9.34
N GLY A 39 -7.52 -7.67 8.11
CA GLY A 39 -6.17 -7.45 7.72
C GLY A 39 -5.83 -5.98 7.59
N LEU A 40 -6.84 -5.14 7.40
CA LEU A 40 -6.59 -3.70 7.35
C LEU A 40 -6.15 -3.27 8.75
N GLU A 41 -6.87 -3.76 9.73
CA GLU A 41 -6.56 -3.49 11.11
C GLU A 41 -5.43 -4.39 11.61
N ALA A 42 -4.96 -5.26 10.76
CA ALA A 42 -3.81 -6.10 11.04
C ALA A 42 -2.59 -5.51 10.39
N LEU A 43 -2.80 -4.51 9.58
CA LEU A 43 -1.74 -3.77 8.96
C LEU A 43 -1.47 -2.50 9.73
N VAL A 44 -2.46 -2.03 10.45
CA VAL A 44 -2.34 -0.83 11.25
C VAL A 44 -2.15 -1.17 12.75
N LYS A 45 -2.66 -2.31 13.15
CA LYS A 45 -2.57 -2.80 14.52
C LYS A 45 -2.06 -4.24 14.43
N LYS A 46 -1.36 -4.74 15.44
CA LYS A 46 -0.76 -6.10 15.39
C LYS A 46 -1.84 -7.14 15.04
N PRO A 47 -1.49 -8.06 14.11
CA PRO A 47 -2.41 -9.03 13.50
C PRO A 47 -3.32 -9.80 14.44
N THR A 48 -4.57 -9.80 14.11
CA THR A 48 -5.55 -10.57 14.78
C THR A 48 -5.48 -12.00 14.18
N GLY A 49 -5.78 -12.99 14.98
CA GLY A 49 -5.67 -14.35 14.52
C GLY A 49 -4.33 -14.91 14.90
N ASN A 50 -3.86 -15.91 14.22
CA ASN A 50 -2.65 -16.50 14.46
C ASN A 50 -1.64 -16.13 13.36
N PRO A 51 -0.76 -15.16 13.60
CA PRO A 51 0.31 -14.85 12.69
C PRO A 51 1.60 -15.59 13.13
N GLN A 52 2.53 -15.71 12.24
CA GLN A 52 3.80 -16.37 12.51
C GLN A 52 4.75 -15.41 13.21
N PRO A 53 5.77 -15.91 13.92
CA PRO A 53 6.74 -15.05 14.59
C PRO A 53 7.57 -14.26 13.58
N LYS A 54 7.18 -13.03 13.39
CA LYS A 54 7.85 -12.14 12.50
C LYS A 54 7.66 -10.74 13.04
N ASN A 55 8.65 -9.89 12.86
CA ASN A 55 8.58 -8.52 13.32
C ASN A 55 7.63 -7.71 12.50
N TRP A 56 6.38 -7.73 12.91
CA TRP A 56 5.32 -7.03 12.27
C TRP A 56 5.63 -5.55 12.11
N ASN A 57 5.27 -5.05 10.98
CA ASN A 57 5.46 -3.68 10.63
C ASN A 57 4.11 -3.01 10.49
N LYS A 58 3.93 -1.88 11.15
CA LYS A 58 2.69 -1.15 11.01
C LYS A 58 2.63 -0.46 9.70
N ASP A 59 1.51 0.18 9.51
CA ASP A 59 1.28 1.08 8.44
C ASP A 59 1.39 0.33 7.13
N GLY A 60 0.91 -0.90 7.18
CA GLY A 60 0.64 -1.65 5.99
C GLY A 60 1.75 -2.50 5.50
N TYR A 61 2.82 -2.60 6.29
CA TYR A 61 4.04 -3.28 5.87
C TYR A 61 4.63 -2.54 4.69
N LEU A 62 5.39 -1.55 5.00
CA LEU A 62 5.92 -0.64 4.04
C LEU A 62 7.36 -0.38 4.43
N LYS A 63 8.20 0.01 3.49
CA LYS A 63 9.54 0.44 3.82
C LYS A 63 9.42 1.69 4.68
N LYS A 64 10.28 1.83 5.68
CA LYS A 64 10.17 2.94 6.63
C LYS A 64 10.62 4.26 6.02
N LEU A 65 9.75 4.81 5.26
CA LEU A 65 9.89 6.07 4.59
C LEU A 65 8.66 6.89 4.87
N PRO A 66 8.78 8.23 4.93
CA PRO A 66 7.63 9.12 5.10
C PRO A 66 6.58 8.93 3.99
N VAL A 67 5.44 9.57 4.15
CA VAL A 67 4.34 9.36 3.25
C VAL A 67 4.55 10.17 1.94
N ASP A 68 3.70 9.97 0.93
CA ASP A 68 4.00 10.53 -0.39
C ASP A 68 3.56 11.98 -0.43
N PRO A 69 4.19 12.81 -1.30
CA PRO A 69 3.74 14.16 -1.59
C PRO A 69 2.24 14.32 -1.78
N TRP A 70 1.84 15.58 -1.88
CA TRP A 70 0.47 16.08 -1.97
C TRP A 70 -0.26 15.85 -0.65
N GLY A 71 0.53 15.55 0.38
CA GLY A 71 0.03 15.23 1.72
C GLY A 71 -0.86 13.99 1.73
N ASN A 72 -0.74 13.20 0.71
CA ASN A 72 -1.51 12.02 0.54
C ASN A 72 -0.94 10.86 1.30
N PRO A 73 -1.78 10.22 2.11
CA PRO A 73 -1.43 9.02 2.78
C PRO A 73 -1.54 7.84 1.85
N TYR A 74 -0.80 6.81 2.11
CA TYR A 74 -0.98 5.61 1.37
C TYR A 74 -2.16 4.88 1.96
N GLN A 75 -2.96 4.32 1.13
CA GLN A 75 -4.16 3.63 1.56
C GLN A 75 -3.89 2.14 1.47
N TYR A 76 -3.95 1.47 2.60
CA TYR A 76 -3.66 0.06 2.62
C TYR A 76 -4.98 -0.68 2.73
N LEU A 77 -5.28 -1.45 1.74
CA LEU A 77 -6.45 -2.26 1.72
C LEU A 77 -6.05 -3.67 1.37
N ALA A 78 -6.80 -4.62 1.79
CA ALA A 78 -6.46 -5.95 1.53
C ALA A 78 -7.46 -6.52 0.49
N PRO A 79 -7.35 -7.84 0.05
CA PRO A 79 -8.09 -8.37 -1.11
C PRO A 79 -9.55 -8.06 -1.11
N GLY A 80 -9.95 -7.21 -1.99
CA GLY A 80 -11.31 -6.90 -2.10
C GLY A 80 -11.72 -6.64 -3.48
N THR A 81 -11.19 -5.62 -4.06
CA THR A 81 -11.57 -5.28 -5.38
C THR A 81 -10.75 -6.10 -6.33
N LYS A 82 -11.42 -7.08 -6.90
CA LYS A 82 -10.95 -8.02 -7.92
C LYS A 82 -9.83 -8.97 -7.49
N GLY A 83 -9.01 -8.62 -6.50
CA GLY A 83 -7.89 -9.49 -6.22
C GLY A 83 -7.22 -9.37 -4.87
N PRO A 84 -6.21 -10.29 -4.65
CA PRO A 84 -5.32 -10.46 -3.46
C PRO A 84 -4.94 -9.24 -2.63
N PHE A 85 -4.93 -8.04 -3.20
CA PHE A 85 -4.76 -6.83 -2.36
C PHE A 85 -5.01 -5.56 -3.14
N ASP A 86 -5.51 -4.58 -2.42
CA ASP A 86 -5.89 -3.31 -2.96
C ASP A 86 -4.92 -2.26 -2.41
N LEU A 87 -4.02 -1.77 -3.22
CA LEU A 87 -3.02 -0.87 -2.71
C LEU A 87 -2.98 0.40 -3.56
N TYR A 88 -3.06 1.57 -2.92
CA TYR A 88 -2.97 2.83 -3.65
C TYR A 88 -2.77 4.00 -2.73
N SER A 89 -2.37 5.09 -3.30
CA SER A 89 -2.27 6.35 -2.63
C SER A 89 -3.10 7.30 -3.46
N LEU A 90 -3.83 8.20 -2.84
CA LEU A 90 -4.64 9.16 -3.58
C LEU A 90 -3.84 10.06 -4.53
N GLY A 91 -4.53 10.58 -5.56
CA GLY A 91 -3.90 11.46 -6.52
C GLY A 91 -3.71 12.85 -5.98
N ALA A 92 -3.03 13.66 -6.74
CA ALA A 92 -2.60 15.01 -6.37
C ALA A 92 -3.66 15.92 -5.73
N ASP A 93 -4.92 15.74 -6.05
CA ASP A 93 -5.95 16.63 -5.51
C ASP A 93 -6.56 16.06 -4.25
N GLY A 94 -6.13 14.89 -3.86
CA GLY A 94 -6.62 14.27 -2.67
C GLY A 94 -7.83 13.41 -2.93
N LYS A 95 -7.95 12.94 -4.15
CA LYS A 95 -9.04 12.09 -4.56
C LYS A 95 -8.52 11.01 -5.50
N GLU A 96 -9.11 9.83 -5.43
CA GLU A 96 -8.75 8.75 -6.34
C GLU A 96 -9.48 8.90 -7.69
N GLY A 97 -8.70 9.07 -8.76
CA GLY A 97 -9.23 9.23 -10.09
C GLY A 97 -8.25 8.66 -11.12
N GLY A 98 -8.54 8.84 -12.41
CA GLY A 98 -7.61 8.40 -13.44
C GLY A 98 -6.99 9.59 -14.12
N SER A 99 -5.67 9.63 -14.20
CA SER A 99 -4.94 10.79 -14.69
C SER A 99 -3.43 10.48 -14.60
N ASP A 100 -2.60 11.45 -14.92
CA ASP A 100 -1.15 11.34 -14.73
C ASP A 100 -0.85 11.49 -13.25
N ASN A 101 -0.98 12.69 -12.74
CA ASN A 101 -0.69 12.96 -11.33
C ASN A 101 -1.96 12.97 -10.48
N ASP A 102 -3.08 13.09 -11.13
CA ASP A 102 -4.36 13.17 -10.42
C ASP A 102 -4.96 11.78 -10.24
N ALA A 103 -4.19 10.80 -10.57
CA ALA A 103 -4.62 9.43 -10.45
C ALA A 103 -4.23 8.89 -9.12
N ASP A 104 -4.98 7.93 -8.66
CA ASP A 104 -4.60 7.22 -7.48
C ASP A 104 -3.56 6.24 -7.92
N ILE A 105 -2.41 6.37 -7.38
CA ILE A 105 -1.32 5.57 -7.80
C ILE A 105 -1.18 4.39 -6.90
N GLY A 106 -1.12 3.23 -7.47
CA GLY A 106 -1.05 2.09 -6.66
C GLY A 106 -0.62 0.87 -7.39
N ASN A 107 -0.56 -0.17 -6.66
CA ASN A 107 -0.14 -1.45 -7.13
C ASN A 107 -1.26 -2.39 -6.82
N TRP A 108 -1.47 -3.38 -7.61
CA TRP A 108 -2.61 -4.21 -7.39
C TRP A 108 -2.22 -5.59 -7.71
N ASP A 109 -2.60 -6.51 -6.90
CA ASP A 109 -2.25 -7.85 -7.15
C ASP A 109 -3.48 -8.63 -7.40
N ASN A 110 -3.67 -8.96 -8.63
CA ASN A 110 -4.76 -9.76 -9.08
C ASN A 110 -4.25 -10.59 -10.21
N MET A 1 9.32 9.16 -15.12
CA MET A 1 8.73 10.42 -15.53
C MET A 1 9.21 11.49 -14.57
N SER A 2 10.33 12.08 -14.87
CA SER A 2 10.97 12.98 -13.96
C SER A 2 10.90 14.41 -14.49
N ARG A 3 9.84 15.06 -14.13
CA ARG A 3 9.54 16.43 -14.50
C ARG A 3 8.61 16.97 -13.43
N PRO A 4 8.45 18.31 -13.28
CA PRO A 4 7.60 18.94 -12.23
C PRO A 4 6.27 18.21 -11.95
N ASP A 5 6.13 17.78 -10.68
CA ASP A 5 4.96 17.05 -10.11
C ASP A 5 4.91 15.59 -10.55
N GLN A 6 5.32 15.34 -11.80
CA GLN A 6 5.41 13.98 -12.32
C GLN A 6 6.52 13.23 -11.63
N ALA A 7 7.47 14.00 -11.11
CA ALA A 7 8.55 13.47 -10.31
C ALA A 7 7.98 12.83 -9.05
N LYS A 8 6.85 13.34 -8.60
CA LYS A 8 6.19 12.78 -7.46
C LYS A 8 5.38 11.54 -7.86
N VAL A 9 5.02 11.46 -9.13
CA VAL A 9 4.30 10.30 -9.65
C VAL A 9 5.28 9.15 -9.78
N THR A 10 6.46 9.46 -10.31
CA THR A 10 7.45 8.46 -10.54
C THR A 10 8.01 7.90 -9.22
N VAL A 11 8.12 8.74 -8.17
CA VAL A 11 8.59 8.24 -6.89
C VAL A 11 7.55 7.30 -6.29
N ALA A 12 6.30 7.74 -6.38
CA ALA A 12 5.16 7.04 -5.82
C ALA A 12 5.03 5.66 -6.40
N LYS A 13 5.24 5.56 -7.70
CA LYS A 13 5.15 4.29 -8.39
C LYS A 13 6.27 3.33 -7.96
N GLY A 14 7.33 3.88 -7.44
CA GLY A 14 8.41 3.09 -6.92
C GLY A 14 8.13 2.70 -5.48
N ASP A 15 7.44 3.56 -4.78
CA ASP A 15 7.08 3.33 -3.37
C ASP A 15 6.07 2.26 -3.27
N ILE A 16 5.13 2.26 -4.19
CA ILE A 16 4.13 1.22 -4.23
C ILE A 16 4.76 -0.09 -4.69
N LYS A 17 5.85 -0.03 -5.42
CA LYS A 17 6.55 -1.25 -5.81
C LYS A 17 7.18 -1.88 -4.56
N ALA A 18 7.57 -1.02 -3.61
CA ALA A 18 8.12 -1.45 -2.33
C ALA A 18 7.01 -2.05 -1.47
N ILE A 19 5.80 -1.57 -1.71
CA ILE A 19 4.61 -2.07 -1.05
C ILE A 19 4.46 -3.55 -1.39
N ALA A 20 4.58 -3.88 -2.68
CA ALA A 20 4.44 -5.27 -3.15
C ALA A 20 5.44 -6.17 -2.47
N ALA A 21 6.60 -5.63 -2.20
CA ALA A 21 7.65 -6.39 -1.57
C ALA A 21 7.33 -6.67 -0.10
N ALA A 22 6.83 -5.67 0.59
CA ALA A 22 6.57 -5.79 2.01
C ALA A 22 5.20 -6.41 2.31
N LEU A 23 4.25 -6.24 1.41
CA LEU A 23 2.93 -6.83 1.56
C LEU A 23 3.09 -8.34 1.39
N ASP A 24 4.08 -8.71 0.60
CA ASP A 24 4.49 -10.11 0.43
C ASP A 24 5.15 -10.61 1.73
N MET A 25 5.73 -9.70 2.47
CA MET A 25 6.34 -10.02 3.75
C MET A 25 5.27 -10.16 4.82
N TYR A 26 4.16 -9.43 4.69
CA TYR A 26 3.00 -9.64 5.58
C TYR A 26 2.36 -10.97 5.20
N LYS A 27 2.36 -11.26 3.90
CA LYS A 27 1.91 -12.54 3.38
C LYS A 27 2.68 -13.69 4.05
N LEU A 28 3.91 -13.42 4.42
CA LEU A 28 4.76 -14.33 5.15
C LEU A 28 4.50 -14.22 6.67
N ASP A 29 4.14 -13.03 7.12
CA ASP A 29 3.98 -12.74 8.56
C ASP A 29 2.68 -13.33 9.11
N ASN A 30 1.70 -13.48 8.26
CA ASN A 30 0.43 -14.07 8.68
C ASN A 30 0.05 -15.13 7.74
N PHE A 31 1.05 -15.69 7.04
CA PHE A 31 0.89 -16.82 6.09
C PHE A 31 -0.35 -16.68 5.17
N ALA A 32 -0.66 -15.44 4.80
CA ALA A 32 -1.85 -15.13 4.05
C ALA A 32 -1.90 -13.64 3.80
N TYR A 33 -2.67 -13.24 2.82
CA TYR A 33 -2.94 -11.86 2.61
C TYR A 33 -4.05 -11.39 3.54
N PRO A 34 -4.02 -10.10 3.92
CA PRO A 34 -5.00 -9.51 4.83
C PRO A 34 -6.44 -9.49 4.28
N SER A 35 -7.41 -9.15 5.12
CA SER A 35 -8.76 -8.93 4.67
C SER A 35 -9.01 -7.47 4.81
N THR A 36 -9.90 -6.95 4.04
CA THR A 36 -10.18 -5.55 4.06
C THR A 36 -10.67 -5.08 5.46
N GLN A 37 -11.15 -6.00 6.26
CA GLN A 37 -11.52 -5.68 7.60
C GLN A 37 -10.41 -6.07 8.59
N GLN A 38 -10.15 -7.36 8.71
CA GLN A 38 -9.22 -7.84 9.73
C GLN A 38 -7.81 -7.58 9.35
N GLY A 39 -7.51 -7.71 8.07
CA GLY A 39 -6.18 -7.49 7.68
C GLY A 39 -5.82 -6.03 7.57
N LEU A 40 -6.82 -5.16 7.42
CA LEU A 40 -6.55 -3.73 7.36
C LEU A 40 -6.14 -3.32 8.77
N GLU A 41 -6.91 -3.82 9.74
CA GLU A 41 -6.57 -3.65 11.11
C GLU A 41 -5.25 -4.26 11.39
N ALA A 42 -5.01 -5.41 10.83
CA ALA A 42 -3.76 -6.12 11.04
C ALA A 42 -2.60 -5.55 10.20
N LEU A 43 -2.86 -4.51 9.45
CA LEU A 43 -1.82 -3.79 8.76
C LEU A 43 -1.46 -2.50 9.49
N VAL A 44 -2.35 -2.03 10.33
CA VAL A 44 -2.10 -0.79 11.09
C VAL A 44 -1.92 -1.10 12.60
N LYS A 45 -2.52 -2.17 13.01
CA LYS A 45 -2.56 -2.69 14.36
C LYS A 45 -2.00 -4.12 14.26
N LYS A 46 -1.30 -4.59 15.29
CA LYS A 46 -0.67 -5.94 15.22
C LYS A 46 -1.70 -7.03 14.90
N PRO A 47 -1.32 -8.04 14.07
CA PRO A 47 -2.24 -9.04 13.58
C PRO A 47 -2.85 -9.87 14.69
N THR A 48 -4.15 -9.84 14.73
CA THR A 48 -4.91 -10.49 15.74
C THR A 48 -4.87 -12.01 15.57
N GLY A 49 -4.80 -12.70 16.65
CA GLY A 49 -4.77 -14.12 16.58
C GLY A 49 -3.37 -14.63 16.70
N ASN A 50 -2.89 -15.27 15.66
CA ASN A 50 -1.57 -15.84 15.70
C ASN A 50 -0.84 -15.70 14.37
N PRO A 51 -0.06 -14.63 14.19
CA PRO A 51 0.83 -14.51 13.06
C PRO A 51 2.13 -15.26 13.41
N GLN A 52 2.93 -15.58 12.41
CA GLN A 52 4.17 -16.32 12.65
C GLN A 52 5.20 -15.40 13.26
N PRO A 53 6.26 -15.94 13.94
CA PRO A 53 7.31 -15.09 14.51
C PRO A 53 7.99 -14.27 13.41
N LYS A 54 7.57 -13.05 13.29
CA LYS A 54 8.03 -12.18 12.28
C LYS A 54 7.87 -10.75 12.82
N ASN A 55 8.80 -9.85 12.51
CA ASN A 55 8.67 -8.46 12.97
C ASN A 55 7.69 -7.69 12.12
N TRP A 56 6.47 -7.64 12.60
CA TRP A 56 5.37 -6.96 11.99
C TRP A 56 5.65 -5.45 11.80
N ASN A 57 5.14 -4.95 10.72
CA ASN A 57 5.26 -3.56 10.35
C ASN A 57 3.88 -2.97 10.21
N LYS A 58 3.68 -1.79 10.75
CA LYS A 58 2.42 -1.12 10.61
C LYS A 58 2.37 -0.37 9.30
N ASP A 59 1.32 0.39 9.09
CA ASP A 59 1.15 1.21 7.94
C ASP A 59 1.17 0.46 6.62
N GLY A 60 0.65 -0.74 6.65
CA GLY A 60 0.39 -1.47 5.43
C GLY A 60 1.52 -2.31 4.96
N TYR A 61 2.56 -2.40 5.77
CA TYR A 61 3.76 -3.13 5.41
C TYR A 61 4.50 -2.45 4.24
N LEU A 62 5.41 -1.57 4.59
CA LEU A 62 6.23 -0.82 3.66
C LEU A 62 7.67 -0.79 4.19
N LYS A 63 8.60 -0.31 3.41
CA LYS A 63 9.99 -0.23 3.83
C LYS A 63 10.22 1.06 4.62
N LYS A 64 11.48 1.45 4.82
CA LYS A 64 11.84 2.71 5.55
C LYS A 64 11.50 3.99 4.70
N LEU A 65 10.39 3.96 4.05
CA LEU A 65 9.94 4.99 3.15
C LEU A 65 8.89 5.86 3.82
N PRO A 66 8.83 7.15 3.46
CA PRO A 66 7.85 8.12 4.02
C PRO A 66 6.42 7.88 3.48
N VAL A 67 5.54 8.83 3.69
CA VAL A 67 4.21 8.73 3.14
C VAL A 67 4.27 9.28 1.69
N ASP A 68 3.20 9.14 0.92
CA ASP A 68 3.29 9.50 -0.49
C ASP A 68 3.15 11.02 -0.66
N PRO A 69 3.69 11.60 -1.77
CA PRO A 69 3.57 13.02 -2.06
C PRO A 69 2.15 13.54 -2.05
N TRP A 70 2.04 14.85 -2.12
CA TRP A 70 0.78 15.61 -2.13
C TRP A 70 0.08 15.46 -0.77
N GLY A 71 0.84 14.98 0.20
CA GLY A 71 0.37 14.79 1.56
C GLY A 71 -0.70 13.73 1.69
N ASN A 72 -0.68 12.73 0.84
CA ASN A 72 -1.67 11.67 0.91
C ASN A 72 -1.16 10.53 1.74
N PRO A 73 -1.86 10.20 2.83
CA PRO A 73 -1.61 8.98 3.57
C PRO A 73 -1.91 7.80 2.67
N TYR A 74 -1.14 6.77 2.78
CA TYR A 74 -1.36 5.59 1.96
C TYR A 74 -2.64 4.89 2.35
N GLN A 75 -3.32 4.35 1.39
CA GLN A 75 -4.59 3.68 1.62
C GLN A 75 -4.30 2.20 1.58
N TYR A 76 -4.48 1.52 2.71
CA TYR A 76 -4.17 0.12 2.76
C TYR A 76 -5.49 -0.63 2.65
N LEU A 77 -5.65 -1.41 1.61
CA LEU A 77 -6.82 -2.24 1.43
C LEU A 77 -6.39 -3.65 1.11
N ALA A 78 -7.21 -4.58 1.41
CA ALA A 78 -6.94 -5.93 1.15
C ALA A 78 -7.95 -6.39 0.07
N PRO A 79 -7.98 -7.69 -0.41
CA PRO A 79 -8.68 -8.09 -1.66
C PRO A 79 -10.00 -7.43 -1.88
N GLY A 80 -10.01 -6.57 -2.85
CA GLY A 80 -11.17 -5.80 -3.14
C GLY A 80 -12.12 -6.57 -4.00
N THR A 81 -11.96 -6.45 -5.27
CA THR A 81 -12.80 -7.14 -6.17
C THR A 81 -12.01 -8.18 -6.90
N LYS A 82 -12.07 -9.41 -6.40
CA LYS A 82 -11.46 -10.58 -7.06
C LYS A 82 -9.92 -10.53 -7.08
N GLY A 83 -9.34 -9.59 -6.38
CA GLY A 83 -7.92 -9.44 -6.42
C GLY A 83 -7.30 -9.44 -5.07
N PRO A 84 -6.19 -10.25 -4.90
CA PRO A 84 -5.44 -10.45 -3.64
C PRO A 84 -5.25 -9.24 -2.69
N PHE A 85 -5.19 -8.01 -3.22
CA PHE A 85 -5.06 -6.81 -2.36
C PHE A 85 -5.22 -5.54 -3.17
N ASP A 86 -5.36 -4.41 -2.48
CA ASP A 86 -5.45 -3.07 -3.11
C ASP A 86 -4.63 -2.09 -2.30
N LEU A 87 -3.52 -1.71 -2.80
CA LEU A 87 -2.66 -0.81 -2.07
C LEU A 87 -2.37 0.36 -2.95
N TYR A 88 -2.59 1.56 -2.45
CA TYR A 88 -2.50 2.74 -3.29
C TYR A 88 -2.47 4.01 -2.49
N SER A 89 -2.16 5.08 -3.16
CA SER A 89 -2.23 6.40 -2.61
C SER A 89 -3.12 7.24 -3.54
N LEU A 90 -3.82 8.20 -2.98
CA LEU A 90 -4.63 9.13 -3.76
C LEU A 90 -3.74 10.04 -4.62
N GLY A 91 -4.29 10.55 -5.73
CA GLY A 91 -3.53 11.41 -6.63
C GLY A 91 -3.27 12.79 -6.09
N ALA A 92 -2.67 13.62 -6.92
CA ALA A 92 -2.27 14.98 -6.56
C ALA A 92 -3.39 15.86 -6.00
N ASP A 93 -4.63 15.57 -6.33
CA ASP A 93 -5.74 16.39 -5.83
C ASP A 93 -6.31 15.80 -4.54
N GLY A 94 -5.84 14.64 -4.16
CA GLY A 94 -6.29 14.03 -2.94
C GLY A 94 -7.47 13.11 -3.14
N LYS A 95 -7.69 12.69 -4.36
CA LYS A 95 -8.75 11.77 -4.65
C LYS A 95 -8.27 10.75 -5.69
N GLU A 96 -8.79 9.54 -5.62
CA GLU A 96 -8.43 8.51 -6.56
C GLU A 96 -9.12 8.75 -7.91
N GLY A 97 -8.33 8.85 -8.94
CA GLY A 97 -8.86 9.03 -10.27
C GLY A 97 -7.92 8.42 -11.28
N GLY A 98 -8.22 8.60 -12.54
CA GLY A 98 -7.32 8.14 -13.56
C GLY A 98 -6.81 9.34 -14.31
N SER A 99 -5.51 9.43 -14.42
CA SER A 99 -4.81 10.63 -14.91
C SER A 99 -3.31 10.34 -14.89
N ASP A 100 -2.51 11.33 -15.24
CA ASP A 100 -1.06 11.22 -15.06
C ASP A 100 -0.68 11.52 -13.61
N ASN A 101 -0.85 12.75 -13.16
CA ASN A 101 -0.51 13.08 -11.76
C ASN A 101 -1.73 13.04 -10.86
N ASP A 102 -2.90 13.14 -11.44
CA ASP A 102 -4.16 13.15 -10.67
C ASP A 102 -4.73 11.74 -10.54
N ALA A 103 -3.93 10.77 -10.85
CA ALA A 103 -4.34 9.39 -10.77
C ALA A 103 -4.02 8.81 -9.44
N ASP A 104 -4.74 7.78 -9.07
CA ASP A 104 -4.40 7.04 -7.89
C ASP A 104 -3.27 6.13 -8.27
N ILE A 105 -2.23 6.17 -7.52
CA ILE A 105 -1.11 5.35 -7.82
C ILE A 105 -1.20 4.11 -6.97
N GLY A 106 -1.24 2.97 -7.58
CA GLY A 106 -1.49 1.78 -6.85
C GLY A 106 -0.72 0.59 -7.30
N ASN A 107 -0.50 -0.27 -6.36
CA ASN A 107 0.19 -1.51 -6.55
C ASN A 107 -0.64 -2.59 -5.97
N TRP A 108 -1.03 -3.52 -6.76
CA TRP A 108 -1.85 -4.56 -6.28
C TRP A 108 -1.81 -5.76 -7.17
N ASP A 109 -2.50 -6.74 -6.76
CA ASP A 109 -2.71 -7.90 -7.54
C ASP A 109 -4.15 -8.03 -7.69
N ASN A 110 -4.60 -7.95 -8.91
CA ASN A 110 -5.99 -8.00 -9.25
C ASN A 110 -6.07 -8.41 -10.70
N MET A 1 9.11 8.89 -14.89
CA MET A 1 8.59 10.18 -15.38
C MET A 1 9.28 11.29 -14.62
N SER A 2 10.05 12.12 -15.29
CA SER A 2 10.79 13.17 -14.61
C SER A 2 10.42 14.55 -15.14
N ARG A 3 9.30 15.07 -14.67
CA ARG A 3 8.77 16.38 -15.03
C ARG A 3 8.02 16.86 -13.81
N PRO A 4 7.73 18.18 -13.68
CA PRO A 4 6.93 18.72 -12.56
C PRO A 4 5.66 17.88 -12.30
N ASP A 5 5.47 17.50 -11.05
CA ASP A 5 4.36 16.64 -10.57
C ASP A 5 4.54 15.19 -10.91
N GLN A 6 5.00 14.90 -12.12
CA GLN A 6 5.31 13.52 -12.50
C GLN A 6 6.50 13.02 -11.73
N ALA A 7 7.30 13.95 -11.28
CA ALA A 7 8.45 13.68 -10.43
C ALA A 7 8.00 13.14 -9.07
N LYS A 8 6.74 13.38 -8.71
CA LYS A 8 6.21 12.84 -7.48
C LYS A 8 5.64 11.46 -7.77
N VAL A 9 5.23 11.27 -9.02
CA VAL A 9 4.60 10.05 -9.47
C VAL A 9 5.65 8.94 -9.63
N THR A 10 6.79 9.33 -10.17
CA THR A 10 7.87 8.40 -10.43
C THR A 10 8.41 7.80 -9.10
N VAL A 11 8.31 8.58 -8.02
CA VAL A 11 8.69 8.11 -6.71
C VAL A 11 7.64 7.13 -6.23
N ALA A 12 6.40 7.51 -6.42
CA ALA A 12 5.25 6.76 -5.98
C ALA A 12 5.23 5.38 -6.59
N LYS A 13 5.55 5.26 -7.87
CA LYS A 13 5.52 3.97 -8.56
C LYS A 13 6.60 3.01 -8.01
N GLY A 14 7.65 3.56 -7.47
CA GLY A 14 8.69 2.74 -6.88
C GLY A 14 8.39 2.48 -5.42
N ASP A 15 7.60 3.36 -4.85
CA ASP A 15 7.28 3.30 -3.44
C ASP A 15 6.15 2.31 -3.22
N ILE A 16 5.20 2.28 -4.15
CA ILE A 16 4.15 1.28 -4.13
C ILE A 16 4.76 -0.09 -4.37
N LYS A 17 5.82 -0.13 -5.20
CA LYS A 17 6.50 -1.38 -5.49
C LYS A 17 7.21 -1.88 -4.22
N ALA A 18 7.59 -0.94 -3.36
CA ALA A 18 8.16 -1.27 -2.06
C ALA A 18 7.11 -1.95 -1.20
N ILE A 19 5.91 -1.40 -1.22
CA ILE A 19 4.78 -1.94 -0.48
C ILE A 19 4.42 -3.31 -1.02
N ALA A 20 4.49 -3.50 -2.32
CA ALA A 20 4.21 -4.79 -2.95
C ALA A 20 5.15 -5.89 -2.43
N ALA A 21 6.32 -5.48 -2.00
CA ALA A 21 7.30 -6.41 -1.48
C ALA A 21 7.08 -6.64 0.00
N ALA A 22 6.63 -5.61 0.68
CA ALA A 22 6.42 -5.68 2.11
C ALA A 22 5.05 -6.29 2.46
N LEU A 23 4.11 -6.15 1.58
CA LEU A 23 2.79 -6.76 1.75
C LEU A 23 2.97 -8.28 1.57
N ASP A 24 4.02 -8.63 0.81
CA ASP A 24 4.43 -10.01 0.63
C ASP A 24 5.15 -10.49 1.91
N MET A 25 5.61 -9.55 2.70
CA MET A 25 6.26 -9.82 3.96
C MET A 25 5.20 -10.07 5.04
N TYR A 26 4.03 -9.44 4.89
CA TYR A 26 2.89 -9.76 5.75
C TYR A 26 2.41 -11.15 5.33
N LYS A 27 2.44 -11.37 4.01
CA LYS A 27 2.14 -12.68 3.43
C LYS A 27 3.08 -13.75 4.00
N LEU A 28 4.24 -13.31 4.43
CA LEU A 28 5.18 -14.16 5.09
C LEU A 28 4.89 -14.24 6.60
N ASP A 29 4.46 -13.12 7.20
CA ASP A 29 4.20 -13.07 8.64
C ASP A 29 2.92 -13.81 9.03
N ASN A 30 2.00 -13.91 8.09
CA ASN A 30 0.73 -14.62 8.32
C ASN A 30 0.48 -15.63 7.30
N PHE A 31 1.55 -16.05 6.61
CA PHE A 31 1.52 -17.12 5.58
C PHE A 31 0.32 -17.02 4.63
N ALA A 32 -0.10 -15.79 4.39
CA ALA A 32 -1.30 -15.50 3.65
C ALA A 32 -1.46 -13.99 3.63
N TYR A 33 -2.24 -13.50 2.72
CA TYR A 33 -2.56 -12.10 2.67
C TYR A 33 -3.57 -11.71 3.74
N PRO A 34 -3.60 -10.41 4.13
CA PRO A 34 -4.54 -9.90 5.12
C PRO A 34 -5.97 -9.81 4.55
N SER A 35 -6.95 -9.56 5.39
CA SER A 35 -8.31 -9.36 4.92
C SER A 35 -8.59 -7.88 4.96
N THR A 36 -9.51 -7.37 4.18
CA THR A 36 -9.71 -5.93 4.17
C THR A 36 -10.35 -5.46 5.50
N GLN A 37 -10.83 -6.40 6.28
CA GLN A 37 -11.33 -6.10 7.57
C GLN A 37 -10.30 -6.46 8.64
N GLN A 38 -9.96 -7.74 8.79
CA GLN A 38 -9.06 -8.16 9.87
C GLN A 38 -7.66 -7.80 9.53
N GLY A 39 -7.28 -7.96 8.28
CA GLY A 39 -5.96 -7.64 7.89
C GLY A 39 -5.70 -6.14 7.81
N LEU A 40 -6.73 -5.32 7.66
CA LEU A 40 -6.50 -3.87 7.57
C LEU A 40 -6.13 -3.37 8.95
N GLU A 41 -6.92 -3.80 9.92
CA GLU A 41 -6.63 -3.51 11.30
C GLU A 41 -5.32 -4.11 11.69
N ALA A 42 -4.98 -5.21 11.05
CA ALA A 42 -3.75 -5.90 11.32
C ALA A 42 -2.58 -5.34 10.48
N LEU A 43 -2.85 -4.35 9.67
CA LEU A 43 -1.81 -3.61 8.95
C LEU A 43 -1.45 -2.33 9.70
N VAL A 44 -2.37 -1.89 10.53
CA VAL A 44 -2.15 -0.69 11.33
C VAL A 44 -1.89 -1.04 12.81
N LYS A 45 -2.50 -2.13 13.24
CA LYS A 45 -2.41 -2.67 14.58
C LYS A 45 -1.96 -4.12 14.46
N LYS A 46 -1.28 -4.66 15.46
CA LYS A 46 -0.70 -6.02 15.40
C LYS A 46 -1.76 -7.10 15.04
N PRO A 47 -1.35 -8.11 14.22
CA PRO A 47 -2.22 -9.17 13.69
C PRO A 47 -3.16 -9.79 14.71
N THR A 48 -4.40 -9.89 14.32
CA THR A 48 -5.45 -10.41 15.17
C THR A 48 -5.66 -11.92 14.88
N GLY A 49 -4.89 -12.41 13.93
CA GLY A 49 -4.98 -13.81 13.57
C GLY A 49 -3.89 -14.62 14.24
N ASN A 50 -3.34 -15.56 13.53
CA ASN A 50 -2.29 -16.43 14.04
C ASN A 50 -1.07 -16.42 13.12
N PRO A 51 -0.17 -15.45 13.31
CA PRO A 51 0.99 -15.28 12.46
C PRO A 51 2.23 -16.06 12.98
N GLN A 52 3.20 -16.27 12.12
CA GLN A 52 4.42 -16.97 12.46
C GLN A 52 5.51 -15.94 12.70
N PRO A 53 6.31 -16.10 13.80
CA PRO A 53 7.34 -15.12 14.25
C PRO A 53 8.08 -14.39 13.12
N LYS A 54 7.66 -13.18 12.88
CA LYS A 54 8.20 -12.33 11.86
C LYS A 54 8.00 -10.90 12.36
N ASN A 55 8.91 -10.01 12.03
CA ASN A 55 8.80 -8.62 12.42
C ASN A 55 7.67 -7.91 11.68
N TRP A 56 6.58 -7.76 12.36
CA TRP A 56 5.43 -7.05 11.91
C TRP A 56 5.72 -5.55 11.77
N ASN A 57 5.12 -4.94 10.79
CA ASN A 57 5.25 -3.53 10.55
C ASN A 57 3.87 -2.94 10.34
N LYS A 58 3.62 -1.83 10.98
CA LYS A 58 2.38 -1.10 10.78
C LYS A 58 2.55 -0.26 9.51
N ASP A 59 1.66 0.71 9.31
CA ASP A 59 1.76 1.66 8.17
C ASP A 59 1.58 0.89 6.86
N GLY A 60 0.99 -0.30 6.99
CA GLY A 60 0.63 -1.10 5.85
C GLY A 60 1.74 -1.95 5.33
N TYR A 61 2.78 -2.13 6.18
CA TYR A 61 3.98 -2.85 5.79
C TYR A 61 4.72 -2.10 4.67
N LEU A 62 5.60 -1.24 5.07
CA LEU A 62 6.40 -0.42 4.19
C LEU A 62 7.81 -0.38 4.74
N LYS A 63 8.74 0.13 3.97
CA LYS A 63 10.10 0.26 4.42
C LYS A 63 10.25 1.58 5.16
N LYS A 64 11.44 1.97 5.51
CA LYS A 64 11.65 3.26 6.19
C LYS A 64 11.53 4.43 5.17
N LEU A 65 10.33 4.63 4.74
CA LEU A 65 9.99 5.59 3.72
C LEU A 65 8.83 6.43 4.24
N PRO A 66 8.73 7.72 3.86
CA PRO A 66 7.63 8.61 4.28
C PRO A 66 6.31 8.26 3.56
N VAL A 67 5.33 9.13 3.70
CA VAL A 67 4.05 8.94 3.03
C VAL A 67 4.14 9.58 1.63
N ASP A 68 3.12 9.44 0.78
CA ASP A 68 3.27 9.89 -0.64
C ASP A 68 3.10 11.42 -0.73
N PRO A 69 3.72 12.09 -1.74
CA PRO A 69 3.54 13.52 -2.01
C PRO A 69 2.08 13.96 -2.06
N TRP A 70 1.91 15.26 -2.13
CA TRP A 70 0.62 15.98 -2.12
C TRP A 70 -0.02 15.85 -0.73
N GLY A 71 0.80 15.42 0.21
CA GLY A 71 0.38 15.17 1.58
C GLY A 71 -0.72 14.12 1.67
N ASN A 72 -0.68 13.16 0.79
CA ASN A 72 -1.66 12.11 0.75
C ASN A 72 -1.23 10.91 1.54
N PRO A 73 -2.13 10.39 2.38
CA PRO A 73 -1.88 9.18 3.12
C PRO A 73 -2.09 7.97 2.21
N TYR A 74 -1.40 6.90 2.49
CA TYR A 74 -1.57 5.70 1.72
C TYR A 74 -2.81 4.97 2.15
N GLN A 75 -3.49 4.39 1.21
CA GLN A 75 -4.68 3.66 1.51
C GLN A 75 -4.32 2.19 1.40
N TYR A 76 -4.36 1.50 2.51
CA TYR A 76 -4.02 0.10 2.52
C TYR A 76 -5.33 -0.63 2.49
N LEU A 77 -5.56 -1.39 1.48
CA LEU A 77 -6.73 -2.20 1.40
C LEU A 77 -6.33 -3.61 1.05
N ALA A 78 -7.04 -4.54 1.57
CA ALA A 78 -6.77 -5.89 1.30
C ALA A 78 -7.90 -6.37 0.36
N PRO A 79 -7.98 -7.69 -0.09
CA PRO A 79 -8.81 -8.11 -1.25
C PRO A 79 -10.16 -7.44 -1.32
N GLY A 80 -10.29 -6.56 -2.26
CA GLY A 80 -11.49 -5.84 -2.41
C GLY A 80 -11.97 -5.80 -3.80
N THR A 81 -11.34 -5.01 -4.61
CA THR A 81 -11.76 -4.89 -5.96
C THR A 81 -11.17 -6.01 -6.75
N LYS A 82 -11.99 -7.04 -6.90
CA LYS A 82 -11.76 -8.21 -7.74
C LYS A 82 -10.66 -9.14 -7.29
N GLY A 83 -9.77 -8.72 -6.41
CA GLY A 83 -8.65 -9.55 -6.17
C GLY A 83 -7.88 -9.31 -4.89
N PRO A 84 -6.83 -10.17 -4.70
CA PRO A 84 -5.95 -10.28 -3.52
C PRO A 84 -5.56 -8.99 -2.80
N PHE A 85 -5.32 -7.88 -3.51
CA PHE A 85 -5.08 -6.63 -2.75
C PHE A 85 -5.25 -5.37 -3.54
N ASP A 86 -5.75 -4.36 -2.83
CA ASP A 86 -6.04 -3.05 -3.37
C ASP A 86 -5.07 -2.08 -2.71
N LEU A 87 -4.08 -1.61 -3.39
CA LEU A 87 -3.12 -0.76 -2.75
C LEU A 87 -2.93 0.49 -3.55
N TYR A 88 -3.09 1.65 -2.90
CA TYR A 88 -2.93 2.93 -3.59
C TYR A 88 -2.84 4.08 -2.62
N SER A 89 -2.42 5.19 -3.12
CA SER A 89 -2.47 6.43 -2.41
C SER A 89 -3.23 7.39 -3.31
N LEU A 90 -3.92 8.33 -2.74
CA LEU A 90 -4.64 9.33 -3.52
C LEU A 90 -3.69 10.18 -4.34
N GLY A 91 -4.12 10.56 -5.52
CA GLY A 91 -3.33 11.42 -6.34
C GLY A 91 -3.58 12.86 -6.02
N ALA A 92 -3.06 13.72 -6.85
CA ALA A 92 -3.14 15.16 -6.67
C ALA A 92 -4.57 15.71 -6.79
N ASP A 93 -5.50 14.85 -7.15
CA ASP A 93 -6.92 15.25 -7.27
C ASP A 93 -7.66 14.91 -5.97
N GLY A 94 -7.00 14.16 -5.09
CA GLY A 94 -7.57 13.77 -3.80
C GLY A 94 -8.66 12.71 -3.92
N LYS A 95 -8.81 12.19 -5.11
CA LYS A 95 -9.83 11.22 -5.42
C LYS A 95 -9.20 10.21 -6.34
N GLU A 96 -9.62 8.98 -6.26
CA GLU A 96 -9.06 7.98 -7.13
C GLU A 96 -9.63 8.08 -8.55
N GLY A 97 -8.75 8.31 -9.49
CA GLY A 97 -9.12 8.46 -10.87
C GLY A 97 -8.01 8.02 -11.77
N GLY A 98 -8.16 8.22 -13.06
CA GLY A 98 -7.10 7.86 -13.98
C GLY A 98 -6.56 9.10 -14.62
N SER A 99 -5.25 9.26 -14.55
CA SER A 99 -4.50 10.46 -14.92
C SER A 99 -3.03 10.16 -14.63
N ASP A 100 -2.15 11.10 -14.85
CA ASP A 100 -0.78 10.94 -14.41
C ASP A 100 -0.64 11.17 -12.93
N ASN A 101 -0.67 12.42 -12.53
CA ASN A 101 -0.47 12.76 -11.11
C ASN A 101 -1.79 12.94 -10.40
N ASP A 102 -2.86 13.09 -11.15
CA ASP A 102 -4.19 13.25 -10.54
C ASP A 102 -4.86 11.91 -10.33
N ALA A 103 -4.13 10.87 -10.65
CA ALA A 103 -4.58 9.50 -10.52
C ALA A 103 -4.15 8.94 -9.21
N ASP A 104 -4.84 7.92 -8.76
CA ASP A 104 -4.43 7.24 -7.58
C ASP A 104 -3.28 6.34 -7.96
N ILE A 105 -2.22 6.46 -7.27
CA ILE A 105 -1.07 5.69 -7.58
C ILE A 105 -0.99 4.46 -6.72
N GLY A 106 -1.02 3.33 -7.35
CA GLY A 106 -0.95 2.12 -6.63
C GLY A 106 -0.86 0.95 -7.51
N ASN A 107 -0.45 -0.13 -6.94
CA ASN A 107 -0.36 -1.38 -7.62
C ASN A 107 -1.48 -2.27 -7.17
N TRP A 108 -1.79 -3.26 -7.91
CA TRP A 108 -2.97 -4.03 -7.63
C TRP A 108 -2.67 -5.45 -7.93
N ASP A 109 -3.10 -6.33 -7.09
CA ASP A 109 -2.87 -7.71 -7.38
C ASP A 109 -4.15 -8.34 -7.79
N ASN A 110 -4.34 -8.32 -9.11
CA ASN A 110 -5.44 -8.92 -9.85
C ASN A 110 -5.38 -8.39 -11.26
N MET A 1 9.05 8.93 -14.99
CA MET A 1 8.00 9.84 -15.48
C MET A 1 8.44 11.26 -15.13
N SER A 2 8.96 12.00 -16.10
CA SER A 2 9.51 13.30 -15.80
C SER A 2 8.79 14.43 -16.53
N ARG A 3 7.89 15.06 -15.80
CA ARG A 3 7.16 16.27 -16.16
C ARG A 3 6.77 16.90 -14.84
N PRO A 4 6.33 18.19 -14.81
CA PRO A 4 5.86 18.84 -13.58
C PRO A 4 4.81 17.99 -12.85
N ASP A 5 5.11 17.72 -11.59
CA ASP A 5 4.31 16.91 -10.62
C ASP A 5 4.43 15.41 -10.91
N GLN A 6 4.70 15.05 -12.16
CA GLN A 6 4.91 13.66 -12.52
C GLN A 6 6.20 13.17 -11.90
N ALA A 7 7.05 14.13 -11.54
CA ALA A 7 8.28 13.86 -10.82
C ALA A 7 7.96 13.26 -9.43
N LYS A 8 6.73 13.48 -8.96
CA LYS A 8 6.30 12.89 -7.72
C LYS A 8 5.66 11.53 -7.99
N VAL A 9 5.15 11.37 -9.20
CA VAL A 9 4.48 10.13 -9.60
C VAL A 9 5.52 9.06 -9.82
N THR A 10 6.60 9.45 -10.42
CA THR A 10 7.66 8.57 -10.76
C THR A 10 8.35 7.99 -9.50
N VAL A 11 8.28 8.70 -8.37
CA VAL A 11 8.88 8.17 -7.14
C VAL A 11 7.88 7.23 -6.50
N ALA A 12 6.60 7.56 -6.65
CA ALA A 12 5.51 6.80 -6.09
C ALA A 12 5.48 5.42 -6.67
N LYS A 13 5.89 5.29 -7.92
CA LYS A 13 5.89 4.01 -8.62
C LYS A 13 6.88 3.04 -7.96
N GLY A 14 7.87 3.60 -7.30
CA GLY A 14 8.85 2.80 -6.62
C GLY A 14 8.45 2.55 -5.19
N ASP A 15 7.68 3.46 -4.63
CA ASP A 15 7.27 3.34 -3.24
C ASP A 15 6.13 2.36 -3.13
N ILE A 16 5.25 2.36 -4.11
CA ILE A 16 4.19 1.37 -4.18
C ILE A 16 4.78 -0.01 -4.48
N LYS A 17 5.90 -0.01 -5.22
CA LYS A 17 6.61 -1.21 -5.56
C LYS A 17 7.19 -1.83 -4.30
N ALA A 18 7.56 -0.96 -3.36
CA ALA A 18 8.09 -1.38 -2.07
C ALA A 18 7.00 -2.06 -1.27
N ILE A 19 5.82 -1.48 -1.29
CA ILE A 19 4.70 -2.00 -0.53
C ILE A 19 4.24 -3.33 -1.11
N ALA A 20 4.29 -3.44 -2.43
CA ALA A 20 3.93 -4.69 -3.13
C ALA A 20 4.82 -5.84 -2.67
N ALA A 21 6.03 -5.50 -2.25
CA ALA A 21 7.00 -6.46 -1.77
C ALA A 21 6.82 -6.68 -0.27
N ALA A 22 6.48 -5.64 0.45
CA ALA A 22 6.28 -5.73 1.89
C ALA A 22 4.96 -6.41 2.23
N LEU A 23 4.00 -6.30 1.34
CA LEU A 23 2.71 -6.95 1.51
C LEU A 23 2.94 -8.47 1.38
N ASP A 24 3.96 -8.80 0.60
CA ASP A 24 4.42 -10.20 0.44
C ASP A 24 5.15 -10.65 1.71
N MET A 25 5.64 -9.69 2.45
CA MET A 25 6.35 -9.99 3.67
C MET A 25 5.34 -10.24 4.77
N TYR A 26 4.27 -9.45 4.79
CA TYR A 26 3.16 -9.72 5.70
C TYR A 26 2.53 -11.06 5.30
N LYS A 27 2.51 -11.32 3.99
CA LYS A 27 2.07 -12.57 3.43
C LYS A 27 2.84 -13.76 4.03
N LEU A 28 4.07 -13.56 4.40
CA LEU A 28 4.81 -14.58 5.11
C LEU A 28 4.69 -14.43 6.63
N ASP A 29 4.52 -13.20 7.09
CA ASP A 29 4.44 -12.88 8.55
C ASP A 29 3.14 -13.37 9.16
N ASN A 30 2.13 -13.51 8.35
CA ASN A 30 0.87 -14.07 8.81
C ASN A 30 0.50 -15.14 7.91
N PHE A 31 1.50 -15.62 7.16
CA PHE A 31 1.39 -16.73 6.20
C PHE A 31 0.15 -16.66 5.31
N ALA A 32 -0.28 -15.46 4.99
CA ALA A 32 -1.47 -15.22 4.27
C ALA A 32 -1.63 -13.75 4.08
N TYR A 33 -2.44 -13.37 3.14
CA TYR A 33 -2.80 -12.01 2.95
C TYR A 33 -3.84 -11.57 3.96
N PRO A 34 -3.87 -10.27 4.26
CA PRO A 34 -4.84 -9.69 5.19
C PRO A 34 -6.28 -9.76 4.64
N SER A 35 -7.29 -9.54 5.47
CA SER A 35 -8.63 -9.41 4.96
C SER A 35 -8.91 -7.92 4.92
N THR A 36 -9.81 -7.46 4.10
CA THR A 36 -10.00 -6.01 4.00
C THR A 36 -10.60 -5.43 5.30
N GLN A 37 -11.06 -6.30 6.17
CA GLN A 37 -11.53 -5.88 7.46
C GLN A 37 -10.48 -6.19 8.55
N GLN A 38 -10.21 -7.47 8.78
CA GLN A 38 -9.33 -7.88 9.89
C GLN A 38 -7.91 -7.66 9.51
N GLY A 39 -7.59 -7.87 8.25
CA GLY A 39 -6.27 -7.65 7.84
C GLY A 39 -5.94 -6.19 7.65
N LEU A 40 -6.94 -5.35 7.46
CA LEU A 40 -6.68 -3.91 7.38
C LEU A 40 -6.30 -3.50 8.79
N GLU A 41 -7.08 -4.01 9.73
CA GLU A 41 -6.80 -3.85 11.13
C GLU A 41 -5.52 -4.56 11.51
N ALA A 42 -5.06 -5.46 10.69
CA ALA A 42 -3.83 -6.20 10.94
C ALA A 42 -2.66 -5.60 10.20
N LEU A 43 -2.95 -4.59 9.43
CA LEU A 43 -1.94 -3.80 8.76
C LEU A 43 -1.70 -2.54 9.56
N VAL A 44 -2.60 -2.25 10.47
CA VAL A 44 -2.47 -1.11 11.35
C VAL A 44 -2.23 -1.55 12.81
N LYS A 45 -2.94 -2.58 13.21
CA LYS A 45 -2.84 -3.15 14.56
C LYS A 45 -2.30 -4.58 14.40
N LYS A 46 -1.58 -5.09 15.39
CA LYS A 46 -0.97 -6.43 15.32
C LYS A 46 -2.03 -7.49 15.00
N PRO A 47 -1.69 -8.43 14.09
CA PRO A 47 -2.61 -9.46 13.63
C PRO A 47 -3.04 -10.40 14.77
N THR A 48 -4.29 -10.77 14.76
CA THR A 48 -4.82 -11.66 15.74
C THR A 48 -4.53 -13.11 15.37
N GLY A 49 -4.93 -14.04 16.22
CA GLY A 49 -4.71 -15.44 15.94
C GLY A 49 -3.26 -15.80 16.15
N ASN A 50 -2.60 -16.17 15.08
CA ASN A 50 -1.21 -16.53 15.18
C ASN A 50 -0.46 -16.18 13.89
N PRO A 51 0.50 -15.27 13.97
CA PRO A 51 1.41 -14.94 12.88
C PRO A 51 2.82 -15.58 13.11
N GLN A 52 3.62 -15.67 12.07
CA GLN A 52 4.98 -16.22 12.17
C GLN A 52 5.90 -15.19 12.81
N PRO A 53 7.05 -15.59 13.38
CA PRO A 53 7.97 -14.63 13.96
C PRO A 53 8.69 -13.78 12.90
N LYS A 54 8.17 -12.59 12.71
CA LYS A 54 8.71 -11.54 11.87
C LYS A 54 8.37 -10.25 12.56
N ASN A 55 9.18 -9.26 12.41
CA ASN A 55 8.86 -7.99 13.01
C ASN A 55 7.80 -7.27 12.19
N TRP A 56 6.56 -7.50 12.60
CA TRP A 56 5.39 -6.92 12.02
C TRP A 56 5.47 -5.40 11.96
N ASN A 57 4.94 -4.86 10.91
CA ASN A 57 4.97 -3.46 10.64
C ASN A 57 3.55 -2.95 10.45
N LYS A 58 3.22 -1.81 11.02
CA LYS A 58 1.93 -1.21 10.77
C LYS A 58 2.04 -0.32 9.55
N ASP A 59 1.02 0.50 9.30
CA ASP A 59 1.01 1.49 8.22
C ASP A 59 0.92 0.80 6.86
N GLY A 60 0.53 -0.46 6.92
CA GLY A 60 0.21 -1.21 5.73
C GLY A 60 1.32 -2.07 5.23
N TYR A 61 2.36 -2.23 6.06
CA TYR A 61 3.56 -2.98 5.71
C TYR A 61 4.33 -2.29 4.59
N LEU A 62 5.25 -1.46 5.01
CA LEU A 62 6.08 -0.68 4.13
C LEU A 62 7.49 -0.68 4.68
N LYS A 63 8.46 -0.45 3.83
CA LYS A 63 9.84 -0.33 4.25
C LYS A 63 10.04 1.06 4.86
N LYS A 64 11.23 1.39 5.26
CA LYS A 64 11.47 2.72 5.80
C LYS A 64 11.67 3.74 4.68
N LEU A 65 10.58 4.06 4.04
CA LEU A 65 10.52 4.98 2.93
C LEU A 65 9.39 5.97 3.24
N PRO A 66 9.50 7.23 2.78
CA PRO A 66 8.49 8.26 3.04
C PRO A 66 7.10 7.94 2.44
N VAL A 67 6.10 8.67 2.87
CA VAL A 67 4.72 8.51 2.43
C VAL A 67 4.55 9.18 1.04
N ASP A 68 3.39 9.06 0.43
CA ASP A 68 3.16 9.59 -0.92
C ASP A 68 3.16 11.11 -0.96
N PRO A 69 3.66 11.68 -2.10
CA PRO A 69 3.60 13.12 -2.38
C PRO A 69 2.21 13.70 -2.20
N TRP A 70 2.13 15.02 -2.28
CA TRP A 70 0.89 15.81 -2.09
C TRP A 70 0.35 15.59 -0.64
N GLY A 71 1.22 15.03 0.20
CA GLY A 71 0.95 14.75 1.60
C GLY A 71 -0.14 13.72 1.87
N ASN A 72 -0.34 12.75 0.99
CA ASN A 72 -1.35 11.75 1.23
C ASN A 72 -0.78 10.54 1.93
N PRO A 73 -1.42 10.09 3.02
CA PRO A 73 -1.11 8.81 3.61
C PRO A 73 -1.60 7.70 2.70
N TYR A 74 -0.91 6.59 2.69
CA TYR A 74 -1.27 5.48 1.82
C TYR A 74 -2.56 4.82 2.24
N GLN A 75 -3.32 4.40 1.27
CA GLN A 75 -4.58 3.76 1.52
C GLN A 75 -4.35 2.29 1.33
N TYR A 76 -4.45 1.58 2.39
CA TYR A 76 -4.24 0.18 2.38
C TYR A 76 -5.52 -0.59 2.50
N LEU A 77 -5.80 -1.39 1.51
CA LEU A 77 -6.95 -2.23 1.49
C LEU A 77 -6.51 -3.64 1.20
N ALA A 78 -7.27 -4.58 1.63
CA ALA A 78 -6.91 -5.93 1.47
C ALA A 78 -7.96 -6.58 0.54
N PRO A 79 -7.91 -7.91 0.21
CA PRO A 79 -8.75 -8.50 -0.82
C PRO A 79 -10.20 -8.21 -0.68
N GLY A 80 -10.71 -7.58 -1.67
CA GLY A 80 -12.08 -7.25 -1.71
C GLY A 80 -12.81 -8.31 -2.46
N THR A 81 -12.99 -8.08 -3.71
CA THR A 81 -13.71 -8.98 -4.53
C THR A 81 -12.76 -9.62 -5.54
N LYS A 82 -12.34 -10.85 -5.24
CA LYS A 82 -11.49 -11.68 -6.11
C LYS A 82 -10.07 -11.11 -6.29
N GLY A 83 -9.73 -10.11 -5.51
CA GLY A 83 -8.44 -9.50 -5.67
C GLY A 83 -7.66 -9.49 -4.39
N PRO A 84 -6.53 -10.26 -4.33
CA PRO A 84 -5.63 -10.46 -3.15
C PRO A 84 -5.28 -9.25 -2.26
N PHE A 85 -5.33 -8.03 -2.79
CA PHE A 85 -5.09 -6.79 -1.99
C PHE A 85 -5.18 -5.58 -2.89
N ASP A 86 -5.27 -4.39 -2.29
CA ASP A 86 -5.33 -3.13 -3.03
C ASP A 86 -4.48 -2.09 -2.31
N LEU A 87 -3.40 -1.65 -2.91
CA LEU A 87 -2.55 -0.67 -2.26
C LEU A 87 -2.35 0.52 -3.15
N TYR A 88 -2.68 1.70 -2.66
CA TYR A 88 -2.57 2.92 -3.45
C TYR A 88 -2.64 4.14 -2.55
N SER A 89 -2.29 5.26 -3.07
CA SER A 89 -2.48 6.51 -2.38
C SER A 89 -3.27 7.42 -3.30
N LEU A 90 -4.00 8.35 -2.73
CA LEU A 90 -4.79 9.29 -3.49
C LEU A 90 -3.91 10.24 -4.31
N GLY A 91 -4.20 10.35 -5.60
CA GLY A 91 -3.43 11.25 -6.47
C GLY A 91 -3.66 12.69 -6.14
N ALA A 92 -3.04 13.58 -6.89
CA ALA A 92 -3.06 15.03 -6.64
C ALA A 92 -4.47 15.66 -6.60
N ASP A 93 -5.46 14.96 -7.12
CA ASP A 93 -6.83 15.49 -7.13
C ASP A 93 -7.60 15.00 -5.91
N GLY A 94 -6.98 14.06 -5.20
CA GLY A 94 -7.59 13.49 -4.01
C GLY A 94 -8.63 12.46 -4.33
N LYS A 95 -8.70 12.08 -5.58
CA LYS A 95 -9.65 11.12 -6.05
C LYS A 95 -8.97 9.99 -6.74
N GLU A 96 -9.55 8.84 -6.63
CA GLU A 96 -9.05 7.67 -7.27
C GLU A 96 -9.65 7.58 -8.68
N GLY A 97 -8.84 7.88 -9.65
CA GLY A 97 -9.26 7.92 -11.01
C GLY A 97 -8.15 7.60 -11.94
N GLY A 98 -8.39 7.73 -13.23
CA GLY A 98 -7.35 7.50 -14.18
C GLY A 98 -6.90 8.82 -14.71
N SER A 99 -5.62 9.03 -14.66
CA SER A 99 -4.95 10.27 -14.96
C SER A 99 -3.46 10.01 -14.75
N ASP A 100 -2.63 11.01 -14.91
CA ASP A 100 -1.22 10.84 -14.64
C ASP A 100 -0.94 11.03 -13.16
N ASN A 101 -0.96 12.27 -12.73
CA ASN A 101 -0.62 12.62 -11.36
C ASN A 101 -1.88 12.83 -10.53
N ASP A 102 -2.99 13.03 -11.21
CA ASP A 102 -4.26 13.25 -10.52
C ASP A 102 -4.89 11.92 -10.21
N ALA A 103 -4.29 10.89 -10.72
CA ALA A 103 -4.73 9.53 -10.53
C ALA A 103 -4.13 9.00 -9.29
N ASP A 104 -4.75 8.02 -8.73
CA ASP A 104 -4.25 7.41 -7.54
C ASP A 104 -3.11 6.52 -7.92
N ILE A 105 -2.06 6.60 -7.20
CA ILE A 105 -0.91 5.81 -7.47
C ILE A 105 -0.89 4.57 -6.63
N GLY A 106 -0.90 3.45 -7.25
CA GLY A 106 -0.89 2.25 -6.51
C GLY A 106 -0.78 1.04 -7.35
N ASN A 107 -0.51 -0.03 -6.71
CA ASN A 107 -0.38 -1.29 -7.34
C ASN A 107 -0.92 -2.35 -6.44
N TRP A 108 -1.42 -3.38 -7.02
CA TRP A 108 -2.00 -4.43 -6.30
C TRP A 108 -2.15 -5.62 -7.18
N ASP A 109 -2.67 -6.66 -6.63
CA ASP A 109 -2.92 -7.85 -7.36
C ASP A 109 -4.40 -8.12 -7.30
N ASN A 110 -5.02 -8.20 -8.44
CA ASN A 110 -6.42 -8.50 -8.54
C ASN A 110 -6.62 -9.48 -9.68
N MET A 1 8.92 9.85 -15.85
CA MET A 1 8.13 11.06 -15.98
C MET A 1 9.00 12.25 -15.61
N SER A 2 9.47 12.97 -16.57
CA SER A 2 10.34 14.07 -16.28
C SER A 2 9.63 15.40 -16.52
N ARG A 3 8.79 15.76 -15.58
CA ARG A 3 8.07 17.03 -15.56
C ARG A 3 7.72 17.34 -14.12
N PRO A 4 7.51 18.64 -13.77
CA PRO A 4 7.08 19.03 -12.42
C PRO A 4 5.81 18.30 -12.01
N ASP A 5 5.77 17.86 -10.76
CA ASP A 5 4.67 17.07 -10.11
C ASP A 5 4.74 15.63 -10.56
N GLN A 6 5.07 15.42 -11.82
CA GLN A 6 5.30 14.08 -12.35
C GLN A 6 6.56 13.51 -11.73
N ALA A 7 7.40 14.39 -11.24
CA ALA A 7 8.58 14.04 -10.49
C ALA A 7 8.18 13.41 -9.15
N LYS A 8 6.93 13.58 -8.79
CA LYS A 8 6.41 12.97 -7.59
C LYS A 8 5.77 11.63 -7.95
N VAL A 9 5.35 11.50 -9.22
CA VAL A 9 4.73 10.26 -9.70
C VAL A 9 5.80 9.20 -9.80
N THR A 10 6.94 9.60 -10.34
CA THR A 10 8.06 8.71 -10.58
C THR A 10 8.67 8.21 -9.23
N VAL A 11 8.33 8.88 -8.13
CA VAL A 11 8.74 8.45 -6.81
C VAL A 11 7.75 7.40 -6.32
N ALA A 12 6.49 7.77 -6.37
CA ALA A 12 5.39 6.95 -5.88
C ALA A 12 5.31 5.60 -6.56
N LYS A 13 5.66 5.53 -7.85
CA LYS A 13 5.60 4.28 -8.60
C LYS A 13 6.60 3.26 -8.02
N GLY A 14 7.64 3.78 -7.40
CA GLY A 14 8.63 2.93 -6.81
C GLY A 14 8.27 2.59 -5.39
N ASP A 15 7.52 3.47 -4.75
CA ASP A 15 7.13 3.27 -3.37
C ASP A 15 6.03 2.26 -3.26
N ILE A 16 5.16 2.26 -4.23
CA ILE A 16 4.11 1.27 -4.29
C ILE A 16 4.72 -0.09 -4.57
N LYS A 17 5.80 -0.11 -5.37
CA LYS A 17 6.51 -1.33 -5.69
C LYS A 17 7.18 -1.88 -4.43
N ALA A 18 7.54 -0.97 -3.55
CA ALA A 18 8.14 -1.31 -2.28
C ALA A 18 7.12 -2.03 -1.41
N ILE A 19 5.91 -1.47 -1.38
CA ILE A 19 4.82 -2.02 -0.61
C ILE A 19 4.41 -3.37 -1.19
N ALA A 20 4.48 -3.50 -2.50
CA ALA A 20 4.14 -4.75 -3.16
C ALA A 20 5.05 -5.89 -2.71
N ALA A 21 6.25 -5.54 -2.29
CA ALA A 21 7.20 -6.51 -1.82
C ALA A 21 6.99 -6.76 -0.34
N ALA A 22 6.59 -5.72 0.37
CA ALA A 22 6.42 -5.79 1.80
C ALA A 22 5.05 -6.39 2.19
N LEU A 23 4.05 -6.23 1.36
CA LEU A 23 2.73 -6.83 1.58
C LEU A 23 2.89 -8.34 1.43
N ASP A 24 3.84 -8.70 0.59
CA ASP A 24 4.24 -10.08 0.37
C ASP A 24 5.02 -10.58 1.62
N MET A 25 5.55 -9.64 2.38
CA MET A 25 6.25 -9.97 3.62
C MET A 25 5.23 -10.14 4.75
N TYR A 26 4.10 -9.43 4.67
CA TYR A 26 2.99 -9.67 5.60
C TYR A 26 2.41 -11.04 5.26
N LYS A 27 2.42 -11.35 3.96
CA LYS A 27 2.04 -12.66 3.45
C LYS A 27 2.87 -13.76 4.14
N LEU A 28 4.14 -13.46 4.41
CA LEU A 28 4.99 -14.36 5.20
C LEU A 28 4.68 -14.27 6.68
N ASP A 29 4.36 -13.09 7.13
CA ASP A 29 4.18 -12.80 8.56
C ASP A 29 2.91 -13.46 9.12
N ASN A 30 1.94 -13.66 8.25
CA ASN A 30 0.69 -14.32 8.64
C ASN A 30 0.34 -15.40 7.73
N PHE A 31 1.35 -15.91 7.02
CA PHE A 31 1.23 -17.07 6.08
C PHE A 31 -0.02 -16.99 5.18
N ALA A 32 -0.41 -15.77 4.85
CA ALA A 32 -1.63 -15.49 4.15
C ALA A 32 -1.74 -13.99 4.02
N TYR A 33 -2.55 -13.53 3.12
CA TYR A 33 -2.83 -12.13 3.00
C TYR A 33 -3.86 -11.68 4.03
N PRO A 34 -3.83 -10.40 4.40
CA PRO A 34 -4.77 -9.81 5.37
C PRO A 34 -6.23 -9.83 4.84
N SER A 35 -7.23 -9.57 5.67
CA SER A 35 -8.59 -9.46 5.17
C SER A 35 -8.87 -7.99 5.00
N THR A 36 -9.78 -7.60 4.14
CA THR A 36 -10.00 -6.20 3.90
C THR A 36 -10.57 -5.50 5.16
N GLN A 37 -11.05 -6.28 6.12
CA GLN A 37 -11.49 -5.75 7.37
C GLN A 37 -10.45 -5.99 8.48
N GLN A 38 -10.19 -7.26 8.81
CA GLN A 38 -9.30 -7.57 9.95
C GLN A 38 -7.88 -7.37 9.57
N GLY A 39 -7.53 -7.74 8.36
CA GLY A 39 -6.18 -7.56 7.97
C GLY A 39 -5.83 -6.11 7.69
N LEU A 40 -6.82 -5.28 7.43
CA LEU A 40 -6.57 -3.84 7.20
C LEU A 40 -6.05 -3.28 8.53
N GLU A 41 -6.76 -3.61 9.57
CA GLU A 41 -6.37 -3.20 10.87
C GLU A 41 -5.15 -3.96 11.32
N ALA A 42 -4.91 -5.12 10.76
CA ALA A 42 -3.73 -5.90 11.07
C ALA A 42 -2.52 -5.40 10.27
N LEU A 43 -2.76 -4.43 9.42
CA LEU A 43 -1.71 -3.76 8.68
C LEU A 43 -1.31 -2.48 9.40
N VAL A 44 -2.25 -1.91 10.12
CA VAL A 44 -1.99 -0.66 10.84
C VAL A 44 -1.71 -0.94 12.35
N LYS A 45 -2.34 -1.95 12.85
CA LYS A 45 -2.26 -2.40 14.23
C LYS A 45 -1.75 -3.83 14.18
N LYS A 46 -1.03 -4.29 15.20
CA LYS A 46 -0.50 -5.67 15.21
C LYS A 46 -1.62 -6.69 14.98
N PRO A 47 -1.33 -7.76 14.21
CA PRO A 47 -2.33 -8.77 13.83
C PRO A 47 -3.04 -9.36 15.05
N THR A 48 -4.35 -9.51 14.94
CA THR A 48 -5.17 -9.93 16.04
C THR A 48 -5.14 -11.44 16.21
N GLY A 49 -4.78 -12.14 15.15
CA GLY A 49 -4.62 -13.55 15.22
C GLY A 49 -3.24 -13.88 15.69
N ASN A 50 -2.71 -14.96 15.21
CA ASN A 50 -1.36 -15.33 15.57
C ASN A 50 -0.47 -15.34 14.36
N PRO A 51 0.26 -14.25 14.12
CA PRO A 51 1.24 -14.22 13.04
C PRO A 51 2.49 -14.97 13.51
N GLN A 52 3.32 -15.36 12.60
CA GLN A 52 4.50 -16.12 12.94
C GLN A 52 5.58 -15.17 13.38
N PRO A 53 6.61 -15.63 14.15
CA PRO A 53 7.68 -14.75 14.62
C PRO A 53 8.40 -14.07 13.45
N LYS A 54 7.99 -12.87 13.20
CA LYS A 54 8.50 -12.03 12.19
C LYS A 54 8.29 -10.61 12.66
N ASN A 55 9.17 -9.72 12.32
CA ASN A 55 9.03 -8.33 12.73
C ASN A 55 7.97 -7.62 11.88
N TRP A 56 6.73 -7.64 12.38
CA TRP A 56 5.59 -6.98 11.78
C TRP A 56 5.85 -5.49 11.56
N ASN A 57 5.32 -4.97 10.48
CA ASN A 57 5.49 -3.60 10.09
C ASN A 57 4.13 -2.92 9.92
N LYS A 58 3.99 -1.72 10.45
CA LYS A 58 2.76 -0.99 10.34
C LYS A 58 2.66 -0.23 9.03
N ASP A 59 1.53 0.40 8.84
CA ASP A 59 1.21 1.30 7.74
C ASP A 59 1.06 0.54 6.41
N GLY A 60 0.81 -0.74 6.53
CA GLY A 60 0.47 -1.52 5.37
C GLY A 60 1.59 -2.35 4.89
N TYR A 61 2.63 -2.45 5.72
CA TYR A 61 3.85 -3.10 5.36
C TYR A 61 4.49 -2.33 4.18
N LEU A 62 5.24 -1.32 4.54
CA LEU A 62 5.83 -0.40 3.63
C LEU A 62 7.28 -0.25 4.10
N LYS A 63 8.19 0.02 3.20
CA LYS A 63 9.61 0.17 3.56
C LYS A 63 9.83 1.43 4.40
N LYS A 64 11.06 1.72 4.77
CA LYS A 64 11.34 2.92 5.57
C LYS A 64 11.33 4.21 4.71
N LEU A 65 10.24 4.38 4.01
CA LEU A 65 9.99 5.44 3.09
C LEU A 65 8.78 6.22 3.59
N PRO A 66 8.71 7.54 3.34
CA PRO A 66 7.62 8.37 3.82
C PRO A 66 6.28 8.10 3.09
N VAL A 67 5.27 8.89 3.43
CA VAL A 67 3.96 8.78 2.81
C VAL A 67 4.01 9.47 1.43
N ASP A 68 2.95 9.36 0.63
CA ASP A 68 3.04 9.79 -0.75
C ASP A 68 2.92 11.29 -0.94
N PRO A 69 3.39 11.81 -2.12
CA PRO A 69 3.23 13.20 -2.51
C PRO A 69 1.78 13.61 -2.52
N TRP A 70 1.56 14.90 -2.64
CA TRP A 70 0.22 15.53 -2.64
C TRP A 70 -0.41 15.34 -1.27
N GLY A 71 0.43 14.95 -0.33
CA GLY A 71 0.08 14.73 1.04
C GLY A 71 -0.96 13.66 1.28
N ASN A 72 -1.12 12.69 0.39
CA ASN A 72 -2.10 11.67 0.65
C ASN A 72 -1.49 10.64 1.57
N PRO A 73 -2.31 10.03 2.42
CA PRO A 73 -1.92 8.88 3.15
C PRO A 73 -2.23 7.64 2.33
N TYR A 74 -1.43 6.60 2.49
CA TYR A 74 -1.65 5.39 1.73
C TYR A 74 -2.92 4.72 2.18
N GLN A 75 -3.62 4.16 1.23
CA GLN A 75 -4.91 3.52 1.49
C GLN A 75 -4.63 2.05 1.52
N TYR A 76 -4.92 1.46 2.65
CA TYR A 76 -4.64 0.06 2.84
C TYR A 76 -5.90 -0.70 2.57
N LEU A 77 -5.88 -1.55 1.59
CA LEU A 77 -6.96 -2.47 1.39
C LEU A 77 -6.40 -3.85 1.23
N ALA A 78 -7.15 -4.80 1.62
CA ALA A 78 -6.76 -6.15 1.52
C ALA A 78 -7.85 -6.82 0.66
N PRO A 79 -7.83 -8.15 0.38
CA PRO A 79 -8.78 -8.74 -0.57
C PRO A 79 -10.21 -8.45 -0.25
N GLY A 80 -10.82 -7.75 -1.16
CA GLY A 80 -12.18 -7.37 -0.96
C GLY A 80 -13.08 -8.19 -1.79
N THR A 81 -13.24 -7.79 -3.01
CA THR A 81 -14.10 -8.50 -3.87
C THR A 81 -13.29 -9.18 -4.96
N LYS A 82 -12.98 -10.44 -4.73
CA LYS A 82 -12.29 -11.33 -5.68
C LYS A 82 -10.86 -10.85 -6.01
N GLY A 83 -10.31 -10.01 -5.17
CA GLY A 83 -8.98 -9.51 -5.43
C GLY A 83 -8.11 -9.56 -4.23
N PRO A 84 -7.02 -10.41 -4.28
CA PRO A 84 -6.04 -10.66 -3.17
C PRO A 84 -5.54 -9.47 -2.35
N PHE A 85 -5.60 -8.25 -2.87
CA PHE A 85 -5.25 -7.01 -2.12
C PHE A 85 -5.36 -5.81 -3.03
N ASP A 86 -5.55 -4.64 -2.42
CA ASP A 86 -5.64 -3.36 -3.13
C ASP A 86 -4.78 -2.35 -2.41
N LEU A 87 -3.66 -1.99 -2.96
CA LEU A 87 -2.81 -1.02 -2.31
C LEU A 87 -2.70 0.20 -3.19
N TYR A 88 -2.99 1.37 -2.64
CA TYR A 88 -2.89 2.61 -3.43
C TYR A 88 -2.99 3.83 -2.57
N SER A 89 -2.68 4.96 -3.14
CA SER A 89 -2.96 6.25 -2.58
C SER A 89 -3.73 7.02 -3.61
N LEU A 90 -4.55 7.94 -3.18
CA LEU A 90 -5.30 8.81 -4.07
C LEU A 90 -4.36 9.65 -4.98
N GLY A 91 -4.83 9.95 -6.19
CA GLY A 91 -4.06 10.73 -7.15
C GLY A 91 -3.83 12.19 -6.74
N ALA A 92 -3.27 12.97 -7.67
CA ALA A 92 -2.89 14.37 -7.45
C ALA A 92 -4.06 15.27 -7.01
N ASP A 93 -5.27 14.92 -7.40
CA ASP A 93 -6.43 15.73 -7.00
C ASP A 93 -7.07 15.15 -5.74
N GLY A 94 -6.58 14.01 -5.30
CA GLY A 94 -7.18 13.33 -4.16
C GLY A 94 -8.43 12.59 -4.58
N LYS A 95 -8.45 12.20 -5.82
CA LYS A 95 -9.57 11.53 -6.41
C LYS A 95 -9.08 10.25 -7.02
N GLU A 96 -9.85 9.18 -6.92
CA GLU A 96 -9.46 7.92 -7.50
C GLU A 96 -9.76 7.84 -9.00
N GLY A 97 -8.70 7.93 -9.79
CA GLY A 97 -8.86 7.96 -11.22
C GLY A 97 -7.68 7.35 -11.96
N GLY A 98 -7.82 7.23 -13.25
CA GLY A 98 -6.78 6.69 -14.10
C GLY A 98 -6.15 7.80 -14.85
N SER A 99 -4.84 7.87 -14.81
CA SER A 99 -4.03 8.96 -15.32
C SER A 99 -2.58 8.60 -15.10
N ASP A 100 -1.67 9.46 -15.43
CA ASP A 100 -0.29 9.22 -15.03
C ASP A 100 0.01 9.98 -13.78
N ASN A 101 -0.33 11.25 -13.79
CA ASN A 101 -0.05 12.11 -12.67
C ASN A 101 -1.19 12.08 -11.68
N ASP A 102 -2.41 12.09 -12.17
CA ASP A 102 -3.55 12.16 -11.27
C ASP A 102 -4.11 10.78 -10.99
N ALA A 103 -3.29 9.80 -11.26
CA ALA A 103 -3.65 8.41 -11.03
C ALA A 103 -3.46 8.07 -9.62
N ASP A 104 -4.15 7.07 -9.18
CA ASP A 104 -3.96 6.57 -7.86
C ASP A 104 -2.71 5.81 -7.93
N ILE A 105 -1.85 6.06 -7.04
CA ILE A 105 -0.61 5.41 -7.11
C ILE A 105 -0.66 4.22 -6.24
N GLY A 106 -0.63 3.10 -6.87
CA GLY A 106 -0.73 1.89 -6.17
C GLY A 106 -0.55 0.76 -7.08
N ASN A 107 -0.56 -0.38 -6.52
CA ASN A 107 -0.43 -1.59 -7.21
C ASN A 107 -1.04 -2.65 -6.39
N TRP A 108 -1.56 -3.63 -7.03
CA TRP A 108 -2.29 -4.65 -6.36
C TRP A 108 -2.33 -5.92 -7.15
N ASP A 109 -2.94 -6.91 -6.59
CA ASP A 109 -3.09 -8.15 -7.26
C ASP A 109 -4.54 -8.51 -7.28
N ASN A 110 -5.08 -8.54 -8.47
CA ASN A 110 -6.44 -8.90 -8.70
C ASN A 110 -6.51 -9.80 -9.91
N MET A 1 8.77 8.64 -14.82
CA MET A 1 7.83 9.68 -15.27
C MET A 1 8.47 11.02 -14.94
N SER A 2 9.23 11.56 -15.87
CA SER A 2 10.01 12.73 -15.61
C SER A 2 9.42 13.99 -16.22
N ARG A 3 8.54 14.60 -15.47
CA ARG A 3 7.91 15.88 -15.76
C ARG A 3 7.53 16.45 -14.41
N PRO A 4 7.41 17.78 -14.25
CA PRO A 4 6.96 18.38 -12.98
C PRO A 4 5.62 17.77 -12.55
N ASP A 5 5.47 17.55 -11.23
CA ASP A 5 4.30 16.88 -10.59
C ASP A 5 4.34 15.38 -10.83
N GLN A 6 4.80 14.99 -11.97
CA GLN A 6 4.97 13.60 -12.29
C GLN A 6 6.23 13.06 -11.61
N ALA A 7 7.06 13.98 -11.16
CA ALA A 7 8.26 13.68 -10.40
C ALA A 7 7.91 12.97 -9.09
N LYS A 8 6.77 13.34 -8.53
CA LYS A 8 6.28 12.70 -7.33
C LYS A 8 5.45 11.47 -7.67
N VAL A 9 4.94 11.42 -8.91
CA VAL A 9 4.19 10.24 -9.38
C VAL A 9 5.15 9.08 -9.64
N THR A 10 6.28 9.38 -10.27
CA THR A 10 7.26 8.38 -10.63
C THR A 10 7.88 7.73 -9.38
N VAL A 11 8.12 8.51 -8.34
CA VAL A 11 8.70 7.99 -7.12
C VAL A 11 7.68 7.11 -6.43
N ALA A 12 6.43 7.54 -6.51
CA ALA A 12 5.31 6.85 -5.92
C ALA A 12 5.18 5.45 -6.47
N LYS A 13 5.40 5.31 -7.77
CA LYS A 13 5.28 4.02 -8.43
C LYS A 13 6.35 3.04 -7.93
N GLY A 14 7.44 3.57 -7.44
CA GLY A 14 8.50 2.74 -6.94
C GLY A 14 8.29 2.44 -5.47
N ASP A 15 7.64 3.34 -4.79
CA ASP A 15 7.41 3.19 -3.37
C ASP A 15 6.23 2.30 -3.09
N ILE A 16 5.27 2.30 -3.99
CA ILE A 16 4.17 1.35 -3.89
C ILE A 16 4.67 -0.04 -4.26
N LYS A 17 5.70 -0.12 -5.10
CA LYS A 17 6.30 -1.37 -5.46
C LYS A 17 7.09 -1.92 -4.27
N ALA A 18 7.56 -1.00 -3.42
CA ALA A 18 8.25 -1.35 -2.18
C ALA A 18 7.26 -2.02 -1.24
N ILE A 19 6.07 -1.43 -1.16
CA ILE A 19 5.00 -1.95 -0.32
C ILE A 19 4.57 -3.32 -0.81
N ALA A 20 4.61 -3.53 -2.11
CA ALA A 20 4.27 -4.82 -2.68
C ALA A 20 5.19 -5.91 -2.17
N ALA A 21 6.45 -5.56 -1.94
CA ALA A 21 7.44 -6.50 -1.47
C ALA A 21 7.30 -6.69 0.02
N ALA A 22 6.79 -5.68 0.70
CA ALA A 22 6.60 -5.77 2.13
C ALA A 22 5.27 -6.44 2.46
N LEU A 23 4.30 -6.29 1.59
CA LEU A 23 3.00 -6.93 1.76
C LEU A 23 3.20 -8.43 1.50
N ASP A 24 4.19 -8.72 0.69
CA ASP A 24 4.65 -10.07 0.44
C ASP A 24 5.26 -10.63 1.74
N MET A 25 5.85 -9.74 2.50
CA MET A 25 6.44 -10.10 3.76
C MET A 25 5.34 -10.29 4.79
N TYR A 26 4.25 -9.54 4.65
CA TYR A 26 3.08 -9.74 5.49
C TYR A 26 2.41 -11.05 5.15
N LYS A 27 2.38 -11.42 3.83
CA LYS A 27 1.77 -12.68 3.49
C LYS A 27 2.62 -13.81 4.04
N LEU A 28 3.86 -13.50 4.36
CA LEU A 28 4.74 -14.42 5.03
C LEU A 28 4.54 -14.34 6.55
N ASP A 29 4.33 -13.11 7.08
CA ASP A 29 4.25 -12.89 8.54
C ASP A 29 2.95 -13.41 9.12
N ASN A 30 1.92 -13.45 8.31
CA ASN A 30 0.66 -13.96 8.76
C ASN A 30 0.21 -14.98 7.81
N PHE A 31 1.19 -15.57 7.10
CA PHE A 31 0.99 -16.72 6.19
C PHE A 31 -0.25 -16.60 5.30
N ALA A 32 -0.56 -15.36 4.92
CA ALA A 32 -1.76 -15.07 4.19
C ALA A 32 -1.83 -13.58 3.97
N TYR A 33 -2.53 -13.20 2.95
CA TYR A 33 -2.83 -11.82 2.73
C TYR A 33 -3.93 -11.34 3.66
N PRO A 34 -4.01 -10.02 3.90
CA PRO A 34 -4.98 -9.43 4.82
C PRO A 34 -6.42 -9.49 4.28
N SER A 35 -7.40 -9.31 5.16
CA SER A 35 -8.76 -9.14 4.74
C SER A 35 -9.06 -7.66 4.92
N THR A 36 -10.00 -7.12 4.19
CA THR A 36 -10.21 -5.68 4.24
C THR A 36 -10.74 -5.23 5.63
N GLN A 37 -11.14 -6.18 6.44
CA GLN A 37 -11.50 -5.89 7.78
C GLN A 37 -10.37 -6.30 8.73
N GLN A 38 -10.10 -7.61 8.81
CA GLN A 38 -9.18 -8.14 9.82
C GLN A 38 -7.76 -7.90 9.44
N GLY A 39 -7.48 -7.95 8.15
CA GLY A 39 -6.14 -7.73 7.75
C GLY A 39 -5.81 -6.27 7.59
N LEU A 40 -6.82 -5.43 7.43
CA LEU A 40 -6.57 -4.00 7.32
C LEU A 40 -6.22 -3.52 8.72
N GLU A 41 -6.96 -4.00 9.70
CA GLU A 41 -6.63 -3.73 11.07
C GLU A 41 -5.34 -4.40 11.46
N ALA A 42 -5.01 -5.48 10.79
CA ALA A 42 -3.76 -6.20 11.03
C ALA A 42 -2.61 -5.58 10.21
N LEU A 43 -2.93 -4.61 9.39
CA LEU A 43 -1.94 -3.88 8.61
C LEU A 43 -1.54 -2.61 9.34
N VAL A 44 -2.45 -2.14 10.17
CA VAL A 44 -2.19 -0.93 10.96
C VAL A 44 -1.88 -1.30 12.41
N LYS A 45 -2.62 -2.25 12.93
CA LYS A 45 -2.45 -2.74 14.29
C LYS A 45 -1.93 -4.16 14.23
N LYS A 46 -1.14 -4.55 15.20
CA LYS A 46 -0.50 -5.85 15.28
C LYS A 46 -1.56 -6.95 15.14
N PRO A 47 -1.34 -7.90 14.21
CA PRO A 47 -2.31 -8.92 13.82
C PRO A 47 -2.85 -9.73 14.99
N THR A 48 -4.14 -9.76 15.08
CA THR A 48 -4.83 -10.47 16.10
C THR A 48 -4.78 -11.96 15.84
N GLY A 49 -4.18 -12.66 16.74
CA GLY A 49 -4.01 -14.06 16.60
C GLY A 49 -2.55 -14.39 16.73
N ASN A 50 -2.10 -15.37 16.01
CA ASN A 50 -0.71 -15.75 16.09
C ASN A 50 -0.03 -15.77 14.73
N PRO A 51 0.60 -14.65 14.34
CA PRO A 51 1.45 -14.61 13.14
C PRO A 51 2.78 -15.29 13.48
N GLN A 52 3.55 -15.66 12.51
CA GLN A 52 4.83 -16.32 12.78
C GLN A 52 5.82 -15.27 13.29
N PRO A 53 6.91 -15.66 13.99
CA PRO A 53 7.92 -14.69 14.42
C PRO A 53 8.58 -14.03 13.21
N LYS A 54 8.10 -12.88 12.87
CA LYS A 54 8.54 -12.11 11.75
C LYS A 54 8.29 -10.66 12.13
N ASN A 55 9.11 -9.77 11.64
CA ASN A 55 8.97 -8.36 11.95
C ASN A 55 7.78 -7.71 11.26
N TRP A 56 6.67 -7.68 11.94
CA TRP A 56 5.47 -6.99 11.52
C TRP A 56 5.73 -5.49 11.45
N ASN A 57 5.12 -4.86 10.48
CA ASN A 57 5.23 -3.45 10.28
C ASN A 57 3.85 -2.85 10.09
N LYS A 58 3.59 -1.74 10.73
CA LYS A 58 2.31 -1.08 10.58
C LYS A 58 2.34 -0.18 9.37
N ASP A 59 1.25 0.55 9.20
CA ASP A 59 1.11 1.59 8.17
C ASP A 59 1.02 0.96 6.79
N GLY A 60 0.77 -0.34 6.79
CA GLY A 60 0.48 -1.06 5.59
C GLY A 60 1.60 -1.92 5.10
N TYR A 61 2.59 -2.17 5.98
CA TYR A 61 3.80 -2.92 5.61
C TYR A 61 4.58 -2.20 4.48
N LEU A 62 5.46 -1.35 4.91
CA LEU A 62 6.25 -0.50 4.05
C LEU A 62 7.72 -0.67 4.44
N LYS A 63 8.60 -0.13 3.65
CA LYS A 63 10.01 -0.14 3.98
C LYS A 63 10.29 1.09 4.83
N LYS A 64 11.52 1.29 5.25
CA LYS A 64 11.83 2.51 5.99
C LYS A 64 11.96 3.72 5.04
N LEU A 65 10.82 4.12 4.55
CA LEU A 65 10.66 5.19 3.61
C LEU A 65 9.56 6.10 4.13
N PRO A 66 9.65 7.41 3.85
CA PRO A 66 8.58 8.34 4.20
C PRO A 66 7.31 8.05 3.38
N VAL A 67 6.22 8.69 3.74
CA VAL A 67 4.95 8.47 3.08
C VAL A 67 4.93 9.27 1.75
N ASP A 68 3.92 9.07 0.91
CA ASP A 68 3.96 9.67 -0.44
C ASP A 68 3.67 11.16 -0.41
N PRO A 69 4.27 11.93 -1.36
CA PRO A 69 4.00 13.34 -1.57
C PRO A 69 2.52 13.67 -1.62
N TRP A 70 2.25 14.96 -1.62
CA TRP A 70 0.93 15.59 -1.53
C TRP A 70 0.37 15.38 -0.13
N GLY A 71 1.28 14.99 0.75
CA GLY A 71 0.97 14.62 2.13
C GLY A 71 -0.07 13.52 2.23
N ASN A 72 -0.09 12.62 1.26
CA ASN A 72 -1.03 11.55 1.23
C ASN A 72 -0.47 10.32 1.91
N PRO A 73 -1.21 9.79 2.89
CA PRO A 73 -0.90 8.52 3.48
C PRO A 73 -1.21 7.44 2.48
N TYR A 74 -0.55 6.32 2.56
CA TYR A 74 -0.88 5.25 1.67
C TYR A 74 -2.21 4.69 2.05
N GLN A 75 -2.98 4.31 1.08
CA GLN A 75 -4.27 3.81 1.35
C GLN A 75 -4.16 2.32 1.20
N TYR A 76 -4.32 1.66 2.29
CA TYR A 76 -4.19 0.25 2.33
C TYR A 76 -5.52 -0.43 2.40
N LEU A 77 -5.82 -1.21 1.41
CA LEU A 77 -7.02 -1.98 1.36
C LEU A 77 -6.68 -3.42 1.04
N ALA A 78 -7.51 -4.31 1.46
CA ALA A 78 -7.29 -5.69 1.24
C ALA A 78 -8.31 -6.19 0.17
N PRO A 79 -8.37 -7.54 -0.21
CA PRO A 79 -9.03 -7.99 -1.44
C PRO A 79 -10.40 -7.43 -1.70
N GLY A 80 -10.46 -6.70 -2.77
CA GLY A 80 -11.70 -6.15 -3.22
C GLY A 80 -12.43 -7.14 -4.06
N THR A 81 -12.18 -7.07 -5.34
CA THR A 81 -12.79 -7.98 -6.27
C THR A 81 -11.74 -8.94 -6.76
N LYS A 82 -11.71 -10.10 -6.12
CA LYS A 82 -10.79 -11.24 -6.40
C LYS A 82 -9.27 -10.91 -6.36
N GLY A 83 -8.92 -9.71 -6.01
CA GLY A 83 -7.54 -9.33 -5.95
C GLY A 83 -7.09 -9.20 -4.53
N PRO A 84 -6.11 -10.08 -4.10
CA PRO A 84 -5.52 -10.16 -2.74
C PRO A 84 -5.34 -8.86 -1.96
N PHE A 85 -5.17 -7.72 -2.63
CA PHE A 85 -5.12 -6.44 -1.94
C PHE A 85 -5.29 -5.30 -2.90
N ASP A 86 -5.45 -4.11 -2.37
CA ASP A 86 -5.54 -2.87 -3.12
C ASP A 86 -4.62 -1.87 -2.46
N LEU A 87 -3.52 -1.57 -3.08
CA LEU A 87 -2.58 -0.65 -2.49
C LEU A 87 -2.43 0.53 -3.43
N TYR A 88 -2.58 1.72 -2.89
CA TYR A 88 -2.46 2.93 -3.67
C TYR A 88 -2.33 4.12 -2.76
N SER A 89 -1.94 5.23 -3.30
CA SER A 89 -1.94 6.47 -2.59
C SER A 89 -2.76 7.43 -3.42
N LEU A 90 -3.46 8.34 -2.79
CA LEU A 90 -4.25 9.32 -3.51
C LEU A 90 -3.36 10.26 -4.34
N GLY A 91 -3.93 10.84 -5.37
CA GLY A 91 -3.18 11.78 -6.19
C GLY A 91 -3.17 13.16 -5.61
N ALA A 92 -2.77 14.12 -6.43
CA ALA A 92 -2.63 15.52 -6.04
C ALA A 92 -3.95 16.16 -5.59
N ASP A 93 -5.05 15.61 -6.02
CA ASP A 93 -6.36 16.16 -5.65
C ASP A 93 -6.91 15.45 -4.40
N GLY A 94 -6.18 14.48 -3.92
CA GLY A 94 -6.59 13.74 -2.74
C GLY A 94 -7.76 12.83 -3.04
N LYS A 95 -7.84 12.40 -4.28
CA LYS A 95 -8.88 11.51 -4.74
C LYS A 95 -8.31 10.50 -5.69
N GLU A 96 -8.89 9.32 -5.69
CA GLU A 96 -8.49 8.30 -6.60
C GLU A 96 -9.19 8.46 -7.94
N GLY A 97 -8.43 8.86 -8.91
CA GLY A 97 -8.93 9.10 -10.24
C GLY A 97 -7.89 8.78 -11.27
N GLY A 98 -8.17 9.08 -12.52
CA GLY A 98 -7.23 8.84 -13.58
C GLY A 98 -6.80 10.16 -14.15
N SER A 99 -5.51 10.35 -14.22
CA SER A 99 -4.85 11.61 -14.56
C SER A 99 -3.35 11.34 -14.53
N ASP A 100 -2.54 12.35 -14.75
CA ASP A 100 -1.10 12.19 -14.61
C ASP A 100 -0.69 12.23 -13.15
N ASN A 101 -0.94 13.35 -12.49
CA ASN A 101 -0.59 13.48 -11.08
C ASN A 101 -1.81 13.55 -10.18
N ASP A 102 -2.98 13.74 -10.75
CA ASP A 102 -4.24 13.73 -9.94
C ASP A 102 -4.85 12.35 -9.92
N ALA A 103 -4.07 11.40 -10.38
CA ALA A 103 -4.46 10.02 -10.40
C ALA A 103 -4.01 9.33 -9.15
N ASP A 104 -4.68 8.26 -8.80
CA ASP A 104 -4.23 7.47 -7.69
C ASP A 104 -3.12 6.62 -8.21
N ILE A 105 -2.09 6.53 -7.48
CA ILE A 105 -1.02 5.72 -7.89
C ILE A 105 -1.15 4.38 -7.21
N GLY A 106 -1.42 3.37 -7.99
CA GLY A 106 -1.77 2.12 -7.42
C GLY A 106 -0.98 0.97 -7.92
N ASN A 107 -0.85 0.02 -7.06
CA ASN A 107 -0.20 -1.22 -7.31
C ASN A 107 -0.81 -2.25 -6.41
N TRP A 108 -1.23 -3.32 -6.96
CA TRP A 108 -1.80 -4.35 -6.17
C TRP A 108 -1.61 -5.69 -6.75
N ASP A 109 -1.67 -6.66 -5.90
CA ASP A 109 -1.53 -8.03 -6.30
C ASP A 109 -2.91 -8.55 -6.55
N ASN A 110 -3.20 -8.75 -7.80
CA ASN A 110 -4.49 -9.18 -8.26
C ASN A 110 -4.29 -10.24 -9.32
N MET A 1 9.23 9.50 -15.05
CA MET A 1 8.62 10.80 -15.35
C MET A 1 9.45 11.88 -14.69
N SER A 2 10.21 12.62 -15.45
CA SER A 2 11.01 13.67 -14.86
C SER A 2 10.54 15.03 -15.36
N ARG A 3 9.59 15.59 -14.65
CA ARG A 3 9.03 16.92 -14.84
C ARG A 3 8.46 17.35 -13.50
N PRO A 4 8.23 18.66 -13.28
CA PRO A 4 7.56 19.14 -12.05
C PRO A 4 6.25 18.39 -11.79
N ASP A 5 6.06 17.94 -10.55
CA ASP A 5 4.91 17.10 -10.11
C ASP A 5 5.05 15.66 -10.58
N GLN A 6 5.57 15.50 -11.77
CA GLN A 6 5.80 14.18 -12.35
C GLN A 6 6.92 13.47 -11.60
N ALA A 7 7.78 14.27 -10.97
CA ALA A 7 8.84 13.78 -10.12
C ALA A 7 8.25 13.14 -8.86
N LYS A 8 7.00 13.44 -8.57
CA LYS A 8 6.32 12.85 -7.44
C LYS A 8 5.69 11.54 -7.90
N VAL A 9 5.38 11.47 -9.19
CA VAL A 9 4.76 10.30 -9.77
C VAL A 9 5.77 9.19 -9.93
N THR A 10 6.94 9.55 -10.40
CA THR A 10 8.00 8.60 -10.66
C THR A 10 8.50 7.91 -9.37
N VAL A 11 8.40 8.62 -8.24
CA VAL A 11 8.82 8.04 -6.98
C VAL A 11 7.70 7.19 -6.41
N ALA A 12 6.47 7.64 -6.63
CA ALA A 12 5.28 6.96 -6.15
C ALA A 12 5.20 5.56 -6.73
N LYS A 13 5.61 5.43 -7.99
CA LYS A 13 5.57 4.16 -8.69
C LYS A 13 6.56 3.17 -8.04
N GLY A 14 7.56 3.69 -7.41
CA GLY A 14 8.56 2.84 -6.81
C GLY A 14 8.20 2.51 -5.40
N ASP A 15 7.49 3.40 -4.78
CA ASP A 15 7.12 3.24 -3.41
C ASP A 15 5.91 2.35 -3.25
N ILE A 16 5.06 2.33 -4.26
CA ILE A 16 3.97 1.37 -4.29
C ILE A 16 4.54 -0.03 -4.58
N LYS A 17 5.65 -0.08 -5.34
CA LYS A 17 6.32 -1.35 -5.58
C LYS A 17 7.03 -1.84 -4.32
N ALA A 18 7.35 -0.91 -3.45
CA ALA A 18 7.95 -1.21 -2.17
C ALA A 18 6.93 -1.91 -1.28
N ILE A 19 5.70 -1.41 -1.35
CA ILE A 19 4.60 -1.97 -0.58
C ILE A 19 4.26 -3.35 -1.12
N ALA A 20 4.40 -3.55 -2.42
CA ALA A 20 4.16 -4.84 -3.03
C ALA A 20 5.07 -5.90 -2.43
N ALA A 21 6.27 -5.49 -2.08
CA ALA A 21 7.25 -6.37 -1.52
C ALA A 21 7.00 -6.55 -0.03
N ALA A 22 6.56 -5.50 0.64
CA ALA A 22 6.33 -5.55 2.07
C ALA A 22 5.00 -6.22 2.41
N LEU A 23 4.04 -6.13 1.54
CA LEU A 23 2.76 -6.77 1.76
C LEU A 23 2.98 -8.27 1.61
N ASP A 24 3.96 -8.60 0.77
CA ASP A 24 4.42 -9.96 0.56
C ASP A 24 5.19 -10.44 1.81
N MET A 25 5.64 -9.51 2.62
CA MET A 25 6.33 -9.83 3.85
C MET A 25 5.29 -10.14 4.92
N TYR A 26 4.19 -9.36 4.96
CA TYR A 26 3.08 -9.67 5.87
C TYR A 26 2.48 -11.00 5.43
N LYS A 27 2.46 -11.20 4.12
CA LYS A 27 2.03 -12.44 3.50
C LYS A 27 2.80 -13.63 4.07
N LEU A 28 4.09 -13.46 4.30
CA LEU A 28 4.87 -14.48 4.95
C LEU A 28 4.66 -14.45 6.46
N ASP A 29 4.43 -13.26 7.03
CA ASP A 29 4.27 -13.12 8.48
C ASP A 29 2.98 -13.73 8.95
N ASN A 30 1.99 -13.85 8.09
CA ASN A 30 0.74 -14.51 8.49
C ASN A 30 0.37 -15.55 7.55
N PHE A 31 1.37 -16.02 6.76
CA PHE A 31 1.21 -17.11 5.76
C PHE A 31 -0.07 -16.98 4.93
N ALA A 32 -0.43 -15.74 4.68
CA ALA A 32 -1.66 -15.39 4.04
C ALA A 32 -1.73 -13.89 3.96
N TYR A 33 -2.44 -13.40 2.99
CA TYR A 33 -2.71 -12.00 2.90
C TYR A 33 -3.79 -11.60 3.90
N PRO A 34 -3.71 -10.36 4.41
CA PRO A 34 -4.66 -9.81 5.40
C PRO A 34 -6.11 -9.77 4.85
N SER A 35 -7.10 -9.65 5.72
CA SER A 35 -8.45 -9.51 5.23
C SER A 35 -8.76 -8.03 5.23
N THR A 36 -9.70 -7.58 4.43
CA THR A 36 -9.93 -6.15 4.35
C THR A 36 -10.54 -5.61 5.67
N GLN A 37 -10.97 -6.51 6.52
CA GLN A 37 -11.43 -6.15 7.82
C GLN A 37 -10.37 -6.44 8.89
N GLN A 38 -10.04 -7.72 9.11
CA GLN A 38 -9.13 -8.10 10.20
C GLN A 38 -7.72 -7.79 9.82
N GLY A 39 -7.37 -8.06 8.58
CA GLY A 39 -6.06 -7.82 8.16
C GLY A 39 -5.76 -6.36 7.95
N LEU A 40 -6.78 -5.53 7.77
CA LEU A 40 -6.56 -4.10 7.63
C LEU A 40 -6.11 -3.59 8.98
N GLU A 41 -6.81 -4.02 10.01
CA GLU A 41 -6.45 -3.69 11.35
C GLU A 41 -5.24 -4.43 11.81
N ALA A 42 -4.82 -5.39 11.04
CA ALA A 42 -3.62 -6.13 11.30
C ALA A 42 -2.45 -5.54 10.51
N LEU A 43 -2.76 -4.59 9.64
CA LEU A 43 -1.74 -3.84 8.93
C LEU A 43 -1.46 -2.55 9.69
N VAL A 44 -2.40 -2.18 10.53
CA VAL A 44 -2.26 -0.97 11.33
C VAL A 44 -1.97 -1.32 12.79
N LYS A 45 -2.69 -2.28 13.32
CA LYS A 45 -2.47 -2.77 14.66
C LYS A 45 -1.87 -4.16 14.56
N LYS A 46 -1.04 -4.52 15.52
CA LYS A 46 -0.34 -5.81 15.55
C LYS A 46 -1.35 -6.95 15.43
N PRO A 47 -1.07 -7.94 14.54
CA PRO A 47 -2.00 -9.00 14.19
C PRO A 47 -2.50 -9.77 15.39
N THR A 48 -3.78 -9.74 15.54
CA THR A 48 -4.44 -10.42 16.62
C THR A 48 -4.72 -11.88 16.21
N GLY A 49 -4.37 -12.21 14.98
CA GLY A 49 -4.51 -13.55 14.47
C GLY A 49 -3.29 -14.39 14.79
N ASN A 50 -2.94 -15.31 13.93
CA ASN A 50 -1.78 -16.17 14.18
C ASN A 50 -0.71 -15.93 13.13
N PRO A 51 0.31 -15.13 13.44
CA PRO A 51 1.41 -14.89 12.55
C PRO A 51 2.69 -15.68 12.94
N GLN A 52 3.61 -15.80 12.01
CA GLN A 52 4.90 -16.41 12.25
C GLN A 52 5.90 -15.28 12.30
N PRO A 53 6.25 -14.84 13.50
CA PRO A 53 7.00 -13.59 13.76
C PRO A 53 8.10 -13.13 12.78
N LYS A 54 7.72 -12.22 11.94
CA LYS A 54 8.58 -11.35 11.20
C LYS A 54 8.35 -10.03 11.86
N ASN A 55 9.32 -9.19 11.89
CA ASN A 55 9.19 -7.87 12.51
C ASN A 55 8.05 -7.09 11.84
N TRP A 56 6.85 -7.22 12.40
CA TRP A 56 5.65 -6.63 11.92
C TRP A 56 5.77 -5.12 11.74
N ASN A 57 5.17 -4.65 10.69
CA ASN A 57 5.19 -3.27 10.34
C ASN A 57 3.76 -2.73 10.25
N LYS A 58 3.54 -1.54 10.77
CA LYS A 58 2.22 -0.95 10.66
C LYS A 58 2.11 -0.05 9.44
N ASP A 59 0.96 0.56 9.32
CA ASP A 59 0.63 1.56 8.32
C ASP A 59 0.65 0.96 6.92
N GLY A 60 0.44 -0.35 6.87
CA GLY A 60 0.19 -1.01 5.62
C GLY A 60 1.30 -1.91 5.15
N TYR A 61 2.32 -2.09 5.98
CA TYR A 61 3.51 -2.86 5.60
C TYR A 61 4.21 -2.22 4.39
N LEU A 62 5.11 -1.35 4.70
CA LEU A 62 5.87 -0.62 3.74
C LEU A 62 7.27 -0.61 4.30
N LYS A 63 8.27 -0.55 3.46
CA LYS A 63 9.63 -0.52 3.95
C LYS A 63 9.93 0.80 4.68
N LYS A 64 11.17 1.01 5.03
CA LYS A 64 11.53 2.21 5.76
C LYS A 64 11.67 3.41 4.82
N LEU A 65 10.53 3.78 4.28
CA LEU A 65 10.35 4.87 3.35
C LEU A 65 9.17 5.71 3.86
N PRO A 66 9.15 7.04 3.63
CA PRO A 66 8.05 7.93 4.06
C PRO A 66 6.72 7.62 3.34
N VAL A 67 5.74 8.49 3.55
CA VAL A 67 4.44 8.35 2.94
C VAL A 67 4.49 8.99 1.53
N ASP A 68 3.42 8.89 0.74
CA ASP A 68 3.49 9.31 -0.67
C ASP A 68 3.42 10.84 -0.76
N PRO A 69 3.91 11.45 -1.88
CA PRO A 69 3.75 12.89 -2.13
C PRO A 69 2.34 13.40 -1.92
N TRP A 70 2.23 14.72 -1.95
CA TRP A 70 0.98 15.49 -1.80
C TRP A 70 0.40 15.31 -0.38
N GLY A 71 1.24 14.79 0.51
CA GLY A 71 0.89 14.57 1.91
C GLY A 71 -0.08 13.40 2.16
N ASN A 72 -0.47 12.71 1.10
CA ASN A 72 -1.42 11.61 1.19
C ASN A 72 -0.87 10.38 1.87
N PRO A 73 -1.61 9.88 2.88
CA PRO A 73 -1.37 8.57 3.42
C PRO A 73 -1.74 7.54 2.38
N TYR A 74 -1.03 6.44 2.36
CA TYR A 74 -1.34 5.38 1.44
C TYR A 74 -2.65 4.75 1.85
N GLN A 75 -3.41 4.35 0.90
CA GLN A 75 -4.69 3.79 1.20
C GLN A 75 -4.50 2.31 1.09
N TYR A 76 -4.64 1.65 2.21
CA TYR A 76 -4.43 0.24 2.29
C TYR A 76 -5.72 -0.52 2.48
N LEU A 77 -6.01 -1.36 1.53
CA LEU A 77 -7.13 -2.25 1.59
C LEU A 77 -6.64 -3.64 1.27
N ALA A 78 -7.30 -4.63 1.77
CA ALA A 78 -6.88 -5.97 1.56
C ALA A 78 -7.80 -6.62 0.49
N PRO A 79 -7.66 -7.94 0.10
CA PRO A 79 -8.30 -8.52 -1.12
C PRO A 79 -9.73 -8.10 -1.36
N GLY A 80 -9.93 -7.30 -2.38
CA GLY A 80 -11.25 -6.89 -2.73
C GLY A 80 -11.46 -6.73 -4.19
N THR A 81 -10.78 -5.81 -4.80
CA THR A 81 -10.98 -5.63 -6.21
C THR A 81 -10.13 -6.62 -6.97
N LYS A 82 -10.76 -7.73 -7.35
CA LYS A 82 -10.19 -8.77 -8.22
C LYS A 82 -9.15 -9.68 -7.53
N GLY A 83 -8.47 -9.17 -6.53
CA GLY A 83 -7.38 -9.95 -6.03
C GLY A 83 -6.89 -9.60 -4.64
N PRO A 84 -5.88 -10.41 -4.18
CA PRO A 84 -5.19 -10.37 -2.87
C PRO A 84 -4.95 -9.02 -2.15
N PHE A 85 -4.99 -7.89 -2.84
CA PHE A 85 -4.93 -6.58 -2.15
C PHE A 85 -5.19 -5.40 -3.06
N ASP A 86 -5.72 -4.36 -2.44
CA ASP A 86 -6.02 -3.09 -3.08
C ASP A 86 -5.07 -2.06 -2.50
N LEU A 87 -4.10 -1.63 -3.26
CA LEU A 87 -3.13 -0.70 -2.73
C LEU A 87 -3.03 0.49 -3.65
N TYR A 88 -3.14 1.69 -3.10
CA TYR A 88 -3.03 2.91 -3.88
C TYR A 88 -2.85 4.14 -3.01
N SER A 89 -2.44 5.22 -3.61
CA SER A 89 -2.35 6.50 -2.97
C SER A 89 -3.15 7.49 -3.82
N LEU A 90 -3.89 8.36 -3.19
CA LEU A 90 -4.69 9.36 -3.90
C LEU A 90 -3.82 10.36 -4.62
N GLY A 91 -4.09 10.56 -5.92
CA GLY A 91 -3.36 11.53 -6.71
C GLY A 91 -3.61 12.93 -6.21
N ALA A 92 -2.87 13.87 -6.74
CA ALA A 92 -2.90 15.27 -6.27
C ALA A 92 -4.24 15.99 -6.46
N ASP A 93 -5.21 15.36 -7.05
CA ASP A 93 -6.53 16.00 -7.18
C ASP A 93 -7.48 15.44 -6.10
N GLY A 94 -6.95 14.50 -5.32
CA GLY A 94 -7.73 13.88 -4.25
C GLY A 94 -8.79 12.97 -4.82
N LYS A 95 -8.43 12.28 -5.87
CA LYS A 95 -9.36 11.45 -6.61
C LYS A 95 -8.67 10.17 -6.98
N GLU A 96 -9.42 9.11 -7.04
CA GLU A 96 -8.91 7.93 -7.67
C GLU A 96 -9.49 7.94 -9.10
N GLY A 97 -8.62 8.30 -10.00
CA GLY A 97 -8.98 8.55 -11.37
C GLY A 97 -7.83 8.26 -12.29
N GLY A 98 -7.98 8.60 -13.57
CA GLY A 98 -6.90 8.39 -14.50
C GLY A 98 -6.28 9.71 -14.89
N SER A 99 -4.97 9.75 -14.76
CA SER A 99 -4.09 10.89 -14.97
C SER A 99 -2.69 10.40 -14.61
N ASP A 100 -1.69 11.24 -14.67
CA ASP A 100 -0.39 10.85 -14.16
C ASP A 100 -0.26 11.20 -12.70
N ASN A 101 -0.25 12.49 -12.43
CA ASN A 101 -0.04 13.01 -11.06
C ASN A 101 -1.35 13.12 -10.30
N ASP A 102 -2.42 13.29 -11.01
CA ASP A 102 -3.73 13.51 -10.40
C ASP A 102 -4.54 12.23 -10.34
N ALA A 103 -3.89 11.15 -10.65
CA ALA A 103 -4.47 9.82 -10.62
C ALA A 103 -4.00 9.11 -9.41
N ASP A 104 -4.74 8.13 -8.98
CA ASP A 104 -4.31 7.35 -7.85
C ASP A 104 -3.27 6.39 -8.35
N ILE A 105 -2.16 6.40 -7.72
CA ILE A 105 -1.11 5.53 -8.10
C ILE A 105 -1.18 4.32 -7.22
N GLY A 106 -1.08 3.17 -7.81
CA GLY A 106 -1.26 2.03 -7.00
C GLY A 106 -0.65 0.80 -7.55
N ASN A 107 -0.63 -0.19 -6.74
CA ASN A 107 -0.07 -1.45 -7.03
C ASN A 107 -1.10 -2.47 -6.63
N TRP A 108 -1.16 -3.57 -7.30
CA TRP A 108 -2.25 -4.45 -7.09
C TRP A 108 -1.77 -5.89 -7.20
N ASP A 109 -2.20 -6.70 -6.28
CA ASP A 109 -1.91 -8.12 -6.36
C ASP A 109 -3.17 -8.76 -6.80
N ASN A 110 -3.20 -9.14 -8.01
CA ASN A 110 -4.30 -9.81 -8.58
C ASN A 110 -3.74 -10.91 -9.40
N MET A 1 8.54 9.49 -15.14
CA MET A 1 7.98 10.80 -15.53
C MET A 1 8.67 11.91 -14.73
N SER A 2 9.84 12.34 -15.17
CA SER A 2 10.61 13.33 -14.43
C SER A 2 10.40 14.74 -14.97
N ARG A 3 9.43 15.40 -14.39
CA ARG A 3 9.09 16.77 -14.67
C ARG A 3 8.36 17.31 -13.43
N PRO A 4 8.19 18.65 -13.27
CA PRO A 4 7.54 19.27 -12.09
C PRO A 4 6.27 18.56 -11.61
N ASP A 5 6.32 18.11 -10.35
CA ASP A 5 5.24 17.40 -9.58
C ASP A 5 4.98 15.99 -10.07
N GLN A 6 5.16 15.78 -11.35
CA GLN A 6 5.03 14.46 -11.96
C GLN A 6 6.17 13.59 -11.46
N ALA A 7 7.24 14.26 -11.03
CA ALA A 7 8.37 13.64 -10.40
C ALA A 7 7.96 13.01 -9.10
N LYS A 8 6.89 13.52 -8.49
CA LYS A 8 6.39 12.96 -7.27
C LYS A 8 5.55 11.73 -7.59
N VAL A 9 4.98 11.72 -8.81
CA VAL A 9 4.13 10.60 -9.23
C VAL A 9 5.00 9.41 -9.54
N THR A 10 6.07 9.69 -10.24
CA THR A 10 6.94 8.67 -10.75
C THR A 10 7.76 8.00 -9.62
N VAL A 11 8.07 8.73 -8.56
CA VAL A 11 8.80 8.13 -7.45
C VAL A 11 7.86 7.26 -6.63
N ALA A 12 6.64 7.73 -6.42
CA ALA A 12 5.64 7.01 -5.67
C ALA A 12 5.33 5.66 -6.30
N LYS A 13 5.43 5.59 -7.63
CA LYS A 13 5.17 4.36 -8.36
C LYS A 13 6.23 3.28 -8.03
N GLY A 14 7.40 3.72 -7.63
CA GLY A 14 8.42 2.80 -7.24
C GLY A 14 8.20 2.38 -5.81
N ASP A 15 7.63 3.28 -5.03
CA ASP A 15 7.40 3.03 -3.63
C ASP A 15 6.27 2.06 -3.45
N ILE A 16 5.25 2.18 -4.28
CA ILE A 16 4.12 1.24 -4.23
C ILE A 16 4.59 -0.18 -4.56
N LYS A 17 5.54 -0.31 -5.49
CA LYS A 17 6.09 -1.64 -5.80
C LYS A 17 6.88 -2.20 -4.60
N ALA A 18 7.45 -1.29 -3.83
CA ALA A 18 8.19 -1.63 -2.62
C ALA A 18 7.24 -2.14 -1.54
N ILE A 19 6.12 -1.44 -1.38
CA ILE A 19 5.13 -1.77 -0.36
C ILE A 19 4.54 -3.14 -0.66
N ALA A 20 4.28 -3.39 -1.92
CA ALA A 20 3.72 -4.66 -2.37
C ALA A 20 4.66 -5.83 -2.04
N ALA A 21 5.95 -5.55 -1.97
CA ALA A 21 6.93 -6.56 -1.63
C ALA A 21 6.88 -6.81 -0.13
N ALA A 22 6.56 -5.79 0.62
CA ALA A 22 6.41 -5.93 2.05
C ALA A 22 5.05 -6.53 2.39
N LEU A 23 4.09 -6.36 1.50
CA LEU A 23 2.77 -6.98 1.64
C LEU A 23 2.95 -8.50 1.49
N ASP A 24 3.95 -8.88 0.69
CA ASP A 24 4.44 -10.26 0.57
C ASP A 24 5.07 -10.71 1.89
N MET A 25 5.60 -9.76 2.62
CA MET A 25 6.25 -10.06 3.87
C MET A 25 5.22 -10.18 4.99
N TYR A 26 4.08 -9.47 4.87
CA TYR A 26 2.97 -9.71 5.80
C TYR A 26 2.35 -11.05 5.44
N LYS A 27 2.36 -11.35 4.13
CA LYS A 27 1.99 -12.66 3.63
C LYS A 27 2.88 -13.75 4.29
N LEU A 28 4.06 -13.35 4.69
CA LEU A 28 4.98 -14.19 5.43
C LEU A 28 4.71 -14.11 6.96
N ASP A 29 4.34 -12.93 7.45
CA ASP A 29 4.21 -12.71 8.91
C ASP A 29 2.93 -13.37 9.44
N ASN A 30 1.94 -13.50 8.57
CA ASN A 30 0.70 -14.17 8.91
C ASN A 30 0.30 -15.17 7.92
N PHE A 31 1.30 -15.68 7.20
CA PHE A 31 1.16 -16.78 6.20
C PHE A 31 -0.08 -16.65 5.30
N ALA A 32 -0.45 -15.42 4.99
CA ALA A 32 -1.67 -15.16 4.28
C ALA A 32 -1.79 -13.69 4.07
N TYR A 33 -2.62 -13.30 3.15
CA TYR A 33 -2.92 -11.92 2.95
C TYR A 33 -3.92 -11.44 3.99
N PRO A 34 -3.93 -10.14 4.27
CA PRO A 34 -4.86 -9.56 5.23
C PRO A 34 -6.28 -9.49 4.65
N SER A 35 -7.30 -9.35 5.47
CA SER A 35 -8.62 -9.15 4.93
C SER A 35 -8.83 -7.66 4.86
N THR A 36 -9.69 -7.16 4.02
CA THR A 36 -9.81 -5.72 3.90
C THR A 36 -10.48 -5.10 5.16
N GLN A 37 -10.96 -5.96 6.05
CA GLN A 37 -11.44 -5.51 7.32
C GLN A 37 -10.41 -5.78 8.43
N GLN A 38 -10.19 -7.06 8.71
CA GLN A 38 -9.38 -7.45 9.84
C GLN A 38 -7.94 -7.45 9.52
N GLY A 39 -7.59 -7.75 8.29
CA GLY A 39 -6.22 -7.67 7.98
C GLY A 39 -5.79 -6.24 7.75
N LEU A 40 -6.73 -5.36 7.45
CA LEU A 40 -6.42 -3.94 7.29
C LEU A 40 -6.03 -3.44 8.67
N GLU A 41 -6.85 -3.80 9.64
CA GLU A 41 -6.59 -3.47 10.97
C GLU A 41 -5.33 -4.18 11.44
N ALA A 42 -5.07 -5.36 10.90
CA ALA A 42 -3.87 -6.13 11.22
C ALA A 42 -2.63 -5.63 10.46
N LEU A 43 -2.84 -4.63 9.64
CA LEU A 43 -1.75 -3.97 8.96
C LEU A 43 -1.38 -2.69 9.69
N VAL A 44 -2.33 -2.15 10.42
CA VAL A 44 -2.09 -0.93 11.16
C VAL A 44 -1.85 -1.25 12.65
N LYS A 45 -2.49 -2.27 13.12
CA LYS A 45 -2.39 -2.78 14.48
C LYS A 45 -1.84 -4.18 14.38
N LYS A 46 -1.06 -4.59 15.37
CA LYS A 46 -0.48 -5.90 15.43
C LYS A 46 -1.59 -6.96 15.33
N PRO A 47 -1.42 -7.93 14.42
CA PRO A 47 -2.43 -8.92 14.08
C PRO A 47 -2.88 -9.76 15.27
N THR A 48 -4.15 -9.78 15.47
CA THR A 48 -4.72 -10.52 16.51
C THR A 48 -5.20 -11.85 16.00
N GLY A 49 -4.32 -12.81 16.08
CA GLY A 49 -4.58 -14.11 15.57
C GLY A 49 -3.36 -14.95 15.69
N ASN A 50 -2.93 -15.54 14.60
CA ASN A 50 -1.78 -16.42 14.63
C ASN A 50 -0.77 -15.97 13.60
N PRO A 51 0.19 -15.13 13.96
CA PRO A 51 1.26 -14.80 13.06
C PRO A 51 2.51 -15.65 13.37
N GLN A 52 3.42 -15.70 12.45
CA GLN A 52 4.65 -16.46 12.62
C GLN A 52 5.68 -15.52 13.23
N PRO A 53 6.76 -16.03 13.87
CA PRO A 53 7.79 -15.14 14.45
C PRO A 53 8.46 -14.27 13.39
N LYS A 54 7.99 -13.06 13.31
CA LYS A 54 8.44 -12.06 12.40
C LYS A 54 8.17 -10.75 13.10
N ASN A 55 8.98 -9.76 12.89
CA ASN A 55 8.72 -8.47 13.51
C ASN A 55 7.75 -7.67 12.68
N TRP A 56 6.47 -7.77 13.01
CA TRP A 56 5.40 -7.10 12.33
C TRP A 56 5.62 -5.58 12.22
N ASN A 57 5.26 -5.07 11.07
CA ASN A 57 5.42 -3.69 10.69
C ASN A 57 4.04 -3.07 10.48
N LYS A 58 3.79 -1.88 11.06
CA LYS A 58 2.54 -1.20 10.80
C LYS A 58 2.59 -0.54 9.47
N ASP A 59 1.53 0.16 9.17
CA ASP A 59 1.45 1.04 8.04
C ASP A 59 1.44 0.22 6.77
N GLY A 60 0.88 -0.97 6.89
CA GLY A 60 0.55 -1.74 5.72
C GLY A 60 1.62 -2.68 5.31
N TYR A 61 2.65 -2.77 6.14
CA TYR A 61 3.86 -3.46 5.79
C TYR A 61 4.48 -2.73 4.61
N LEU A 62 5.27 -1.75 4.94
CA LEU A 62 5.85 -0.85 3.99
C LEU A 62 7.35 -0.80 4.31
N LYS A 63 8.17 -0.59 3.32
CA LYS A 63 9.60 -0.51 3.54
C LYS A 63 9.96 0.82 4.23
N LYS A 64 11.23 1.06 4.49
CA LYS A 64 11.64 2.29 5.15
C LYS A 64 11.72 3.41 4.12
N LEU A 65 10.55 3.83 3.73
CA LEU A 65 10.31 4.83 2.75
C LEU A 65 9.32 5.79 3.33
N PRO A 66 9.39 7.07 2.96
CA PRO A 66 8.42 8.06 3.41
C PRO A 66 7.02 7.78 2.82
N VAL A 67 6.06 8.58 3.20
CA VAL A 67 4.72 8.40 2.70
C VAL A 67 4.62 9.09 1.32
N ASP A 68 3.49 8.95 0.66
CA ASP A 68 3.31 9.50 -0.69
C ASP A 68 3.26 11.02 -0.63
N PRO A 69 3.92 11.67 -1.61
CA PRO A 69 3.92 13.12 -1.77
C PRO A 69 2.51 13.71 -1.76
N TRP A 70 2.45 15.04 -1.74
CA TRP A 70 1.20 15.84 -1.67
C TRP A 70 0.52 15.60 -0.32
N GLY A 71 1.29 15.03 0.59
CA GLY A 71 0.85 14.71 1.94
C GLY A 71 -0.23 13.65 2.02
N ASN A 72 -0.23 12.70 1.11
CA ASN A 72 -1.19 11.63 1.12
C ASN A 72 -0.66 10.43 1.88
N PRO A 73 -1.33 10.02 2.94
CA PRO A 73 -1.05 8.74 3.55
C PRO A 73 -1.49 7.64 2.59
N TYR A 74 -0.70 6.59 2.48
CA TYR A 74 -1.01 5.49 1.59
C TYR A 74 -2.23 4.73 2.08
N GLN A 75 -3.03 4.25 1.17
CA GLN A 75 -4.26 3.57 1.51
C GLN A 75 -4.00 2.09 1.35
N TYR A 76 -4.03 1.38 2.46
CA TYR A 76 -3.75 -0.03 2.44
C TYR A 76 -5.06 -0.75 2.46
N LEU A 77 -5.30 -1.51 1.44
CA LEU A 77 -6.50 -2.27 1.30
C LEU A 77 -6.15 -3.70 0.99
N ALA A 78 -7.00 -4.58 1.34
CA ALA A 78 -6.73 -5.94 1.21
C ALA A 78 -7.83 -6.55 0.32
N PRO A 79 -7.83 -7.87 0.02
CA PRO A 79 -8.79 -8.45 -0.90
C PRO A 79 -10.22 -8.24 -0.52
N GLY A 80 -10.95 -7.75 -1.46
CA GLY A 80 -12.34 -7.53 -1.28
C GLY A 80 -13.12 -8.06 -2.42
N THR A 81 -13.31 -7.25 -3.39
CA THR A 81 -14.10 -7.57 -4.56
C THR A 81 -13.21 -7.75 -5.78
N LYS A 82 -12.97 -9.02 -6.12
CA LYS A 82 -12.16 -9.44 -7.29
C LYS A 82 -10.66 -9.19 -7.10
N GLY A 83 -10.31 -8.60 -5.98
CA GLY A 83 -8.96 -8.28 -5.74
C GLY A 83 -8.36 -9.15 -4.71
N PRO A 84 -7.24 -9.83 -5.05
CA PRO A 84 -6.35 -10.48 -4.06
C PRO A 84 -5.76 -9.46 -3.09
N PHE A 85 -5.66 -8.18 -3.54
CA PHE A 85 -5.39 -7.01 -2.67
C PHE A 85 -5.49 -5.73 -3.47
N ASP A 86 -5.52 -4.58 -2.79
CA ASP A 86 -5.60 -3.26 -3.46
C ASP A 86 -4.66 -2.31 -2.72
N LEU A 87 -3.59 -1.88 -3.35
CA LEU A 87 -2.65 -1.04 -2.65
C LEU A 87 -2.37 0.23 -3.45
N TYR A 88 -2.58 1.40 -2.84
CA TYR A 88 -2.45 2.66 -3.57
C TYR A 88 -2.45 3.85 -2.63
N SER A 89 -2.12 4.98 -3.15
CA SER A 89 -2.27 6.23 -2.47
C SER A 89 -3.09 7.13 -3.37
N LEU A 90 -3.66 8.14 -2.81
CA LEU A 90 -4.43 9.12 -3.57
C LEU A 90 -3.51 9.94 -4.48
N GLY A 91 -4.09 10.67 -5.41
CA GLY A 91 -3.28 11.51 -6.25
C GLY A 91 -3.11 12.88 -5.68
N ALA A 92 -2.55 13.77 -6.47
CA ALA A 92 -2.29 15.16 -6.07
C ALA A 92 -3.57 15.92 -5.74
N ASP A 93 -4.70 15.38 -6.13
CA ASP A 93 -5.96 16.03 -5.93
C ASP A 93 -6.62 15.52 -4.64
N GLY A 94 -6.04 14.48 -4.05
CA GLY A 94 -6.59 13.89 -2.84
C GLY A 94 -7.78 13.01 -3.13
N LYS A 95 -7.86 12.51 -4.34
CA LYS A 95 -8.96 11.68 -4.79
C LYS A 95 -8.40 10.57 -5.65
N GLU A 96 -9.03 9.41 -5.64
CA GLU A 96 -8.56 8.31 -6.43
C GLU A 96 -9.26 8.29 -7.81
N GLY A 97 -8.51 8.68 -8.81
CA GLY A 97 -9.02 8.74 -10.16
C GLY A 97 -7.93 8.49 -11.17
N GLY A 98 -8.25 8.63 -12.44
CA GLY A 98 -7.30 8.43 -13.49
C GLY A 98 -6.82 9.75 -14.01
N SER A 99 -5.53 9.91 -14.09
CA SER A 99 -4.88 11.17 -14.40
C SER A 99 -3.37 10.91 -14.46
N ASP A 100 -2.59 11.94 -14.70
CA ASP A 100 -1.12 11.80 -14.67
C ASP A 100 -0.54 12.28 -13.37
N ASN A 101 -1.21 13.18 -12.73
CA ASN A 101 -0.75 13.74 -11.46
C ASN A 101 -1.80 13.56 -10.39
N ASP A 102 -3.04 13.62 -10.80
CA ASP A 102 -4.16 13.52 -9.85
C ASP A 102 -4.68 12.10 -9.79
N ALA A 103 -3.90 11.17 -10.29
CA ALA A 103 -4.28 9.78 -10.32
C ALA A 103 -3.87 9.13 -9.05
N ASP A 104 -4.54 8.06 -8.71
CA ASP A 104 -4.16 7.31 -7.56
C ASP A 104 -2.99 6.46 -7.95
N ILE A 105 -1.97 6.52 -7.19
CA ILE A 105 -0.79 5.79 -7.49
C ILE A 105 -0.79 4.49 -6.73
N GLY A 106 -0.84 3.41 -7.43
CA GLY A 106 -0.94 2.16 -6.76
C GLY A 106 -0.61 1.00 -7.63
N ASN A 107 -0.65 -0.14 -7.02
CA ASN A 107 -0.37 -1.38 -7.65
C ASN A 107 -0.98 -2.46 -6.83
N TRP A 108 -1.43 -3.46 -7.46
CA TRP A 108 -1.98 -4.57 -6.75
C TRP A 108 -1.94 -5.78 -7.57
N ASP A 109 -2.20 -6.86 -6.94
CA ASP A 109 -2.20 -8.13 -7.60
C ASP A 109 -3.61 -8.53 -7.77
N ASN A 110 -3.98 -8.81 -9.00
CA ASN A 110 -5.26 -9.30 -9.34
C ASN A 110 -5.11 -10.32 -10.46
N MET A 1 9.76 9.89 -14.73
CA MET A 1 9.19 11.17 -15.19
C MET A 1 9.54 12.29 -14.24
N SER A 2 10.49 13.08 -14.58
CA SER A 2 10.89 14.16 -13.75
C SER A 2 10.41 15.50 -14.33
N ARG A 3 9.24 15.89 -13.90
CA ARG A 3 8.62 17.16 -14.30
C ARG A 3 7.77 17.62 -13.12
N PRO A 4 7.33 18.89 -13.07
CA PRO A 4 6.47 19.42 -11.98
C PRO A 4 5.29 18.49 -11.65
N ASP A 5 5.24 18.03 -10.38
CA ASP A 5 4.23 17.09 -9.78
C ASP A 5 4.45 15.66 -10.27
N GLN A 6 4.96 15.55 -11.48
CA GLN A 6 5.29 14.29 -12.09
C GLN A 6 6.46 13.66 -11.37
N ALA A 7 7.25 14.52 -10.72
CA ALA A 7 8.36 14.09 -9.92
C ALA A 7 7.86 13.33 -8.69
N LYS A 8 6.59 13.49 -8.36
CA LYS A 8 6.00 12.78 -7.25
C LYS A 8 5.48 11.45 -7.77
N VAL A 9 5.13 11.40 -9.06
CA VAL A 9 4.59 10.17 -9.64
C VAL A 9 5.71 9.17 -9.82
N THR A 10 6.81 9.67 -10.34
CA THR A 10 7.94 8.86 -10.74
C THR A 10 8.55 8.06 -9.58
N VAL A 11 8.60 8.63 -8.39
CA VAL A 11 9.16 7.92 -7.27
C VAL A 11 8.10 7.03 -6.64
N ALA A 12 6.85 7.51 -6.63
CA ALA A 12 5.74 6.80 -6.04
C ALA A 12 5.52 5.44 -6.69
N LYS A 13 5.80 5.34 -7.99
CA LYS A 13 5.62 4.09 -8.72
C LYS A 13 6.62 3.01 -8.18
N GLY A 14 7.71 3.48 -7.62
CA GLY A 14 8.69 2.59 -7.06
C GLY A 14 8.37 2.31 -5.61
N ASP A 15 7.63 3.20 -5.01
CA ASP A 15 7.26 3.07 -3.60
C ASP A 15 6.07 2.15 -3.46
N ILE A 16 5.13 2.26 -4.38
CA ILE A 16 4.01 1.33 -4.41
C ILE A 16 4.51 -0.09 -4.68
N LYS A 17 5.58 -0.18 -5.46
CA LYS A 17 6.22 -1.46 -5.73
C LYS A 17 6.88 -2.01 -4.48
N ALA A 18 7.39 -1.12 -3.65
CA ALA A 18 8.00 -1.49 -2.38
C ALA A 18 6.96 -2.06 -1.43
N ILE A 19 5.83 -1.36 -1.33
CA ILE A 19 4.74 -1.77 -0.45
C ILE A 19 4.16 -3.10 -0.90
N ALA A 20 4.07 -3.28 -2.21
CA ALA A 20 3.55 -4.52 -2.79
C ALA A 20 4.41 -5.72 -2.35
N ALA A 21 5.68 -5.46 -2.09
CA ALA A 21 6.60 -6.48 -1.69
C ALA A 21 6.60 -6.63 -0.16
N ALA A 22 6.13 -5.60 0.51
CA ALA A 22 6.05 -5.61 1.95
C ALA A 22 4.73 -6.22 2.40
N LEU A 23 3.71 -6.07 1.58
CA LEU A 23 2.43 -6.70 1.82
C LEU A 23 2.63 -8.21 1.64
N ASP A 24 3.56 -8.54 0.75
CA ASP A 24 3.98 -9.90 0.50
C ASP A 24 4.84 -10.41 1.69
N MET A 25 5.36 -9.47 2.45
CA MET A 25 6.13 -9.79 3.66
C MET A 25 5.15 -10.11 4.79
N TYR A 26 3.99 -9.43 4.82
CA TYR A 26 2.92 -9.78 5.78
C TYR A 26 2.45 -11.18 5.42
N LYS A 27 2.38 -11.43 4.11
CA LYS A 27 2.05 -12.74 3.57
C LYS A 27 2.99 -13.80 4.14
N LEU A 28 4.21 -13.42 4.39
CA LEU A 28 5.16 -14.30 5.02
C LEU A 28 4.98 -14.29 6.56
N ASP A 29 4.66 -13.12 7.14
CA ASP A 29 4.57 -12.96 8.61
C ASP A 29 3.37 -13.69 9.21
N ASN A 30 2.36 -13.91 8.41
CA ASN A 30 1.16 -14.63 8.85
C ASN A 30 0.83 -15.70 7.93
N PHE A 31 1.83 -16.09 7.12
CA PHE A 31 1.73 -17.18 6.12
C PHE A 31 0.41 -17.13 5.33
N ALA A 32 -0.05 -15.92 5.11
CA ALA A 32 -1.32 -15.65 4.53
C ALA A 32 -1.46 -14.16 4.39
N TYR A 33 -2.29 -13.73 3.49
CA TYR A 33 -2.59 -12.33 3.37
C TYR A 33 -3.58 -11.88 4.42
N PRO A 34 -3.48 -10.63 4.85
CA PRO A 34 -4.43 -10.02 5.78
C PRO A 34 -5.82 -9.89 5.10
N SER A 35 -6.90 -9.79 5.85
CA SER A 35 -8.20 -9.65 5.21
C SER A 35 -8.50 -8.17 5.11
N THR A 36 -9.35 -7.74 4.21
CA THR A 36 -9.61 -6.32 4.10
C THR A 36 -10.33 -5.78 5.38
N GLN A 37 -10.84 -6.69 6.19
CA GLN A 37 -11.45 -6.31 7.43
C GLN A 37 -10.49 -6.55 8.63
N GLN A 38 -10.15 -7.82 8.91
CA GLN A 38 -9.29 -8.16 10.07
C GLN A 38 -7.89 -7.79 9.75
N GLY A 39 -7.50 -8.05 8.53
CA GLY A 39 -6.17 -7.75 8.14
C GLY A 39 -5.91 -6.26 7.98
N LEU A 40 -6.96 -5.45 7.78
CA LEU A 40 -6.76 -4.00 7.67
C LEU A 40 -6.38 -3.49 9.04
N GLU A 41 -7.13 -3.93 10.05
CA GLU A 41 -6.79 -3.62 11.43
C GLU A 41 -5.44 -4.17 11.76
N ALA A 42 -5.11 -5.26 11.15
CA ALA A 42 -3.85 -5.94 11.35
C ALA A 42 -2.71 -5.33 10.51
N LEU A 43 -3.04 -4.40 9.64
CA LEU A 43 -2.05 -3.66 8.88
C LEU A 43 -1.68 -2.39 9.60
N VAL A 44 -2.58 -1.94 10.43
CA VAL A 44 -2.37 -0.71 11.18
C VAL A 44 -1.99 -1.04 12.64
N LYS A 45 -2.58 -2.08 13.15
CA LYS A 45 -2.38 -2.53 14.51
C LYS A 45 -1.98 -3.99 14.43
N LYS A 46 -1.21 -4.49 15.37
CA LYS A 46 -0.65 -5.86 15.29
C LYS A 46 -1.71 -6.94 15.06
N PRO A 47 -1.39 -7.95 14.23
CA PRO A 47 -2.33 -8.99 13.79
C PRO A 47 -2.90 -9.82 14.90
N THR A 48 -4.06 -10.31 14.64
CA THR A 48 -4.81 -11.12 15.53
C THR A 48 -4.88 -12.55 15.01
N GLY A 49 -4.20 -13.44 15.69
CA GLY A 49 -4.22 -14.81 15.31
C GLY A 49 -2.90 -15.47 15.58
N ASN A 50 -2.28 -16.00 14.56
CA ASN A 50 -1.01 -16.69 14.73
C ASN A 50 -0.04 -16.30 13.64
N PRO A 51 0.78 -15.28 13.85
CA PRO A 51 1.83 -14.94 12.94
C PRO A 51 3.16 -15.59 13.38
N GLN A 52 4.09 -15.68 12.47
CA GLN A 52 5.40 -16.24 12.76
C GLN A 52 6.25 -15.09 13.27
N PRO A 53 7.35 -15.35 13.99
CA PRO A 53 8.25 -14.27 14.39
C PRO A 53 8.90 -13.63 13.15
N LYS A 54 8.36 -12.51 12.75
CA LYS A 54 8.81 -11.77 11.61
C LYS A 54 8.48 -10.31 11.89
N ASN A 55 9.26 -9.40 11.37
CA ASN A 55 9.05 -7.98 11.62
C ASN A 55 7.75 -7.45 11.02
N TRP A 56 6.73 -7.38 11.84
CA TRP A 56 5.50 -6.74 11.48
C TRP A 56 5.70 -5.22 11.44
N ASN A 57 5.04 -4.58 10.50
CA ASN A 57 5.09 -3.14 10.39
C ASN A 57 3.68 -2.61 10.17
N LYS A 58 3.34 -1.52 10.84
CA LYS A 58 2.07 -0.84 10.66
C LYS A 58 2.12 -0.03 9.35
N ASP A 59 1.15 0.85 9.15
CA ASP A 59 1.05 1.73 7.99
C ASP A 59 0.79 0.95 6.72
N GLY A 60 0.52 -0.31 6.88
CA GLY A 60 0.17 -1.15 5.77
C GLY A 60 1.36 -1.89 5.25
N TYR A 61 2.38 -2.03 6.10
CA TYR A 61 3.64 -2.68 5.76
C TYR A 61 4.41 -1.86 4.75
N LEU A 62 5.28 -1.04 5.25
CA LEU A 62 6.04 -0.17 4.43
C LEU A 62 7.50 -0.31 4.79
N LYS A 63 8.38 -0.03 3.86
CA LYS A 63 9.80 -0.07 4.14
C LYS A 63 10.18 1.24 4.82
N LYS A 64 11.45 1.52 4.95
CA LYS A 64 11.89 2.82 5.49
C LYS A 64 11.66 3.94 4.44
N LEU A 65 10.41 4.23 4.24
CA LEU A 65 9.91 5.19 3.30
C LEU A 65 8.92 6.08 4.02
N PRO A 66 8.81 7.35 3.62
CA PRO A 66 7.81 8.26 4.20
C PRO A 66 6.44 8.06 3.55
N VAL A 67 5.52 8.97 3.81
CA VAL A 67 4.24 8.92 3.15
C VAL A 67 4.41 9.68 1.82
N ASP A 68 3.41 9.70 0.95
CA ASP A 68 3.68 10.30 -0.34
C ASP A 68 3.19 11.74 -0.37
N PRO A 69 3.84 12.60 -1.20
CA PRO A 69 3.37 13.92 -1.56
C PRO A 69 1.87 14.02 -1.79
N TRP A 70 1.46 15.26 -1.95
CA TRP A 70 0.06 15.70 -2.03
C TRP A 70 -0.56 15.47 -0.64
N GLY A 71 0.33 15.26 0.32
CA GLY A 71 0.01 14.94 1.70
C GLY A 71 -0.93 13.76 1.87
N ASN A 72 -0.94 12.85 0.92
CA ASN A 72 -1.83 11.72 1.02
C ASN A 72 -1.17 10.53 1.67
N PRO A 73 -1.88 9.93 2.66
CA PRO A 73 -1.46 8.68 3.25
C PRO A 73 -1.65 7.58 2.25
N TYR A 74 -0.83 6.57 2.31
CA TYR A 74 -1.03 5.44 1.45
C TYR A 74 -2.27 4.72 1.90
N GLN A 75 -3.04 4.28 0.95
CA GLN A 75 -4.31 3.69 1.24
C GLN A 75 -4.13 2.20 1.14
N TYR A 76 -4.30 1.56 2.25
CA TYR A 76 -4.13 0.14 2.36
C TYR A 76 -5.46 -0.58 2.40
N LEU A 77 -5.65 -1.43 1.45
CA LEU A 77 -6.78 -2.33 1.41
C LEU A 77 -6.26 -3.73 1.18
N ALA A 78 -6.88 -4.68 1.78
CA ALA A 78 -6.44 -6.02 1.69
C ALA A 78 -7.48 -6.79 0.86
N PRO A 79 -7.36 -8.12 0.63
CA PRO A 79 -8.29 -8.82 -0.22
C PRO A 79 -9.70 -8.79 0.25
N GLY A 80 -10.52 -8.45 -0.68
CA GLY A 80 -11.91 -8.41 -0.44
C GLY A 80 -12.63 -9.31 -1.37
N THR A 81 -13.00 -8.77 -2.47
CA THR A 81 -13.69 -9.50 -3.47
C THR A 81 -12.71 -9.80 -4.59
N LYS A 82 -12.30 -11.06 -4.65
CA LYS A 82 -11.37 -11.69 -5.67
C LYS A 82 -9.95 -11.11 -5.69
N GLY A 83 -9.74 -9.96 -5.11
CA GLY A 83 -8.46 -9.33 -5.19
C GLY A 83 -7.63 -9.48 -3.99
N PRO A 84 -6.49 -10.24 -4.09
CA PRO A 84 -5.49 -10.48 -3.02
C PRO A 84 -5.04 -9.25 -2.22
N PHE A 85 -5.17 -8.06 -2.79
CA PHE A 85 -4.93 -6.79 -2.06
C PHE A 85 -5.16 -5.62 -2.97
N ASP A 86 -5.24 -4.43 -2.37
CA ASP A 86 -5.40 -3.17 -3.11
C ASP A 86 -4.53 -2.10 -2.46
N LEU A 87 -3.47 -1.70 -3.12
CA LEU A 87 -2.59 -0.72 -2.56
C LEU A 87 -2.45 0.47 -3.51
N TYR A 88 -2.64 1.68 -2.98
CA TYR A 88 -2.55 2.90 -3.79
C TYR A 88 -2.48 4.14 -2.89
N SER A 89 -2.05 5.24 -3.44
CA SER A 89 -2.08 6.52 -2.74
C SER A 89 -2.82 7.51 -3.64
N LEU A 90 -3.72 8.30 -3.07
CA LEU A 90 -4.45 9.32 -3.87
C LEU A 90 -3.50 10.36 -4.47
N GLY A 91 -3.69 10.64 -5.76
CA GLY A 91 -2.84 11.58 -6.46
C GLY A 91 -3.29 13.02 -6.31
N ALA A 92 -2.84 13.85 -7.23
CA ALA A 92 -3.04 15.29 -7.22
C ALA A 92 -4.50 15.74 -7.33
N ASP A 93 -5.41 14.83 -7.70
CA ASP A 93 -6.83 15.22 -7.80
C ASP A 93 -7.55 14.88 -6.50
N GLY A 94 -6.86 14.14 -5.64
CA GLY A 94 -7.44 13.74 -4.35
C GLY A 94 -8.58 12.75 -4.51
N LYS A 95 -8.66 12.15 -5.66
CA LYS A 95 -9.67 11.21 -5.97
C LYS A 95 -9.06 10.08 -6.76
N GLU A 96 -9.43 8.86 -6.46
CA GLU A 96 -8.95 7.74 -7.21
C GLU A 96 -9.66 7.68 -8.56
N GLY A 97 -8.90 7.90 -9.59
CA GLY A 97 -9.40 7.96 -10.95
C GLY A 97 -8.32 7.52 -11.88
N GLY A 98 -8.53 7.61 -13.18
CA GLY A 98 -7.47 7.24 -14.08
C GLY A 98 -6.88 8.46 -14.71
N SER A 99 -5.58 8.58 -14.59
CA SER A 99 -4.75 9.70 -15.01
C SER A 99 -3.31 9.37 -14.60
N ASP A 100 -2.37 10.24 -14.85
CA ASP A 100 -0.99 9.97 -14.49
C ASP A 100 -0.62 10.53 -13.12
N ASN A 101 -0.79 11.83 -12.91
CA ASN A 101 -0.43 12.44 -11.61
C ASN A 101 -1.67 12.82 -10.80
N ASP A 102 -2.77 13.02 -11.49
CA ASP A 102 -4.04 13.39 -10.82
C ASP A 102 -4.62 12.18 -10.18
N ALA A 103 -4.32 11.07 -10.77
CA ALA A 103 -4.80 9.80 -10.39
C ALA A 103 -4.03 9.26 -9.26
N ASP A 104 -4.64 8.35 -8.60
CA ASP A 104 -4.05 7.68 -7.51
C ASP A 104 -3.07 6.68 -8.08
N ILE A 105 -1.93 6.64 -7.49
CA ILE A 105 -0.90 5.75 -7.92
C ILE A 105 -0.89 4.51 -7.07
N GLY A 106 -0.90 3.38 -7.68
CA GLY A 106 -0.94 2.19 -6.94
C GLY A 106 -0.78 0.99 -7.78
N ASN A 107 -0.81 -0.13 -7.16
CA ASN A 107 -0.61 -1.40 -7.80
C ASN A 107 -1.11 -2.46 -6.86
N TRP A 108 -1.49 -3.56 -7.39
CA TRP A 108 -2.03 -4.63 -6.60
C TRP A 108 -2.06 -5.92 -7.36
N ASP A 109 -2.49 -6.94 -6.71
CA ASP A 109 -2.63 -8.22 -7.31
C ASP A 109 -4.09 -8.54 -7.25
N ASN A 110 -4.64 -8.85 -8.40
CA ASN A 110 -6.05 -9.14 -8.56
C ASN A 110 -6.21 -10.09 -9.69
#